data_1AG4
# 
_entry.id   1AG4 
# 
_audit_conform.dict_name       mmcif_pdbx.dic 
_audit_conform.dict_version    5.392 
_audit_conform.dict_location   http://mmcif.pdb.org/dictionaries/ascii/mmcif_pdbx.dic 
# 
loop_
_database_2.database_id 
_database_2.database_code 
_database_2.pdbx_database_accession 
_database_2.pdbx_DOI 
PDB   1AG4         pdb_00001ag4 10.2210/pdb1ag4/pdb 
WWPDB D_1000170773 ?            ?                   
# 
loop_
_pdbx_audit_revision_history.ordinal 
_pdbx_audit_revision_history.data_content_type 
_pdbx_audit_revision_history.major_revision 
_pdbx_audit_revision_history.minor_revision 
_pdbx_audit_revision_history.revision_date 
1 'Structure model' 1 0 1998-04-08 
2 'Structure model' 1 1 2008-03-24 
3 'Structure model' 1 2 2011-07-13 
4 'Structure model' 1 3 2022-02-16 
5 'Structure model' 1 4 2024-05-22 
# 
_pdbx_audit_revision_details.ordinal             1 
_pdbx_audit_revision_details.revision_ordinal    1 
_pdbx_audit_revision_details.data_content_type   'Structure model' 
_pdbx_audit_revision_details.provider            repository 
_pdbx_audit_revision_details.type                'Initial release' 
_pdbx_audit_revision_details.description         ? 
_pdbx_audit_revision_details.details             ? 
# 
loop_
_pdbx_audit_revision_group.ordinal 
_pdbx_audit_revision_group.revision_ordinal 
_pdbx_audit_revision_group.data_content_type 
_pdbx_audit_revision_group.group 
1 2 'Structure model' 'Version format compliance' 
2 3 'Structure model' 'Version format compliance' 
3 4 'Structure model' 'Database references'       
4 4 'Structure model' 'Derived calculations'      
5 4 'Structure model' Other                       
6 5 'Structure model' 'Data collection'           
# 
loop_
_pdbx_audit_revision_category.ordinal 
_pdbx_audit_revision_category.revision_ordinal 
_pdbx_audit_revision_category.data_content_type 
_pdbx_audit_revision_category.category 
1 4 'Structure model' database_2            
2 4 'Structure model' pdbx_database_status  
3 4 'Structure model' pdbx_struct_assembly  
4 4 'Structure model' pdbx_struct_oper_list 
5 5 'Structure model' chem_comp_atom        
6 5 'Structure model' chem_comp_bond        
# 
loop_
_pdbx_audit_revision_item.ordinal 
_pdbx_audit_revision_item.revision_ordinal 
_pdbx_audit_revision_item.data_content_type 
_pdbx_audit_revision_item.item 
1 4 'Structure model' '_database_2.pdbx_DOI'                
2 4 'Structure model' '_database_2.pdbx_database_accession' 
3 4 'Structure model' '_pdbx_database_status.process_site'  
# 
_pdbx_database_status.status_code                     REL 
_pdbx_database_status.entry_id                        1AG4 
_pdbx_database_status.recvd_initial_deposition_date   1997-04-01 
_pdbx_database_status.deposit_site                    ? 
_pdbx_database_status.process_site                    BNL 
_pdbx_database_status.SG_entry                        . 
_pdbx_database_status.pdb_format_compatible           Y 
_pdbx_database_status.status_code_mr                  ? 
_pdbx_database_status.status_code_sf                  ? 
_pdbx_database_status.status_code_cs                  ? 
_pdbx_database_status.status_code_nmr_data            ? 
_pdbx_database_status.methods_development_category    ? 
# 
loop_
_audit_author.name 
_audit_author.pdbx_ordinal 
'Rosinke, B.'  1 
'Renner, C.'   2 
'Mayr, E.-M.'  3 
'Jaenicke, R.' 4 
'Holak, T.A.'  5 
# 
_citation.id                        primary 
_citation.title                     
'Ca2+-loaded spherulin 3a from Physarum polycephalum adopts the prototype gamma-crystallin fold in aqueous solution.' 
_citation.journal_abbrev            J.Mol.Biol. 
_citation.journal_volume            271 
_citation.page_first                645 
_citation.page_last                 655 
_citation.year                      1997 
_citation.journal_id_ASTM           JMOBAK 
_citation.country                   UK 
_citation.journal_id_ISSN           0022-2836 
_citation.journal_id_CSD            0070 
_citation.book_publisher            ? 
_citation.pdbx_database_id_PubMed   9281431 
_citation.pdbx_database_id_DOI      10.1006/jmbi.1997.1184 
# 
loop_
_citation_author.citation_id 
_citation_author.name 
_citation_author.ordinal 
_citation_author.identifier_ORCID 
primary 'Rosinke, B.'  1 ? 
primary 'Renner, C.'   2 ? 
primary 'Mayr, E.M.'   3 ? 
primary 'Jaenicke, R.' 4 ? 
primary 'Holak, T.A.'  5 ? 
# 
_entity.id                         1 
_entity.type                       polymer 
_entity.src_method                 man 
_entity.pdbx_description           'SPHERULIN 3A' 
_entity.formula_weight             11296.600 
_entity.pdbx_number_of_molecules   1 
_entity.pdbx_ec                    ? 
_entity.pdbx_mutation              ? 
_entity.pdbx_fragment              ? 
_entity.details                    'REDUCED FORM OF S3A, WITH CALCIUM' 
# 
_entity_name_com.entity_id   1 
_entity_name_com.name        S3A 
# 
_entity_poly.entity_id                      1 
_entity_poly.type                           'polypeptide(L)' 
_entity_poly.nstd_linkage                   no 
_entity_poly.nstd_monomer                   no 
_entity_poly.pdbx_seq_one_letter_code       
;MSVCKGVSGNPAKGEVFLYKHVNFQGDSWKVTGNVYDFRSVSGLNDVVSSVKVGPNTKAFIFKDDRFNGNFIRLEESSQV
TDLTTRNLNDAISSIIVATFESA
;
_entity_poly.pdbx_seq_one_letter_code_can   
;MSVCKGVSGNPAKGEVFLYKHVNFQGDSWKVTGNVYDFRSVSGLNDVVSSVKVGPNTKAFIFKDDRFNGNFIRLEESSQV
TDLTTRNLNDAISSIIVATFESA
;
_entity_poly.pdbx_strand_id                 A 
_entity_poly.pdbx_target_identifier         ? 
# 
loop_
_entity_poly_seq.entity_id 
_entity_poly_seq.num 
_entity_poly_seq.mon_id 
_entity_poly_seq.hetero 
1 1   MET n 
1 2   SER n 
1 3   VAL n 
1 4   CYS n 
1 5   LYS n 
1 6   GLY n 
1 7   VAL n 
1 8   SER n 
1 9   GLY n 
1 10  ASN n 
1 11  PRO n 
1 12  ALA n 
1 13  LYS n 
1 14  GLY n 
1 15  GLU n 
1 16  VAL n 
1 17  PHE n 
1 18  LEU n 
1 19  TYR n 
1 20  LYS n 
1 21  HIS n 
1 22  VAL n 
1 23  ASN n 
1 24  PHE n 
1 25  GLN n 
1 26  GLY n 
1 27  ASP n 
1 28  SER n 
1 29  TRP n 
1 30  LYS n 
1 31  VAL n 
1 32  THR n 
1 33  GLY n 
1 34  ASN n 
1 35  VAL n 
1 36  TYR n 
1 37  ASP n 
1 38  PHE n 
1 39  ARG n 
1 40  SER n 
1 41  VAL n 
1 42  SER n 
1 43  GLY n 
1 44  LEU n 
1 45  ASN n 
1 46  ASP n 
1 47  VAL n 
1 48  VAL n 
1 49  SER n 
1 50  SER n 
1 51  VAL n 
1 52  LYS n 
1 53  VAL n 
1 54  GLY n 
1 55  PRO n 
1 56  ASN n 
1 57  THR n 
1 58  LYS n 
1 59  ALA n 
1 60  PHE n 
1 61  ILE n 
1 62  PHE n 
1 63  LYS n 
1 64  ASP n 
1 65  ASP n 
1 66  ARG n 
1 67  PHE n 
1 68  ASN n 
1 69  GLY n 
1 70  ASN n 
1 71  PHE n 
1 72  ILE n 
1 73  ARG n 
1 74  LEU n 
1 75  GLU n 
1 76  GLU n 
1 77  SER n 
1 78  SER n 
1 79  GLN n 
1 80  VAL n 
1 81  THR n 
1 82  ASP n 
1 83  LEU n 
1 84  THR n 
1 85  THR n 
1 86  ARG n 
1 87  ASN n 
1 88  LEU n 
1 89  ASN n 
1 90  ASP n 
1 91  ALA n 
1 92  ILE n 
1 93  SER n 
1 94  SER n 
1 95  ILE n 
1 96  ILE n 
1 97  VAL n 
1 98  ALA n 
1 99  THR n 
1 100 PHE n 
1 101 GLU n 
1 102 SER n 
1 103 ALA n 
# 
_entity_src_gen.entity_id                          1 
_entity_src_gen.pdbx_src_id                        1 
_entity_src_gen.pdbx_alt_source_flag               sample 
_entity_src_gen.pdbx_seq_type                      ? 
_entity_src_gen.pdbx_beg_seq_num                   ? 
_entity_src_gen.pdbx_end_seq_num                   ? 
_entity_src_gen.gene_src_common_name               ? 
_entity_src_gen.gene_src_genus                     Physarum 
_entity_src_gen.pdbx_gene_src_gene                 ? 
_entity_src_gen.gene_src_species                   ? 
_entity_src_gen.gene_src_strain                    ? 
_entity_src_gen.gene_src_tissue                    ? 
_entity_src_gen.gene_src_tissue_fraction           ? 
_entity_src_gen.gene_src_details                   ? 
_entity_src_gen.pdbx_gene_src_fragment             ? 
_entity_src_gen.pdbx_gene_src_scientific_name      'Physarum polycephalum' 
_entity_src_gen.pdbx_gene_src_ncbi_taxonomy_id     5791 
_entity_src_gen.pdbx_gene_src_variant              ? 
_entity_src_gen.pdbx_gene_src_cell_line            ? 
_entity_src_gen.pdbx_gene_src_atcc                 ? 
_entity_src_gen.pdbx_gene_src_organ                ? 
_entity_src_gen.pdbx_gene_src_organelle            ? 
_entity_src_gen.pdbx_gene_src_cell                 ? 
_entity_src_gen.pdbx_gene_src_cellular_location    CYTOPLASM 
_entity_src_gen.host_org_common_name               ? 
_entity_src_gen.pdbx_host_org_scientific_name      'Escherichia coli BL21' 
_entity_src_gen.pdbx_host_org_ncbi_taxonomy_id     511693 
_entity_src_gen.host_org_genus                     Escherichia 
_entity_src_gen.pdbx_host_org_gene                 ? 
_entity_src_gen.pdbx_host_org_organ                ? 
_entity_src_gen.host_org_species                   'Escherichia coli' 
_entity_src_gen.pdbx_host_org_tissue               ? 
_entity_src_gen.pdbx_host_org_tissue_fraction      ? 
_entity_src_gen.pdbx_host_org_strain               BL21 
_entity_src_gen.pdbx_host_org_variant              ? 
_entity_src_gen.pdbx_host_org_cell_line            ? 
_entity_src_gen.pdbx_host_org_atcc                 ? 
_entity_src_gen.pdbx_host_org_culture_collection   ? 
_entity_src_gen.pdbx_host_org_cell                 ? 
_entity_src_gen.pdbx_host_org_organelle            ? 
_entity_src_gen.pdbx_host_org_cellular_location    CYTOPLASM 
_entity_src_gen.pdbx_host_org_vector_type          ? 
_entity_src_gen.pdbx_host_org_vector               ? 
_entity_src_gen.host_org_details                   ? 
_entity_src_gen.expression_system_id               ? 
_entity_src_gen.plasmid_name                       ? 
_entity_src_gen.plasmid_details                    ? 
_entity_src_gen.pdbx_description                   ? 
# 
loop_
_chem_comp.id 
_chem_comp.type 
_chem_comp.mon_nstd_flag 
_chem_comp.name 
_chem_comp.pdbx_synonyms 
_chem_comp.formula 
_chem_comp.formula_weight 
ALA 'L-peptide linking' y ALANINE         ? 'C3 H7 N O2'     89.093  
ARG 'L-peptide linking' y ARGININE        ? 'C6 H15 N4 O2 1' 175.209 
ASN 'L-peptide linking' y ASPARAGINE      ? 'C4 H8 N2 O3'    132.118 
ASP 'L-peptide linking' y 'ASPARTIC ACID' ? 'C4 H7 N O4'     133.103 
CYS 'L-peptide linking' y CYSTEINE        ? 'C3 H7 N O2 S'   121.158 
GLN 'L-peptide linking' y GLUTAMINE       ? 'C5 H10 N2 O3'   146.144 
GLU 'L-peptide linking' y 'GLUTAMIC ACID' ? 'C5 H9 N O4'     147.129 
GLY 'peptide linking'   y GLYCINE         ? 'C2 H5 N O2'     75.067  
HIS 'L-peptide linking' y HISTIDINE       ? 'C6 H10 N3 O2 1' 156.162 
ILE 'L-peptide linking' y ISOLEUCINE      ? 'C6 H13 N O2'    131.173 
LEU 'L-peptide linking' y LEUCINE         ? 'C6 H13 N O2'    131.173 
LYS 'L-peptide linking' y LYSINE          ? 'C6 H15 N2 O2 1' 147.195 
MET 'L-peptide linking' y METHIONINE      ? 'C5 H11 N O2 S'  149.211 
PHE 'L-peptide linking' y PHENYLALANINE   ? 'C9 H11 N O2'    165.189 
PRO 'L-peptide linking' y PROLINE         ? 'C5 H9 N O2'     115.130 
SER 'L-peptide linking' y SERINE          ? 'C3 H7 N O3'     105.093 
THR 'L-peptide linking' y THREONINE       ? 'C4 H9 N O3'     119.119 
TRP 'L-peptide linking' y TRYPTOPHAN      ? 'C11 H12 N2 O2'  204.225 
TYR 'L-peptide linking' y TYROSINE        ? 'C9 H11 N O3'    181.189 
VAL 'L-peptide linking' y VALINE          ? 'C5 H11 N O2'    117.146 
# 
loop_
_pdbx_poly_seq_scheme.asym_id 
_pdbx_poly_seq_scheme.entity_id 
_pdbx_poly_seq_scheme.seq_id 
_pdbx_poly_seq_scheme.mon_id 
_pdbx_poly_seq_scheme.ndb_seq_num 
_pdbx_poly_seq_scheme.pdb_seq_num 
_pdbx_poly_seq_scheme.auth_seq_num 
_pdbx_poly_seq_scheme.pdb_mon_id 
_pdbx_poly_seq_scheme.auth_mon_id 
_pdbx_poly_seq_scheme.pdb_strand_id 
_pdbx_poly_seq_scheme.pdb_ins_code 
_pdbx_poly_seq_scheme.hetero 
A 1 1   MET 1   1   1   MET MET A . n 
A 1 2   SER 2   2   2   SER SER A . n 
A 1 3   VAL 3   3   3   VAL VAL A . n 
A 1 4   CYS 4   4   4   CYS CYS A . n 
A 1 5   LYS 5   5   5   LYS LYS A . n 
A 1 6   GLY 6   6   6   GLY GLY A . n 
A 1 7   VAL 7   7   7   VAL VAL A . n 
A 1 8   SER 8   8   8   SER SER A . n 
A 1 9   GLY 9   9   9   GLY GLY A . n 
A 1 10  ASN 10  10  10  ASN ASN A . n 
A 1 11  PRO 11  11  11  PRO PRO A . n 
A 1 12  ALA 12  12  12  ALA ALA A . n 
A 1 13  LYS 13  13  13  LYS LYS A . n 
A 1 14  GLY 14  14  14  GLY GLY A . n 
A 1 15  GLU 15  15  15  GLU GLU A . n 
A 1 16  VAL 16  16  16  VAL VAL A . n 
A 1 17  PHE 17  17  17  PHE PHE A . n 
A 1 18  LEU 18  18  18  LEU LEU A . n 
A 1 19  TYR 19  19  19  TYR TYR A . n 
A 1 20  LYS 20  20  20  LYS LYS A . n 
A 1 21  HIS 21  21  21  HIS HIS A . n 
A 1 22  VAL 22  22  22  VAL VAL A . n 
A 1 23  ASN 23  23  23  ASN ASN A . n 
A 1 24  PHE 24  24  24  PHE PHE A . n 
A 1 25  GLN 25  25  25  GLN GLN A . n 
A 1 26  GLY 26  26  26  GLY GLY A . n 
A 1 27  ASP 27  27  27  ASP ASP A . n 
A 1 28  SER 28  28  28  SER SER A . n 
A 1 29  TRP 29  29  29  TRP TRP A . n 
A 1 30  LYS 30  30  30  LYS LYS A . n 
A 1 31  VAL 31  31  31  VAL VAL A . n 
A 1 32  THR 32  32  32  THR THR A . n 
A 1 33  GLY 33  33  33  GLY GLY A . n 
A 1 34  ASN 34  34  34  ASN ASN A . n 
A 1 35  VAL 35  35  35  VAL VAL A . n 
A 1 36  TYR 36  36  36  TYR TYR A . n 
A 1 37  ASP 37  37  37  ASP ASP A . n 
A 1 38  PHE 38  38  38  PHE PHE A . n 
A 1 39  ARG 39  39  39  ARG ARG A . n 
A 1 40  SER 40  40  40  SER SER A . n 
A 1 41  VAL 41  41  41  VAL VAL A . n 
A 1 42  SER 42  42  42  SER SER A . n 
A 1 43  GLY 43  43  43  GLY GLY A . n 
A 1 44  LEU 44  44  44  LEU LEU A . n 
A 1 45  ASN 45  45  45  ASN ASN A . n 
A 1 46  ASP 46  46  46  ASP ASP A . n 
A 1 47  VAL 47  47  47  VAL VAL A . n 
A 1 48  VAL 48  48  48  VAL VAL A . n 
A 1 49  SER 49  49  49  SER SER A . n 
A 1 50  SER 50  50  50  SER SER A . n 
A 1 51  VAL 51  51  51  VAL VAL A . n 
A 1 52  LYS 52  52  52  LYS LYS A . n 
A 1 53  VAL 53  53  53  VAL VAL A . n 
A 1 54  GLY 54  54  54  GLY GLY A . n 
A 1 55  PRO 55  55  55  PRO PRO A . n 
A 1 56  ASN 56  56  56  ASN ASN A . n 
A 1 57  THR 57  57  57  THR THR A . n 
A 1 58  LYS 58  58  58  LYS LYS A . n 
A 1 59  ALA 59  59  59  ALA ALA A . n 
A 1 60  PHE 60  60  60  PHE PHE A . n 
A 1 61  ILE 61  61  61  ILE ILE A . n 
A 1 62  PHE 62  62  62  PHE PHE A . n 
A 1 63  LYS 63  63  63  LYS LYS A . n 
A 1 64  ASP 64  64  64  ASP ASP A . n 
A 1 65  ASP 65  65  65  ASP ASP A . n 
A 1 66  ARG 66  66  66  ARG ARG A . n 
A 1 67  PHE 67  67  67  PHE PHE A . n 
A 1 68  ASN 68  68  68  ASN ASN A . n 
A 1 69  GLY 69  69  69  GLY GLY A . n 
A 1 70  ASN 70  70  70  ASN ASN A . n 
A 1 71  PHE 71  71  71  PHE PHE A . n 
A 1 72  ILE 72  72  72  ILE ILE A . n 
A 1 73  ARG 73  73  73  ARG ARG A . n 
A 1 74  LEU 74  74  74  LEU LEU A . n 
A 1 75  GLU 75  75  75  GLU GLU A . n 
A 1 76  GLU 76  76  76  GLU GLU A . n 
A 1 77  SER 77  77  77  SER SER A . n 
A 1 78  SER 78  78  78  SER SER A . n 
A 1 79  GLN 79  79  79  GLN GLN A . n 
A 1 80  VAL 80  80  80  VAL VAL A . n 
A 1 81  THR 81  81  81  THR THR A . n 
A 1 82  ASP 82  82  82  ASP ASP A . n 
A 1 83  LEU 83  83  83  LEU LEU A . n 
A 1 84  THR 84  84  84  THR THR A . n 
A 1 85  THR 85  85  85  THR THR A . n 
A 1 86  ARG 86  86  86  ARG ARG A . n 
A 1 87  ASN 87  87  87  ASN ASN A . n 
A 1 88  LEU 88  88  88  LEU LEU A . n 
A 1 89  ASN 89  89  89  ASN ASN A . n 
A 1 90  ASP 90  90  90  ASP ASP A . n 
A 1 91  ALA 91  91  91  ALA ALA A . n 
A 1 92  ILE 92  92  92  ILE ILE A . n 
A 1 93  SER 93  93  93  SER SER A . n 
A 1 94  SER 94  94  94  SER SER A . n 
A 1 95  ILE 95  95  95  ILE ILE A . n 
A 1 96  ILE 96  96  96  ILE ILE A . n 
A 1 97  VAL 97  97  97  VAL VAL A . n 
A 1 98  ALA 98  98  98  ALA ALA A . n 
A 1 99  THR 99  99  99  THR THR A . n 
A 1 100 PHE 100 100 100 PHE PHE A . n 
A 1 101 GLU 101 101 101 GLU GLU A . n 
A 1 102 SER 102 102 102 SER SER A . n 
A 1 103 ALA 103 103 103 ALA ALA A . n 
# 
loop_
_software.name 
_software.classification 
_software.version 
_software.citation_id 
_software.pdbx_ordinal 
X-PLOR 'model building' 3.1 ? 1 
X-PLOR refinement       3.1 ? 2 
X-PLOR phasing          3.1 ? 3 
# 
_cell.entry_id           1AG4 
_cell.length_a           1.000 
_cell.length_b           1.000 
_cell.length_c           1.000 
_cell.angle_alpha        90.00 
_cell.angle_beta         90.00 
_cell.angle_gamma        90.00 
_cell.Z_PDB              1 
_cell.pdbx_unique_axis   ? 
# 
_symmetry.entry_id                         1AG4 
_symmetry.space_group_name_H-M             'P 1' 
_symmetry.pdbx_full_space_group_name_H-M   ? 
_symmetry.cell_setting                     ? 
_symmetry.Int_Tables_number                1 
# 
_exptl.entry_id          1AG4 
_exptl.method            'SOLUTION NMR' 
_exptl.crystals_number   ? 
# 
_struct.entry_id                  1AG4 
_struct.title                     'NMR STRUCTURE OF SPHERULIN 3A (S3A) FROM PHYSARUM POLYCEPHALUM, MINIMIZED AVERAGE STRUCTURE' 
_struct.pdbx_model_details        ? 
_struct.pdbx_CASP_flag            ? 
_struct.pdbx_model_type_details   ? 
# 
_struct_keywords.entry_id        1AG4 
_struct_keywords.pdbx_keywords   'STRUCTURAL PROTEIN' 
_struct_keywords.text            'STRUCTURAL PROTEIN, SPHERULATION-SPECIFIC PROTEIN' 
# 
_struct_asym.id                            A 
_struct_asym.pdbx_blank_PDB_chainid_flag   Y 
_struct_asym.pdbx_modified                 N 
_struct_asym.entity_id                     1 
_struct_asym.details                       ? 
# 
_struct_ref.id                         1 
_struct_ref.db_name                    UNP 
_struct_ref.db_code                    SR3A_PHYPO 
_struct_ref.entity_id                  1 
_struct_ref.pdbx_db_accession          P09353 
_struct_ref.pdbx_align_begin           1 
_struct_ref.pdbx_seq_one_letter_code   
;MSVCKGVSGNPAKGEVFLYKHVNFQGDSWKVTGNVYDFRSVSGLNDVVSSVKVGPNTKAFIFKDDRFNGNFIRLEESSQV
TDLTTRNLNDAISSIIVATFESA
;
_struct_ref.pdbx_db_isoform            ? 
# 
_struct_ref_seq.align_id                      1 
_struct_ref_seq.ref_id                        1 
_struct_ref_seq.pdbx_PDB_id_code              1AG4 
_struct_ref_seq.pdbx_strand_id                A 
_struct_ref_seq.seq_align_beg                 1 
_struct_ref_seq.pdbx_seq_align_beg_ins_code   ? 
_struct_ref_seq.seq_align_end                 103 
_struct_ref_seq.pdbx_seq_align_end_ins_code   ? 
_struct_ref_seq.pdbx_db_accession             P09353 
_struct_ref_seq.db_align_beg                  1 
_struct_ref_seq.pdbx_db_align_beg_ins_code    ? 
_struct_ref_seq.db_align_end                  103 
_struct_ref_seq.pdbx_db_align_end_ins_code    ? 
_struct_ref_seq.pdbx_auth_seq_align_beg       1 
_struct_ref_seq.pdbx_auth_seq_align_end       103 
# 
_pdbx_struct_assembly.id                   1 
_pdbx_struct_assembly.details              author_defined_assembly 
_pdbx_struct_assembly.method_details       ? 
_pdbx_struct_assembly.oligomeric_details   monomeric 
_pdbx_struct_assembly.oligomeric_count     1 
# 
_pdbx_struct_assembly_gen.assembly_id       1 
_pdbx_struct_assembly_gen.oper_expression   1 
_pdbx_struct_assembly_gen.asym_id_list      A 
# 
_pdbx_struct_oper_list.id                   1 
_pdbx_struct_oper_list.type                 'identity operation' 
_pdbx_struct_oper_list.name                 1_555 
_pdbx_struct_oper_list.symmetry_operation   x,y,z 
_pdbx_struct_oper_list.matrix[1][1]         1.0000000000 
_pdbx_struct_oper_list.matrix[1][2]         0.0000000000 
_pdbx_struct_oper_list.matrix[1][3]         0.0000000000 
_pdbx_struct_oper_list.vector[1]            0.0000000000 
_pdbx_struct_oper_list.matrix[2][1]         0.0000000000 
_pdbx_struct_oper_list.matrix[2][2]         1.0000000000 
_pdbx_struct_oper_list.matrix[2][3]         0.0000000000 
_pdbx_struct_oper_list.vector[2]            0.0000000000 
_pdbx_struct_oper_list.matrix[3][1]         0.0000000000 
_pdbx_struct_oper_list.matrix[3][2]         0.0000000000 
_pdbx_struct_oper_list.matrix[3][3]         1.0000000000 
_pdbx_struct_oper_list.vector[3]            0.0000000000 
# 
_struct_biol.id   1 
# 
_struct_conf.conf_type_id            HELX_P 
_struct_conf.id                      HELX_P1 
_struct_conf.pdbx_PDB_helix_id       1 
_struct_conf.beg_label_comp_id       THR 
_struct_conf.beg_label_asym_id       A 
_struct_conf.beg_label_seq_id        84 
_struct_conf.pdbx_beg_PDB_ins_code   ? 
_struct_conf.end_label_comp_id       LEU 
_struct_conf.end_label_asym_id       A 
_struct_conf.end_label_seq_id        88 
_struct_conf.pdbx_end_PDB_ins_code   ? 
_struct_conf.beg_auth_comp_id        THR 
_struct_conf.beg_auth_asym_id        A 
_struct_conf.beg_auth_seq_id         84 
_struct_conf.end_auth_comp_id        LEU 
_struct_conf.end_auth_asym_id        A 
_struct_conf.end_auth_seq_id         88 
_struct_conf.pdbx_PDB_helix_class    1 
_struct_conf.details                 ? 
_struct_conf.pdbx_PDB_helix_length   5 
# 
_struct_conf_type.id          HELX_P 
_struct_conf_type.criteria    ? 
_struct_conf_type.reference   ? 
# 
loop_
_struct_sheet.id 
_struct_sheet.type 
_struct_sheet.number_strands 
_struct_sheet.details 
A ? 5 ? 
B ? 4 ? 
# 
loop_
_struct_sheet_order.sheet_id 
_struct_sheet_order.range_id_1 
_struct_sheet_order.range_id_2 
_struct_sheet_order.offset 
_struct_sheet_order.sense 
A 1 2 ? anti-parallel 
A 2 3 ? anti-parallel 
A 3 4 ? anti-parallel 
A 4 5 ? anti-parallel 
B 1 2 ? anti-parallel 
B 2 3 ? anti-parallel 
B 3 4 ? anti-parallel 
# 
loop_
_struct_sheet_range.sheet_id 
_struct_sheet_range.id 
_struct_sheet_range.beg_label_comp_id 
_struct_sheet_range.beg_label_asym_id 
_struct_sheet_range.beg_label_seq_id 
_struct_sheet_range.pdbx_beg_PDB_ins_code 
_struct_sheet_range.end_label_comp_id 
_struct_sheet_range.end_label_asym_id 
_struct_sheet_range.end_label_seq_id 
_struct_sheet_range.pdbx_end_PDB_ins_code 
_struct_sheet_range.beg_auth_comp_id 
_struct_sheet_range.beg_auth_asym_id 
_struct_sheet_range.beg_auth_seq_id 
_struct_sheet_range.end_auth_comp_id 
_struct_sheet_range.end_auth_asym_id 
_struct_sheet_range.end_auth_seq_id 
A 1 CYS A 4  ? GLY A 6  ? CYS A 4  GLY A 6  
A 2 ASP A 27 ? VAL A 31 ? ASP A 27 VAL A 31 
A 3 VAL A 16 ? LYS A 20 ? VAL A 16 LYS A 20 
A 4 SER A 50 ? GLY A 54 ? SER A 50 GLY A 54 
A 5 SER A 78 ? THR A 81 ? SER A 78 THR A 81 
B 1 GLY A 33 ? ASP A 37 ? GLY A 33 ASP A 37 
B 2 SER A 94 ? THR A 99 ? SER A 94 THR A 99 
B 3 LYS A 58 ? LYS A 63 ? LYS A 58 LYS A 63 
B 4 ASN A 70 ? GLU A 76 ? ASN A 70 GLU A 76 
# 
loop_
_pdbx_struct_sheet_hbond.sheet_id 
_pdbx_struct_sheet_hbond.range_id_1 
_pdbx_struct_sheet_hbond.range_id_2 
_pdbx_struct_sheet_hbond.range_1_label_atom_id 
_pdbx_struct_sheet_hbond.range_1_label_comp_id 
_pdbx_struct_sheet_hbond.range_1_label_asym_id 
_pdbx_struct_sheet_hbond.range_1_label_seq_id 
_pdbx_struct_sheet_hbond.range_1_PDB_ins_code 
_pdbx_struct_sheet_hbond.range_1_auth_atom_id 
_pdbx_struct_sheet_hbond.range_1_auth_comp_id 
_pdbx_struct_sheet_hbond.range_1_auth_asym_id 
_pdbx_struct_sheet_hbond.range_1_auth_seq_id 
_pdbx_struct_sheet_hbond.range_2_label_atom_id 
_pdbx_struct_sheet_hbond.range_2_label_comp_id 
_pdbx_struct_sheet_hbond.range_2_label_asym_id 
_pdbx_struct_sheet_hbond.range_2_label_seq_id 
_pdbx_struct_sheet_hbond.range_2_PDB_ins_code 
_pdbx_struct_sheet_hbond.range_2_auth_atom_id 
_pdbx_struct_sheet_hbond.range_2_auth_comp_id 
_pdbx_struct_sheet_hbond.range_2_auth_asym_id 
_pdbx_struct_sheet_hbond.range_2_auth_seq_id 
A 1 2 O CYS A 4  ? O CYS A 4  N LYS A 30 ? N LYS A 30 
A 2 3 O TRP A 29 ? O TRP A 29 N LEU A 18 ? N LEU A 18 
A 3 4 O PHE A 17 ? O PHE A 17 N LYS A 52 ? N LYS A 52 
A 4 5 O VAL A 51 ? O VAL A 51 N VAL A 80 ? N VAL A 80 
B 1 2 O VAL A 35 ? O VAL A 35 N ILE A 95 ? N ILE A 95 
B 2 3 O SER A 94 ? O SER A 94 N PHE A 62 ? N PHE A 62 
B 3 4 O ALA A 59 ? O ALA A 59 N LEU A 74 ? N LEU A 74 
# 
loop_
_pdbx_validate_rmsd_angle.id 
_pdbx_validate_rmsd_angle.PDB_model_num 
_pdbx_validate_rmsd_angle.auth_atom_id_1 
_pdbx_validate_rmsd_angle.auth_asym_id_1 
_pdbx_validate_rmsd_angle.auth_comp_id_1 
_pdbx_validate_rmsd_angle.auth_seq_id_1 
_pdbx_validate_rmsd_angle.PDB_ins_code_1 
_pdbx_validate_rmsd_angle.label_alt_id_1 
_pdbx_validate_rmsd_angle.auth_atom_id_2 
_pdbx_validate_rmsd_angle.auth_asym_id_2 
_pdbx_validate_rmsd_angle.auth_comp_id_2 
_pdbx_validate_rmsd_angle.auth_seq_id_2 
_pdbx_validate_rmsd_angle.PDB_ins_code_2 
_pdbx_validate_rmsd_angle.label_alt_id_2 
_pdbx_validate_rmsd_angle.auth_atom_id_3 
_pdbx_validate_rmsd_angle.auth_asym_id_3 
_pdbx_validate_rmsd_angle.auth_comp_id_3 
_pdbx_validate_rmsd_angle.auth_seq_id_3 
_pdbx_validate_rmsd_angle.PDB_ins_code_3 
_pdbx_validate_rmsd_angle.label_alt_id_3 
_pdbx_validate_rmsd_angle.angle_value 
_pdbx_validate_rmsd_angle.angle_target_value 
_pdbx_validate_rmsd_angle.angle_deviation 
_pdbx_validate_rmsd_angle.angle_standard_deviation 
_pdbx_validate_rmsd_angle.linker_flag 
1 1 CB  A PHE 60 ? ? CG  A PHE 60 ? ? CD2 A PHE 60 ? ? 109.17 120.80 -11.63 0.70 N 
2 1 CD1 A PHE 60 ? ? CG  A PHE 60 ? ? CD2 A PHE 60 ? ? 52.13  118.30 -66.17 1.30 N 
3 1 CB  A PHE 60 ? ? CG  A PHE 60 ? ? CD1 A PHE 60 ? ? 138.01 120.80 17.21  0.70 N 
4 1 CG  A PHE 60 ? ? CD1 A PHE 60 ? ? CE1 A PHE 60 ? ? 74.20  120.80 -46.60 1.10 N 
5 1 CG  A PHE 60 ? ? CD2 A PHE 60 ? ? CE2 A PHE 60 ? ? 71.75  120.80 -49.05 1.10 N 
6 1 CD1 A PHE 60 ? ? CE1 A PHE 60 ? ? CZ  A PHE 60 ? ? 71.36  120.10 -48.74 1.20 N 
7 1 CE1 A PHE 60 ? ? CZ  A PHE 60 ? ? CE2 A PHE 60 ? ? 51.57  120.00 -68.43 1.80 N 
8 1 CZ  A PHE 60 ? ? CE2 A PHE 60 ? ? CD2 A PHE 60 ? ? 74.36  120.10 -45.74 1.20 N 
# 
loop_
_pdbx_validate_torsion.id 
_pdbx_validate_torsion.PDB_model_num 
_pdbx_validate_torsion.auth_comp_id 
_pdbx_validate_torsion.auth_asym_id 
_pdbx_validate_torsion.auth_seq_id 
_pdbx_validate_torsion.PDB_ins_code 
_pdbx_validate_torsion.label_alt_id 
_pdbx_validate_torsion.phi 
_pdbx_validate_torsion.psi 
1  1 SER A 8  ? ? -111.22 -156.18 
2  1 LYS A 13 ? ? 43.44   91.73   
3  1 HIS A 21 ? ? 64.09   166.35  
4  1 PHE A 24 ? ? 35.55   49.29   
5  1 GLN A 25 ? ? -108.04 71.95   
6  1 ASP A 37 ? ? 48.50   96.93   
7  1 PHE A 38 ? ? -106.63 46.63   
8  1 SER A 40 ? ? -112.01 59.24   
9  1 SER A 42 ? ? 65.39   79.34   
10 1 LEU A 44 ? ? 178.61  -45.61  
11 1 ASP A 46 ? ? 82.60   -45.43  
12 1 VAL A 48 ? ? -160.40 102.99  
13 1 SER A 49 ? ? -139.34 -60.36  
14 1 ASN A 56 ? ? 43.63   26.86   
15 1 ASP A 64 ? ? 72.25   166.07  
16 1 GLU A 76 ? ? 47.59   179.98  
17 1 SER A 77 ? ? -62.91  -173.18 
18 1 ASN A 87 ? ? 172.20  66.11   
19 1 LEU A 88 ? ? 57.67   116.08  
20 1 ASN A 89 ? ? -45.88  162.33  
21 1 ASP A 90 ? ? 61.65   134.61  
22 1 ALA A 91 ? ? 75.91   35.79   
23 1 ILE A 92 ? ? -45.48  -90.91  
24 1 SER A 93 ? ? 174.69  -83.33  
# 
loop_
_pdbx_validate_planes.id 
_pdbx_validate_planes.PDB_model_num 
_pdbx_validate_planes.auth_comp_id 
_pdbx_validate_planes.auth_asym_id 
_pdbx_validate_planes.auth_seq_id 
_pdbx_validate_planes.PDB_ins_code 
_pdbx_validate_planes.label_alt_id 
_pdbx_validate_planes.rmsd 
_pdbx_validate_planes.type 
1 1 ARG A 39 ? ? 0.300 'SIDE CHAIN' 
2 1 PHE A 60 ? ? 0.456 'SIDE CHAIN' 
3 1 ARG A 66 ? ? 0.142 'SIDE CHAIN' 
4 1 ARG A 73 ? ? 0.199 'SIDE CHAIN' 
5 1 ARG A 86 ? ? 0.183 'SIDE CHAIN' 
# 
_pdbx_nmr_ensemble.entry_id                             1AG4 
_pdbx_nmr_ensemble.conformers_calculated_total_number   90 
_pdbx_nmr_ensemble.conformers_submitted_total_number    1 
_pdbx_nmr_ensemble.conformer_selection_criteria         'LEAST RESTRAINT VIOLATION' 
# 
_pdbx_nmr_exptl_sample_conditions.conditions_id       1 
_pdbx_nmr_exptl_sample_conditions.temperature         303 
_pdbx_nmr_exptl_sample_conditions.pressure            ? 
_pdbx_nmr_exptl_sample_conditions.pH                  4.9 
_pdbx_nmr_exptl_sample_conditions.ionic_strength      ? 
_pdbx_nmr_exptl_sample_conditions.pressure_units      . 
_pdbx_nmr_exptl_sample_conditions.temperature_units   K 
# 
loop_
_pdbx_nmr_exptl.experiment_id 
_pdbx_nmr_exptl.conditions_id 
_pdbx_nmr_exptl.type 
_pdbx_nmr_exptl.solution_id 
1  1 NOESY             1 
2  1 TOCSY             1 
3  1 DQF-COSY          1 
4  1 15N-NOESY-HSQC    1 
5  1 15N-TOCSY-HSQC    1 
6  1 1H                1 
7  1 15N-HSQC          1 
8  1 HNCO              1 
9  1 HNCA              1 
10 1 'CBCA(CO)NH'      1 
11 1 HCCH-TOCSY        1 
12 1 13C-ED.NOESY-HSQC 1 
# 
_pdbx_nmr_refine.entry_id           1AG4 
_pdbx_nmr_refine.method             'simulated annealing' 
_pdbx_nmr_refine.details            ? 
_pdbx_nmr_refine.software_ordinal   1 
# 
loop_
_pdbx_nmr_software.classification 
_pdbx_nmr_software.name 
_pdbx_nmr_software.version 
_pdbx_nmr_software.authors 
_pdbx_nmr_software.ordinal 
refinement           X-PLOR                3.1    BRUNGER 1 
'structure solution' 'BRUKER UXNMR X-PLOR' X-PLOR ?       2 
# 
loop_
_chem_comp_atom.comp_id 
_chem_comp_atom.atom_id 
_chem_comp_atom.type_symbol 
_chem_comp_atom.pdbx_aromatic_flag 
_chem_comp_atom.pdbx_stereo_config 
_chem_comp_atom.pdbx_ordinal 
ALA N    N N N 1   
ALA CA   C N S 2   
ALA C    C N N 3   
ALA O    O N N 4   
ALA CB   C N N 5   
ALA OXT  O N N 6   
ALA H    H N N 7   
ALA H2   H N N 8   
ALA HA   H N N 9   
ALA HB1  H N N 10  
ALA HB2  H N N 11  
ALA HB3  H N N 12  
ALA HXT  H N N 13  
ARG N    N N N 14  
ARG CA   C N S 15  
ARG C    C N N 16  
ARG O    O N N 17  
ARG CB   C N N 18  
ARG CG   C N N 19  
ARG CD   C N N 20  
ARG NE   N N N 21  
ARG CZ   C N N 22  
ARG NH1  N N N 23  
ARG NH2  N N N 24  
ARG OXT  O N N 25  
ARG H    H N N 26  
ARG H2   H N N 27  
ARG HA   H N N 28  
ARG HB2  H N N 29  
ARG HB3  H N N 30  
ARG HG2  H N N 31  
ARG HG3  H N N 32  
ARG HD2  H N N 33  
ARG HD3  H N N 34  
ARG HE   H N N 35  
ARG HH11 H N N 36  
ARG HH12 H N N 37  
ARG HH21 H N N 38  
ARG HH22 H N N 39  
ARG HXT  H N N 40  
ASN N    N N N 41  
ASN CA   C N S 42  
ASN C    C N N 43  
ASN O    O N N 44  
ASN CB   C N N 45  
ASN CG   C N N 46  
ASN OD1  O N N 47  
ASN ND2  N N N 48  
ASN OXT  O N N 49  
ASN H    H N N 50  
ASN H2   H N N 51  
ASN HA   H N N 52  
ASN HB2  H N N 53  
ASN HB3  H N N 54  
ASN HD21 H N N 55  
ASN HD22 H N N 56  
ASN HXT  H N N 57  
ASP N    N N N 58  
ASP CA   C N S 59  
ASP C    C N N 60  
ASP O    O N N 61  
ASP CB   C N N 62  
ASP CG   C N N 63  
ASP OD1  O N N 64  
ASP OD2  O N N 65  
ASP OXT  O N N 66  
ASP H    H N N 67  
ASP H2   H N N 68  
ASP HA   H N N 69  
ASP HB2  H N N 70  
ASP HB3  H N N 71  
ASP HD2  H N N 72  
ASP HXT  H N N 73  
CYS N    N N N 74  
CYS CA   C N R 75  
CYS C    C N N 76  
CYS O    O N N 77  
CYS CB   C N N 78  
CYS SG   S N N 79  
CYS OXT  O N N 80  
CYS H    H N N 81  
CYS H2   H N N 82  
CYS HA   H N N 83  
CYS HB2  H N N 84  
CYS HB3  H N N 85  
CYS HG   H N N 86  
CYS HXT  H N N 87  
GLN N    N N N 88  
GLN CA   C N S 89  
GLN C    C N N 90  
GLN O    O N N 91  
GLN CB   C N N 92  
GLN CG   C N N 93  
GLN CD   C N N 94  
GLN OE1  O N N 95  
GLN NE2  N N N 96  
GLN OXT  O N N 97  
GLN H    H N N 98  
GLN H2   H N N 99  
GLN HA   H N N 100 
GLN HB2  H N N 101 
GLN HB3  H N N 102 
GLN HG2  H N N 103 
GLN HG3  H N N 104 
GLN HE21 H N N 105 
GLN HE22 H N N 106 
GLN HXT  H N N 107 
GLU N    N N N 108 
GLU CA   C N S 109 
GLU C    C N N 110 
GLU O    O N N 111 
GLU CB   C N N 112 
GLU CG   C N N 113 
GLU CD   C N N 114 
GLU OE1  O N N 115 
GLU OE2  O N N 116 
GLU OXT  O N N 117 
GLU H    H N N 118 
GLU H2   H N N 119 
GLU HA   H N N 120 
GLU HB2  H N N 121 
GLU HB3  H N N 122 
GLU HG2  H N N 123 
GLU HG3  H N N 124 
GLU HE2  H N N 125 
GLU HXT  H N N 126 
GLY N    N N N 127 
GLY CA   C N N 128 
GLY C    C N N 129 
GLY O    O N N 130 
GLY OXT  O N N 131 
GLY H    H N N 132 
GLY H2   H N N 133 
GLY HA2  H N N 134 
GLY HA3  H N N 135 
GLY HXT  H N N 136 
HIS N    N N N 137 
HIS CA   C N S 138 
HIS C    C N N 139 
HIS O    O N N 140 
HIS CB   C N N 141 
HIS CG   C Y N 142 
HIS ND1  N Y N 143 
HIS CD2  C Y N 144 
HIS CE1  C Y N 145 
HIS NE2  N Y N 146 
HIS OXT  O N N 147 
HIS H    H N N 148 
HIS H2   H N N 149 
HIS HA   H N N 150 
HIS HB2  H N N 151 
HIS HB3  H N N 152 
HIS HD1  H N N 153 
HIS HD2  H N N 154 
HIS HE1  H N N 155 
HIS HE2  H N N 156 
HIS HXT  H N N 157 
ILE N    N N N 158 
ILE CA   C N S 159 
ILE C    C N N 160 
ILE O    O N N 161 
ILE CB   C N S 162 
ILE CG1  C N N 163 
ILE CG2  C N N 164 
ILE CD1  C N N 165 
ILE OXT  O N N 166 
ILE H    H N N 167 
ILE H2   H N N 168 
ILE HA   H N N 169 
ILE HB   H N N 170 
ILE HG12 H N N 171 
ILE HG13 H N N 172 
ILE HG21 H N N 173 
ILE HG22 H N N 174 
ILE HG23 H N N 175 
ILE HD11 H N N 176 
ILE HD12 H N N 177 
ILE HD13 H N N 178 
ILE HXT  H N N 179 
LEU N    N N N 180 
LEU CA   C N S 181 
LEU C    C N N 182 
LEU O    O N N 183 
LEU CB   C N N 184 
LEU CG   C N N 185 
LEU CD1  C N N 186 
LEU CD2  C N N 187 
LEU OXT  O N N 188 
LEU H    H N N 189 
LEU H2   H N N 190 
LEU HA   H N N 191 
LEU HB2  H N N 192 
LEU HB3  H N N 193 
LEU HG   H N N 194 
LEU HD11 H N N 195 
LEU HD12 H N N 196 
LEU HD13 H N N 197 
LEU HD21 H N N 198 
LEU HD22 H N N 199 
LEU HD23 H N N 200 
LEU HXT  H N N 201 
LYS N    N N N 202 
LYS CA   C N S 203 
LYS C    C N N 204 
LYS O    O N N 205 
LYS CB   C N N 206 
LYS CG   C N N 207 
LYS CD   C N N 208 
LYS CE   C N N 209 
LYS NZ   N N N 210 
LYS OXT  O N N 211 
LYS H    H N N 212 
LYS H2   H N N 213 
LYS HA   H N N 214 
LYS HB2  H N N 215 
LYS HB3  H N N 216 
LYS HG2  H N N 217 
LYS HG3  H N N 218 
LYS HD2  H N N 219 
LYS HD3  H N N 220 
LYS HE2  H N N 221 
LYS HE3  H N N 222 
LYS HZ1  H N N 223 
LYS HZ2  H N N 224 
LYS HZ3  H N N 225 
LYS HXT  H N N 226 
MET N    N N N 227 
MET CA   C N S 228 
MET C    C N N 229 
MET O    O N N 230 
MET CB   C N N 231 
MET CG   C N N 232 
MET SD   S N N 233 
MET CE   C N N 234 
MET OXT  O N N 235 
MET H    H N N 236 
MET H2   H N N 237 
MET HA   H N N 238 
MET HB2  H N N 239 
MET HB3  H N N 240 
MET HG2  H N N 241 
MET HG3  H N N 242 
MET HE1  H N N 243 
MET HE2  H N N 244 
MET HE3  H N N 245 
MET HXT  H N N 246 
PHE N    N N N 247 
PHE CA   C N S 248 
PHE C    C N N 249 
PHE O    O N N 250 
PHE CB   C N N 251 
PHE CG   C Y N 252 
PHE CD1  C Y N 253 
PHE CD2  C Y N 254 
PHE CE1  C Y N 255 
PHE CE2  C Y N 256 
PHE CZ   C Y N 257 
PHE OXT  O N N 258 
PHE H    H N N 259 
PHE H2   H N N 260 
PHE HA   H N N 261 
PHE HB2  H N N 262 
PHE HB3  H N N 263 
PHE HD1  H N N 264 
PHE HD2  H N N 265 
PHE HE1  H N N 266 
PHE HE2  H N N 267 
PHE HZ   H N N 268 
PHE HXT  H N N 269 
PRO N    N N N 270 
PRO CA   C N S 271 
PRO C    C N N 272 
PRO O    O N N 273 
PRO CB   C N N 274 
PRO CG   C N N 275 
PRO CD   C N N 276 
PRO OXT  O N N 277 
PRO H    H N N 278 
PRO HA   H N N 279 
PRO HB2  H N N 280 
PRO HB3  H N N 281 
PRO HG2  H N N 282 
PRO HG3  H N N 283 
PRO HD2  H N N 284 
PRO HD3  H N N 285 
PRO HXT  H N N 286 
SER N    N N N 287 
SER CA   C N S 288 
SER C    C N N 289 
SER O    O N N 290 
SER CB   C N N 291 
SER OG   O N N 292 
SER OXT  O N N 293 
SER H    H N N 294 
SER H2   H N N 295 
SER HA   H N N 296 
SER HB2  H N N 297 
SER HB3  H N N 298 
SER HG   H N N 299 
SER HXT  H N N 300 
THR N    N N N 301 
THR CA   C N S 302 
THR C    C N N 303 
THR O    O N N 304 
THR CB   C N R 305 
THR OG1  O N N 306 
THR CG2  C N N 307 
THR OXT  O N N 308 
THR H    H N N 309 
THR H2   H N N 310 
THR HA   H N N 311 
THR HB   H N N 312 
THR HG1  H N N 313 
THR HG21 H N N 314 
THR HG22 H N N 315 
THR HG23 H N N 316 
THR HXT  H N N 317 
TRP N    N N N 318 
TRP CA   C N S 319 
TRP C    C N N 320 
TRP O    O N N 321 
TRP CB   C N N 322 
TRP CG   C Y N 323 
TRP CD1  C Y N 324 
TRP CD2  C Y N 325 
TRP NE1  N Y N 326 
TRP CE2  C Y N 327 
TRP CE3  C Y N 328 
TRP CZ2  C Y N 329 
TRP CZ3  C Y N 330 
TRP CH2  C Y N 331 
TRP OXT  O N N 332 
TRP H    H N N 333 
TRP H2   H N N 334 
TRP HA   H N N 335 
TRP HB2  H N N 336 
TRP HB3  H N N 337 
TRP HD1  H N N 338 
TRP HE1  H N N 339 
TRP HE3  H N N 340 
TRP HZ2  H N N 341 
TRP HZ3  H N N 342 
TRP HH2  H N N 343 
TRP HXT  H N N 344 
TYR N    N N N 345 
TYR CA   C N S 346 
TYR C    C N N 347 
TYR O    O N N 348 
TYR CB   C N N 349 
TYR CG   C Y N 350 
TYR CD1  C Y N 351 
TYR CD2  C Y N 352 
TYR CE1  C Y N 353 
TYR CE2  C Y N 354 
TYR CZ   C Y N 355 
TYR OH   O N N 356 
TYR OXT  O N N 357 
TYR H    H N N 358 
TYR H2   H N N 359 
TYR HA   H N N 360 
TYR HB2  H N N 361 
TYR HB3  H N N 362 
TYR HD1  H N N 363 
TYR HD2  H N N 364 
TYR HE1  H N N 365 
TYR HE2  H N N 366 
TYR HH   H N N 367 
TYR HXT  H N N 368 
VAL N    N N N 369 
VAL CA   C N S 370 
VAL C    C N N 371 
VAL O    O N N 372 
VAL CB   C N N 373 
VAL CG1  C N N 374 
VAL CG2  C N N 375 
VAL OXT  O N N 376 
VAL H    H N N 377 
VAL H2   H N N 378 
VAL HA   H N N 379 
VAL HB   H N N 380 
VAL HG11 H N N 381 
VAL HG12 H N N 382 
VAL HG13 H N N 383 
VAL HG21 H N N 384 
VAL HG22 H N N 385 
VAL HG23 H N N 386 
VAL HXT  H N N 387 
# 
loop_
_chem_comp_bond.comp_id 
_chem_comp_bond.atom_id_1 
_chem_comp_bond.atom_id_2 
_chem_comp_bond.value_order 
_chem_comp_bond.pdbx_aromatic_flag 
_chem_comp_bond.pdbx_stereo_config 
_chem_comp_bond.pdbx_ordinal 
ALA N   CA   sing N N 1   
ALA N   H    sing N N 2   
ALA N   H2   sing N N 3   
ALA CA  C    sing N N 4   
ALA CA  CB   sing N N 5   
ALA CA  HA   sing N N 6   
ALA C   O    doub N N 7   
ALA C   OXT  sing N N 8   
ALA CB  HB1  sing N N 9   
ALA CB  HB2  sing N N 10  
ALA CB  HB3  sing N N 11  
ALA OXT HXT  sing N N 12  
ARG N   CA   sing N N 13  
ARG N   H    sing N N 14  
ARG N   H2   sing N N 15  
ARG CA  C    sing N N 16  
ARG CA  CB   sing N N 17  
ARG CA  HA   sing N N 18  
ARG C   O    doub N N 19  
ARG C   OXT  sing N N 20  
ARG CB  CG   sing N N 21  
ARG CB  HB2  sing N N 22  
ARG CB  HB3  sing N N 23  
ARG CG  CD   sing N N 24  
ARG CG  HG2  sing N N 25  
ARG CG  HG3  sing N N 26  
ARG CD  NE   sing N N 27  
ARG CD  HD2  sing N N 28  
ARG CD  HD3  sing N N 29  
ARG NE  CZ   sing N N 30  
ARG NE  HE   sing N N 31  
ARG CZ  NH1  sing N N 32  
ARG CZ  NH2  doub N N 33  
ARG NH1 HH11 sing N N 34  
ARG NH1 HH12 sing N N 35  
ARG NH2 HH21 sing N N 36  
ARG NH2 HH22 sing N N 37  
ARG OXT HXT  sing N N 38  
ASN N   CA   sing N N 39  
ASN N   H    sing N N 40  
ASN N   H2   sing N N 41  
ASN CA  C    sing N N 42  
ASN CA  CB   sing N N 43  
ASN CA  HA   sing N N 44  
ASN C   O    doub N N 45  
ASN C   OXT  sing N N 46  
ASN CB  CG   sing N N 47  
ASN CB  HB2  sing N N 48  
ASN CB  HB3  sing N N 49  
ASN CG  OD1  doub N N 50  
ASN CG  ND2  sing N N 51  
ASN ND2 HD21 sing N N 52  
ASN ND2 HD22 sing N N 53  
ASN OXT HXT  sing N N 54  
ASP N   CA   sing N N 55  
ASP N   H    sing N N 56  
ASP N   H2   sing N N 57  
ASP CA  C    sing N N 58  
ASP CA  CB   sing N N 59  
ASP CA  HA   sing N N 60  
ASP C   O    doub N N 61  
ASP C   OXT  sing N N 62  
ASP CB  CG   sing N N 63  
ASP CB  HB2  sing N N 64  
ASP CB  HB3  sing N N 65  
ASP CG  OD1  doub N N 66  
ASP CG  OD2  sing N N 67  
ASP OD2 HD2  sing N N 68  
ASP OXT HXT  sing N N 69  
CYS N   CA   sing N N 70  
CYS N   H    sing N N 71  
CYS N   H2   sing N N 72  
CYS CA  C    sing N N 73  
CYS CA  CB   sing N N 74  
CYS CA  HA   sing N N 75  
CYS C   O    doub N N 76  
CYS C   OXT  sing N N 77  
CYS CB  SG   sing N N 78  
CYS CB  HB2  sing N N 79  
CYS CB  HB3  sing N N 80  
CYS SG  HG   sing N N 81  
CYS OXT HXT  sing N N 82  
GLN N   CA   sing N N 83  
GLN N   H    sing N N 84  
GLN N   H2   sing N N 85  
GLN CA  C    sing N N 86  
GLN CA  CB   sing N N 87  
GLN CA  HA   sing N N 88  
GLN C   O    doub N N 89  
GLN C   OXT  sing N N 90  
GLN CB  CG   sing N N 91  
GLN CB  HB2  sing N N 92  
GLN CB  HB3  sing N N 93  
GLN CG  CD   sing N N 94  
GLN CG  HG2  sing N N 95  
GLN CG  HG3  sing N N 96  
GLN CD  OE1  doub N N 97  
GLN CD  NE2  sing N N 98  
GLN NE2 HE21 sing N N 99  
GLN NE2 HE22 sing N N 100 
GLN OXT HXT  sing N N 101 
GLU N   CA   sing N N 102 
GLU N   H    sing N N 103 
GLU N   H2   sing N N 104 
GLU CA  C    sing N N 105 
GLU CA  CB   sing N N 106 
GLU CA  HA   sing N N 107 
GLU C   O    doub N N 108 
GLU C   OXT  sing N N 109 
GLU CB  CG   sing N N 110 
GLU CB  HB2  sing N N 111 
GLU CB  HB3  sing N N 112 
GLU CG  CD   sing N N 113 
GLU CG  HG2  sing N N 114 
GLU CG  HG3  sing N N 115 
GLU CD  OE1  doub N N 116 
GLU CD  OE2  sing N N 117 
GLU OE2 HE2  sing N N 118 
GLU OXT HXT  sing N N 119 
GLY N   CA   sing N N 120 
GLY N   H    sing N N 121 
GLY N   H2   sing N N 122 
GLY CA  C    sing N N 123 
GLY CA  HA2  sing N N 124 
GLY CA  HA3  sing N N 125 
GLY C   O    doub N N 126 
GLY C   OXT  sing N N 127 
GLY OXT HXT  sing N N 128 
HIS N   CA   sing N N 129 
HIS N   H    sing N N 130 
HIS N   H2   sing N N 131 
HIS CA  C    sing N N 132 
HIS CA  CB   sing N N 133 
HIS CA  HA   sing N N 134 
HIS C   O    doub N N 135 
HIS C   OXT  sing N N 136 
HIS CB  CG   sing N N 137 
HIS CB  HB2  sing N N 138 
HIS CB  HB3  sing N N 139 
HIS CG  ND1  sing Y N 140 
HIS CG  CD2  doub Y N 141 
HIS ND1 CE1  doub Y N 142 
HIS ND1 HD1  sing N N 143 
HIS CD2 NE2  sing Y N 144 
HIS CD2 HD2  sing N N 145 
HIS CE1 NE2  sing Y N 146 
HIS CE1 HE1  sing N N 147 
HIS NE2 HE2  sing N N 148 
HIS OXT HXT  sing N N 149 
ILE N   CA   sing N N 150 
ILE N   H    sing N N 151 
ILE N   H2   sing N N 152 
ILE CA  C    sing N N 153 
ILE CA  CB   sing N N 154 
ILE CA  HA   sing N N 155 
ILE C   O    doub N N 156 
ILE C   OXT  sing N N 157 
ILE CB  CG1  sing N N 158 
ILE CB  CG2  sing N N 159 
ILE CB  HB   sing N N 160 
ILE CG1 CD1  sing N N 161 
ILE CG1 HG12 sing N N 162 
ILE CG1 HG13 sing N N 163 
ILE CG2 HG21 sing N N 164 
ILE CG2 HG22 sing N N 165 
ILE CG2 HG23 sing N N 166 
ILE CD1 HD11 sing N N 167 
ILE CD1 HD12 sing N N 168 
ILE CD1 HD13 sing N N 169 
ILE OXT HXT  sing N N 170 
LEU N   CA   sing N N 171 
LEU N   H    sing N N 172 
LEU N   H2   sing N N 173 
LEU CA  C    sing N N 174 
LEU CA  CB   sing N N 175 
LEU CA  HA   sing N N 176 
LEU C   O    doub N N 177 
LEU C   OXT  sing N N 178 
LEU CB  CG   sing N N 179 
LEU CB  HB2  sing N N 180 
LEU CB  HB3  sing N N 181 
LEU CG  CD1  sing N N 182 
LEU CG  CD2  sing N N 183 
LEU CG  HG   sing N N 184 
LEU CD1 HD11 sing N N 185 
LEU CD1 HD12 sing N N 186 
LEU CD1 HD13 sing N N 187 
LEU CD2 HD21 sing N N 188 
LEU CD2 HD22 sing N N 189 
LEU CD2 HD23 sing N N 190 
LEU OXT HXT  sing N N 191 
LYS N   CA   sing N N 192 
LYS N   H    sing N N 193 
LYS N   H2   sing N N 194 
LYS CA  C    sing N N 195 
LYS CA  CB   sing N N 196 
LYS CA  HA   sing N N 197 
LYS C   O    doub N N 198 
LYS C   OXT  sing N N 199 
LYS CB  CG   sing N N 200 
LYS CB  HB2  sing N N 201 
LYS CB  HB3  sing N N 202 
LYS CG  CD   sing N N 203 
LYS CG  HG2  sing N N 204 
LYS CG  HG3  sing N N 205 
LYS CD  CE   sing N N 206 
LYS CD  HD2  sing N N 207 
LYS CD  HD3  sing N N 208 
LYS CE  NZ   sing N N 209 
LYS CE  HE2  sing N N 210 
LYS CE  HE3  sing N N 211 
LYS NZ  HZ1  sing N N 212 
LYS NZ  HZ2  sing N N 213 
LYS NZ  HZ3  sing N N 214 
LYS OXT HXT  sing N N 215 
MET N   CA   sing N N 216 
MET N   H    sing N N 217 
MET N   H2   sing N N 218 
MET CA  C    sing N N 219 
MET CA  CB   sing N N 220 
MET CA  HA   sing N N 221 
MET C   O    doub N N 222 
MET C   OXT  sing N N 223 
MET CB  CG   sing N N 224 
MET CB  HB2  sing N N 225 
MET CB  HB3  sing N N 226 
MET CG  SD   sing N N 227 
MET CG  HG2  sing N N 228 
MET CG  HG3  sing N N 229 
MET SD  CE   sing N N 230 
MET CE  HE1  sing N N 231 
MET CE  HE2  sing N N 232 
MET CE  HE3  sing N N 233 
MET OXT HXT  sing N N 234 
PHE N   CA   sing N N 235 
PHE N   H    sing N N 236 
PHE N   H2   sing N N 237 
PHE CA  C    sing N N 238 
PHE CA  CB   sing N N 239 
PHE CA  HA   sing N N 240 
PHE C   O    doub N N 241 
PHE C   OXT  sing N N 242 
PHE CB  CG   sing N N 243 
PHE CB  HB2  sing N N 244 
PHE CB  HB3  sing N N 245 
PHE CG  CD1  doub Y N 246 
PHE CG  CD2  sing Y N 247 
PHE CD1 CE1  sing Y N 248 
PHE CD1 HD1  sing N N 249 
PHE CD2 CE2  doub Y N 250 
PHE CD2 HD2  sing N N 251 
PHE CE1 CZ   doub Y N 252 
PHE CE1 HE1  sing N N 253 
PHE CE2 CZ   sing Y N 254 
PHE CE2 HE2  sing N N 255 
PHE CZ  HZ   sing N N 256 
PHE OXT HXT  sing N N 257 
PRO N   CA   sing N N 258 
PRO N   CD   sing N N 259 
PRO N   H    sing N N 260 
PRO CA  C    sing N N 261 
PRO CA  CB   sing N N 262 
PRO CA  HA   sing N N 263 
PRO C   O    doub N N 264 
PRO C   OXT  sing N N 265 
PRO CB  CG   sing N N 266 
PRO CB  HB2  sing N N 267 
PRO CB  HB3  sing N N 268 
PRO CG  CD   sing N N 269 
PRO CG  HG2  sing N N 270 
PRO CG  HG3  sing N N 271 
PRO CD  HD2  sing N N 272 
PRO CD  HD3  sing N N 273 
PRO OXT HXT  sing N N 274 
SER N   CA   sing N N 275 
SER N   H    sing N N 276 
SER N   H2   sing N N 277 
SER CA  C    sing N N 278 
SER CA  CB   sing N N 279 
SER CA  HA   sing N N 280 
SER C   O    doub N N 281 
SER C   OXT  sing N N 282 
SER CB  OG   sing N N 283 
SER CB  HB2  sing N N 284 
SER CB  HB3  sing N N 285 
SER OG  HG   sing N N 286 
SER OXT HXT  sing N N 287 
THR N   CA   sing N N 288 
THR N   H    sing N N 289 
THR N   H2   sing N N 290 
THR CA  C    sing N N 291 
THR CA  CB   sing N N 292 
THR CA  HA   sing N N 293 
THR C   O    doub N N 294 
THR C   OXT  sing N N 295 
THR CB  OG1  sing N N 296 
THR CB  CG2  sing N N 297 
THR CB  HB   sing N N 298 
THR OG1 HG1  sing N N 299 
THR CG2 HG21 sing N N 300 
THR CG2 HG22 sing N N 301 
THR CG2 HG23 sing N N 302 
THR OXT HXT  sing N N 303 
TRP N   CA   sing N N 304 
TRP N   H    sing N N 305 
TRP N   H2   sing N N 306 
TRP CA  C    sing N N 307 
TRP CA  CB   sing N N 308 
TRP CA  HA   sing N N 309 
TRP C   O    doub N N 310 
TRP C   OXT  sing N N 311 
TRP CB  CG   sing N N 312 
TRP CB  HB2  sing N N 313 
TRP CB  HB3  sing N N 314 
TRP CG  CD1  doub Y N 315 
TRP CG  CD2  sing Y N 316 
TRP CD1 NE1  sing Y N 317 
TRP CD1 HD1  sing N N 318 
TRP CD2 CE2  doub Y N 319 
TRP CD2 CE3  sing Y N 320 
TRP NE1 CE2  sing Y N 321 
TRP NE1 HE1  sing N N 322 
TRP CE2 CZ2  sing Y N 323 
TRP CE3 CZ3  doub Y N 324 
TRP CE3 HE3  sing N N 325 
TRP CZ2 CH2  doub Y N 326 
TRP CZ2 HZ2  sing N N 327 
TRP CZ3 CH2  sing Y N 328 
TRP CZ3 HZ3  sing N N 329 
TRP CH2 HH2  sing N N 330 
TRP OXT HXT  sing N N 331 
TYR N   CA   sing N N 332 
TYR N   H    sing N N 333 
TYR N   H2   sing N N 334 
TYR CA  C    sing N N 335 
TYR CA  CB   sing N N 336 
TYR CA  HA   sing N N 337 
TYR C   O    doub N N 338 
TYR C   OXT  sing N N 339 
TYR CB  CG   sing N N 340 
TYR CB  HB2  sing N N 341 
TYR CB  HB3  sing N N 342 
TYR CG  CD1  doub Y N 343 
TYR CG  CD2  sing Y N 344 
TYR CD1 CE1  sing Y N 345 
TYR CD1 HD1  sing N N 346 
TYR CD2 CE2  doub Y N 347 
TYR CD2 HD2  sing N N 348 
TYR CE1 CZ   doub Y N 349 
TYR CE1 HE1  sing N N 350 
TYR CE2 CZ   sing Y N 351 
TYR CE2 HE2  sing N N 352 
TYR CZ  OH   sing N N 353 
TYR OH  HH   sing N N 354 
TYR OXT HXT  sing N N 355 
VAL N   CA   sing N N 356 
VAL N   H    sing N N 357 
VAL N   H2   sing N N 358 
VAL CA  C    sing N N 359 
VAL CA  CB   sing N N 360 
VAL CA  HA   sing N N 361 
VAL C   O    doub N N 362 
VAL C   OXT  sing N N 363 
VAL CB  CG1  sing N N 364 
VAL CB  CG2  sing N N 365 
VAL CB  HB   sing N N 366 
VAL CG1 HG11 sing N N 367 
VAL CG1 HG12 sing N N 368 
VAL CG1 HG13 sing N N 369 
VAL CG2 HG21 sing N N 370 
VAL CG2 HG22 sing N N 371 
VAL CG2 HG23 sing N N 372 
VAL OXT HXT  sing N N 373 
# 
_pdbx_nmr_spectrometer.spectrometer_id   1 
_pdbx_nmr_spectrometer.model             DRX600 
_pdbx_nmr_spectrometer.manufacturer      Bruker 
_pdbx_nmr_spectrometer.field_strength    600 
# 
_atom_sites.entry_id                    1AG4 
_atom_sites.fract_transf_matrix[1][1]   1.000000 
_atom_sites.fract_transf_matrix[1][2]   0.000000 
_atom_sites.fract_transf_matrix[1][3]   0.000000 
_atom_sites.fract_transf_matrix[2][1]   0.000000 
_atom_sites.fract_transf_matrix[2][2]   1.000000 
_atom_sites.fract_transf_matrix[2][3]   0.000000 
_atom_sites.fract_transf_matrix[3][1]   0.000000 
_atom_sites.fract_transf_matrix[3][2]   0.000000 
_atom_sites.fract_transf_matrix[3][3]   1.000000 
_atom_sites.fract_transf_vector[1]      0.00000 
_atom_sites.fract_transf_vector[2]      0.00000 
_atom_sites.fract_transf_vector[3]      0.00000 
# 
loop_
_atom_type.symbol 
C 
H 
N 
O 
S 
# 
loop_
_atom_site.group_PDB 
_atom_site.id 
_atom_site.type_symbol 
_atom_site.label_atom_id 
_atom_site.label_alt_id 
_atom_site.label_comp_id 
_atom_site.label_asym_id 
_atom_site.label_entity_id 
_atom_site.label_seq_id 
_atom_site.pdbx_PDB_ins_code 
_atom_site.Cartn_x 
_atom_site.Cartn_y 
_atom_site.Cartn_z 
_atom_site.occupancy 
_atom_site.B_iso_or_equiv 
_atom_site.pdbx_formal_charge 
_atom_site.auth_seq_id 
_atom_site.auth_comp_id 
_atom_site.auth_asym_id 
_atom_site.auth_atom_id 
_atom_site.pdbx_PDB_model_num 
ATOM 1    N N    . MET A 1 1   ? 9.504   1.889   -13.473 1.00 3.72 ? 1   MET A N    1 
ATOM 2    C CA   . MET A 1 1   ? 8.897   0.529   -13.439 1.00 2.93 ? 1   MET A CA   1 
ATOM 3    C C    . MET A 1 1   ? 7.386   0.650   -13.238 1.00 2.11 ? 1   MET A C    1 
ATOM 4    O O    . MET A 1 1   ? 6.784   1.653   -13.568 1.00 2.44 ? 1   MET A O    1 
ATOM 5    C CB   . MET A 1 1   ? 9.503   -0.272  -12.285 1.00 3.40 ? 1   MET A CB   1 
ATOM 6    C CG   . MET A 1 1   ? 11.027  -0.275  -12.410 1.00 3.84 ? 1   MET A CG   1 
ATOM 7    S SD   . MET A 1 1   ? 11.631  -1.982  -12.403 1.00 4.69 ? 1   MET A SD   1 
ATOM 8    C CE   . MET A 1 1   ? 12.570  -1.897  -13.947 1.00 5.48 ? 1   MET A CE   1 
ATOM 9    H H1   . MET A 1 1   ? 8.911   2.521   -14.047 1.00 4.05 ? 1   MET A H1   1 
ATOM 10   H H2   . MET A 1 1   ? 9.570   2.265   -12.505 1.00 4.13 ? 1   MET A H2   1 
ATOM 11   H H3   . MET A 1 1   ? 10.457  1.833   -13.889 1.00 4.02 ? 1   MET A H3   1 
ATOM 12   H HA   . MET A 1 1   ? 9.097   0.023   -14.373 1.00 3.24 ? 1   MET A HA   1 
ATOM 13   H HB2  . MET A 1 1   ? 9.218   0.179   -11.346 1.00 3.95 ? 1   MET A HB2  1 
ATOM 14   H HB3  . MET A 1 1   ? 9.140   -1.288  -12.322 1.00 3.52 ? 1   MET A HB3  1 
ATOM 15   H HG2  . MET A 1 1   ? 11.314  0.204   -13.335 1.00 4.03 ? 1   MET A HG2  1 
ATOM 16   H HG3  . MET A 1 1   ? 11.458  0.262   -11.578 1.00 4.06 ? 1   MET A HG3  1 
ATOM 17   H HE1  . MET A 1 1   ? 12.358  -0.966  -14.449 1.00 5.78 ? 1   MET A HE1  1 
ATOM 18   H HE2  . MET A 1 1   ? 13.627  -1.953  -13.727 1.00 5.76 ? 1   MET A HE2  1 
ATOM 19   H HE3  . MET A 1 1   ? 12.285  -2.721  -14.587 1.00 5.80 ? 1   MET A HE3  1 
ATOM 20   N N    . SER A 1 2   ? 6.765   -0.365  -12.700 1.00 1.75 ? 2   SER A N    1 
ATOM 21   C CA   . SER A 1 2   ? 5.293   -0.306  -12.481 1.00 1.37 ? 2   SER A CA   1 
ATOM 22   C C    . SER A 1 2   ? 4.886   -1.358  -11.448 1.00 1.05 ? 2   SER A C    1 
ATOM 23   O O    . SER A 1 2   ? 5.672   -2.199  -11.060 1.00 1.31 ? 2   SER A O    1 
ATOM 24   C CB   . SER A 1 2   ? 4.570   -0.581  -13.799 1.00 2.03 ? 2   SER A CB   1 
ATOM 25   O OG   . SER A 1 2   ? 5.138   -1.730  -14.414 1.00 2.46 ? 2   SER A OG   1 
ATOM 26   H H    . SER A 1 2   ? 7.268   -1.166  -12.443 1.00 2.31 ? 2   SER A H    1 
ATOM 27   H HA   . SER A 1 2   ? 5.022   0.676   -12.121 1.00 1.65 ? 2   SER A HA   1 
ATOM 28   H HB2  . SER A 1 2   ? 3.525   -0.762  -13.609 1.00 2.25 ? 2   SER A HB2  1 
ATOM 29   H HB3  . SER A 1 2   ? 4.672   0.276   -14.450 1.00 2.48 ? 2   SER A HB3  1 
ATOM 30   H HG   . SER A 1 2   ? 4.883   -1.729  -15.340 1.00 2.91 ? 2   SER A HG   1 
ATOM 31   N N    . VAL A 1 3   ? 3.661   -1.318  -11.001 1.00 0.82 ? 3   VAL A N    1 
ATOM 32   C CA   . VAL A 1 3   ? 3.199   -2.315  -9.995  1.00 0.70 ? 3   VAL A CA   1 
ATOM 33   C C    . VAL A 1 3   ? 2.724   -3.578  -10.713 1.00 0.58 ? 3   VAL A C    1 
ATOM 34   O O    . VAL A 1 3   ? 2.503   -3.580  -11.908 1.00 0.60 ? 3   VAL A O    1 
ATOM 35   C CB   . VAL A 1 3   ? 2.045   -1.724  -9.186  1.00 0.96 ? 3   VAL A CB   1 
ATOM 36   C CG1  . VAL A 1 3   ? 1.816   -2.567  -7.930  1.00 1.39 ? 3   VAL A CG1  1 
ATOM 37   C CG2  . VAL A 1 3   ? 2.388   -0.288  -8.781  1.00 1.15 ? 3   VAL A CG2  1 
ATOM 38   H H    . VAL A 1 3   ? 3.043   -0.631  -11.327 1.00 1.04 ? 3   VAL A H    1 
ATOM 39   H HA   . VAL A 1 3   ? 4.013   -2.562  -9.332  1.00 0.87 ? 3   VAL A HA   1 
ATOM 40   H HB   . VAL A 1 3   ? 1.150   -1.725  -9.789  1.00 1.05 ? 3   VAL A HB   1 
ATOM 41   H HG11 . VAL A 1 3   ? 2.767   -2.795  -7.471  1.00 1.68 ? 3   VAL A HG11 1 
ATOM 42   H HG12 . VAL A 1 3   ? 1.203   -2.015  -7.233  1.00 1.98 ? 3   VAL A HG12 1 
ATOM 43   H HG13 . VAL A 1 3   ? 1.317   -3.486  -8.200  1.00 1.79 ? 3   VAL A HG13 1 
ATOM 44   H HG21 . VAL A 1 3   ? 3.457   -0.197  -8.653  1.00 1.65 ? 3   VAL A HG21 1 
ATOM 45   H HG22 . VAL A 1 3   ? 2.057   0.392   -9.551  1.00 1.46 ? 3   VAL A HG22 1 
ATOM 46   H HG23 . VAL A 1 3   ? 1.893   -0.049  -7.851  1.00 1.47 ? 3   VAL A HG23 1 
ATOM 47   N N    . CYS A 1 4   ? 2.566   -4.655  -9.994  1.00 0.54 ? 4   CYS A N    1 
ATOM 48   C CA   . CYS A 1 4   ? 2.106   -5.919  -10.638 1.00 0.53 ? 4   CYS A CA   1 
ATOM 49   C C    . CYS A 1 4   ? 0.748   -6.323  -10.060 1.00 0.47 ? 4   CYS A C    1 
ATOM 50   O O    . CYS A 1 4   ? 0.625   -6.623  -8.889  1.00 0.45 ? 4   CYS A O    1 
ATOM 51   C CB   . CYS A 1 4   ? 3.124   -7.031  -10.370 1.00 0.64 ? 4   CYS A CB   1 
ATOM 52   S SG   . CYS A 1 4   ? 4.758   -6.306  -10.094 1.00 0.84 ? 4   CYS A SG   1 
ATOM 53   H H    . CYS A 1 4   ? 2.750   -4.633  -9.031  1.00 0.60 ? 4   CYS A H    1 
ATOM 54   H HA   . CYS A 1 4   ? 2.014   -5.765  -11.702 1.00 0.55 ? 4   CYS A HA   1 
ATOM 55   H HB2  . CYS A 1 4   ? 2.824   -7.589  -9.495  1.00 0.63 ? 4   CYS A HB2  1 
ATOM 56   H HB3  . CYS A 1 4   ? 3.163   -7.694  -11.222 1.00 0.71 ? 4   CYS A HB3  1 
ATOM 57   H HG   . CYS A 1 4   ? 5.320   -6.549  -10.835 1.00 1.15 ? 4   CYS A HG   1 
ATOM 58   N N    . LYS A 1 5   ? -0.273  -6.337  -10.874 1.00 0.46 ? 5   LYS A N    1 
ATOM 59   C CA   . LYS A 1 5   ? -1.621  -6.724  -10.370 1.00 0.43 ? 5   LYS A CA   1 
ATOM 60   C C    . LYS A 1 5   ? -1.652  -8.232  -10.118 1.00 0.43 ? 5   LYS A C    1 
ATOM 61   O O    . LYS A 1 5   ? -0.908  -8.987  -10.712 1.00 0.46 ? 5   LYS A O    1 
ATOM 62   C CB   . LYS A 1 5   ? -2.679  -6.351  -11.410 1.00 0.46 ? 5   LYS A CB   1 
ATOM 63   C CG   . LYS A 1 5   ? -4.054  -6.833  -10.944 1.00 0.47 ? 5   LYS A CG   1 
ATOM 64   C CD   . LYS A 1 5   ? -4.343  -8.213  -11.540 1.00 0.93 ? 5   LYS A CD   1 
ATOM 65   C CE   . LYS A 1 5   ? -5.823  -8.551  -11.352 1.00 1.42 ? 5   LYS A CE   1 
ATOM 66   N NZ   . LYS A 1 5   ? -6.420  -8.917  -12.668 1.00 1.99 ? 5   LYS A NZ   1 
ATOM 67   H H    . LYS A 1 5   ? -0.154  -6.094  -11.814 1.00 0.50 ? 5   LYS A H    1 
ATOM 68   H HA   . LYS A 1 5   ? -1.823  -6.204  -9.447  1.00 0.41 ? 5   LYS A HA   1 
ATOM 69   H HB2  . LYS A 1 5   ? -2.696  -5.278  -11.532 1.00 0.47 ? 5   LYS A HB2  1 
ATOM 70   H HB3  . LYS A 1 5   ? -2.437  -6.816  -12.353 1.00 0.48 ? 5   LYS A HB3  1 
ATOM 71   H HG2  . LYS A 1 5   ? -4.067  -6.896  -9.866  1.00 0.69 ? 5   LYS A HG2  1 
ATOM 72   H HG3  . LYS A 1 5   ? -4.810  -6.137  -11.274 1.00 0.73 ? 5   LYS A HG3  1 
ATOM 73   H HD2  . LYS A 1 5   ? -4.105  -8.205  -12.594 1.00 1.56 ? 5   LYS A HD2  1 
ATOM 74   H HD3  . LYS A 1 5   ? -3.740  -8.955  -11.040 1.00 1.57 ? 5   LYS A HD3  1 
ATOM 75   H HE2  . LYS A 1 5   ? -5.918  -9.382  -10.669 1.00 1.93 ? 5   LYS A HE2  1 
ATOM 76   H HE3  . LYS A 1 5   ? -6.340  -7.692  -10.949 1.00 1.99 ? 5   LYS A HE3  1 
ATOM 77   H HZ1  . LYS A 1 5   ? -5.756  -8.676  -13.430 1.00 2.52 ? 5   LYS A HZ1  1 
ATOM 78   H HZ2  . LYS A 1 5   ? -6.615  -9.940  -12.686 1.00 2.21 ? 5   LYS A HZ2  1 
ATOM 79   H HZ3  . LYS A 1 5   ? -7.307  -8.392  -12.804 1.00 2.43 ? 5   LYS A HZ3  1 
ATOM 80   N N    . GLY A 1 6   ? -2.505  -8.674  -9.238  1.00 0.40 ? 6   GLY A N    1 
ATOM 81   C CA   . GLY A 1 6   ? -2.582  -10.133 -8.940  1.00 0.40 ? 6   GLY A CA   1 
ATOM 82   C C    . GLY A 1 6   ? -1.725  -10.439 -7.711  1.00 0.38 ? 6   GLY A C    1 
ATOM 83   O O    . GLY A 1 6   ? -0.518  -10.547 -7.796  1.00 0.42 ? 6   GLY A O    1 
ATOM 84   H H    . GLY A 1 6   ? -3.092  -8.047  -8.769  1.00 0.40 ? 6   GLY A H    1 
ATOM 85   H HA2  . GLY A 1 6   ? -3.609  -10.407 -8.743  1.00 0.40 ? 6   GLY A HA2  1 
ATOM 86   H HA3  . GLY A 1 6   ? -2.212  -10.695 -9.783  1.00 0.43 ? 6   GLY A HA3  1 
ATOM 87   N N    . VAL A 1 7   ? -2.337  -10.573 -6.567  1.00 0.36 ? 7   VAL A N    1 
ATOM 88   C CA   . VAL A 1 7   ? -1.555  -10.864 -5.333  1.00 0.35 ? 7   VAL A CA   1 
ATOM 89   C C    . VAL A 1 7   ? -1.477  -12.374 -5.109  1.00 0.41 ? 7   VAL A C    1 
ATOM 90   O O    . VAL A 1 7   ? -2.108  -13.150 -5.799  1.00 0.57 ? 7   VAL A O    1 
ATOM 91   C CB   . VAL A 1 7   ? -2.235  -10.206 -4.131  1.00 0.31 ? 7   VAL A CB   1 
ATOM 92   C CG1  . VAL A 1 7   ? -2.582  -8.757  -4.471  1.00 0.34 ? 7   VAL A CG1  1 
ATOM 93   C CG2  . VAL A 1 7   ? -3.518  -10.968 -3.790  1.00 0.36 ? 7   VAL A CG2  1 
ATOM 94   H H    . VAL A 1 7   ? -3.311  -10.477 -6.517  1.00 0.38 ? 7   VAL A H    1 
ATOM 95   H HA   . VAL A 1 7   ? -0.556  -10.467 -5.439  1.00 0.37 ? 7   VAL A HA   1 
ATOM 96   H HB   . VAL A 1 7   ? -1.567  -10.227 -3.282  1.00 0.30 ? 7   VAL A HB   1 
ATOM 97   H HG11 . VAL A 1 7   ? -2.599  -8.633  -5.544  1.00 0.97 ? 7   VAL A HG11 1 
ATOM 98   H HG12 . VAL A 1 7   ? -3.554  -8.514  -4.065  1.00 1.08 ? 7   VAL A HG12 1 
ATOM 99   H HG13 . VAL A 1 7   ? -1.840  -8.098  -4.044  1.00 1.14 ? 7   VAL A HG13 1 
ATOM 100  H HG21 . VAL A 1 7   ? -4.151  -11.014 -4.664  1.00 1.16 ? 7   VAL A HG21 1 
ATOM 101  H HG22 . VAL A 1 7   ? -3.268  -11.970 -3.472  1.00 1.00 ? 7   VAL A HG22 1 
ATOM 102  H HG23 . VAL A 1 7   ? -4.039  -10.456 -2.995  1.00 1.07 ? 7   VAL A HG23 1 
ATOM 103  N N    . SER A 1 8   ? -0.706  -12.793 -4.145  1.00 0.40 ? 8   SER A N    1 
ATOM 104  C CA   . SER A 1 8   ? -0.580  -14.249 -3.864  1.00 0.49 ? 8   SER A CA   1 
ATOM 105  C C    . SER A 1 8   ? -1.236  -14.566 -2.520  1.00 0.58 ? 8   SER A C    1 
ATOM 106  O O    . SER A 1 8   ? -2.102  -13.851 -2.056  1.00 1.23 ? 8   SER A O    1 
ATOM 107  C CB   . SER A 1 8   ? 0.899   -14.631 -3.811  1.00 1.09 ? 8   SER A CB   1 
ATOM 108  O OG   . SER A 1 8   ? 1.033   -16.025 -4.057  1.00 1.82 ? 8   SER A OG   1 
ATOM 109  H H    . SER A 1 8   ? -0.209  -12.145 -3.603  1.00 0.41 ? 8   SER A H    1 
ATOM 110  H HA   . SER A 1 8   ? -1.069  -14.812 -4.643  1.00 0.80 ? 8   SER A HA   1 
ATOM 111  H HB2  . SER A 1 8   ? 1.441   -14.085 -4.564  1.00 1.57 ? 8   SER A HB2  1 
ATOM 112  H HB3  . SER A 1 8   ? 1.297   -14.388 -2.836  1.00 1.67 ? 8   SER A HB3  1 
ATOM 113  H HG   . SER A 1 8   ? 1.926   -16.186 -4.372  1.00 2.26 ? 8   SER A HG   1 
ATOM 114  N N    . GLY A 1 9   ? -0.832  -15.634 -1.893  1.00 0.50 ? 9   GLY A N    1 
ATOM 115  C CA   . GLY A 1 9   ? -1.431  -16.001 -0.578  1.00 0.95 ? 9   GLY A CA   1 
ATOM 116  C C    . GLY A 1 9   ? -1.275  -14.832 0.396   1.00 1.53 ? 9   GLY A C    1 
ATOM 117  O O    . GLY A 1 9   ? -2.238  -14.199 0.780   1.00 2.40 ? 9   GLY A O    1 
ATOM 118  H H    . GLY A 1 9   ? -0.133  -16.196 -2.287  1.00 0.67 ? 9   GLY A H    1 
ATOM 119  H HA2  . GLY A 1 9   ? -2.480  -16.224 -0.712  1.00 1.48 ? 9   GLY A HA2  1 
ATOM 120  H HA3  . GLY A 1 9   ? -0.925  -16.866 -0.181  1.00 0.95 ? 9   GLY A HA3  1 
ATOM 121  N N    . ASN A 1 10  ? -0.069  -14.542 0.800   1.00 1.36 ? 10  ASN A N    1 
ATOM 122  C CA   . ASN A 1 10  ? 0.147   -13.414 1.750   1.00 2.22 ? 10  ASN A CA   1 
ATOM 123  C C    . ASN A 1 10  ? 1.479   -12.724 1.429   1.00 1.77 ? 10  ASN A C    1 
ATOM 124  O O    . ASN A 1 10  ? 2.455   -13.383 1.131   1.00 1.47 ? 10  ASN A O    1 
ATOM 125  C CB   . ASN A 1 10  ? 0.185   -13.954 3.180   1.00 3.10 ? 10  ASN A CB   1 
ATOM 126  C CG   . ASN A 1 10  ? 1.342   -14.946 3.321   1.00 3.37 ? 10  ASN A CG   1 
ATOM 127  O OD1  . ASN A 1 10  ? 2.274   -14.709 4.063   1.00 4.06 ? 10  ASN A OD1  1 
ATOM 128  N ND2  . ASN A 1 10  ? 1.321   -16.056 2.634   1.00 3.30 ? 10  ASN A ND2  1 
ATOM 129  H H    . ASN A 1 10  ? 0.695   -15.065 0.478   1.00 0.90 ? 10  ASN A H    1 
ATOM 130  H HA   . ASN A 1 10  ? -0.663  -12.708 1.653   1.00 2.84 ? 10  ASN A HA   1 
ATOM 131  H HB2  . ASN A 1 10  ? 0.327   -13.135 3.871   1.00 3.45 ? 10  ASN A HB2  1 
ATOM 132  H HB3  . ASN A 1 10  ? -0.745  -14.455 3.402   1.00 3.73 ? 10  ASN A HB3  1 
ATOM 133  H HD21 . ASN A 1 10  ? 0.568   -16.247 2.035   1.00 3.14 ? 10  ASN A HD21 1 
ATOM 134  H HD22 . ASN A 1 10  ? 2.056   -16.697 2.717   1.00 3.70 ? 10  ASN A HD22 1 
ATOM 135  N N    . PRO A 1 11  ? 1.482   -11.414 1.499   1.00 1.89 ? 11  PRO A N    1 
ATOM 136  C CA   . PRO A 1 11  ? 2.684   -10.611 1.219   1.00 1.54 ? 11  PRO A CA   1 
ATOM 137  C C    . PRO A 1 11  ? 3.637   -10.630 2.418   1.00 1.26 ? 11  PRO A C    1 
ATOM 138  O O    . PRO A 1 11  ? 3.218   -10.578 3.557   1.00 1.58 ? 11  PRO A O    1 
ATOM 139  C CB   . PRO A 1 11  ? 2.132   -9.203  0.992   1.00 2.00 ? 11  PRO A CB   1 
ATOM 140  C CG   . PRO A 1 11  ? 0.758   -9.154  1.699   1.00 2.55 ? 11  PRO A CG   1 
ATOM 141  C CD   . PRO A 1 11  ? 0.292   -10.614 1.860   1.00 2.49 ? 11  PRO A CD   1 
ATOM 142  H HA   . PRO A 1 11  ? 3.182   -10.961 0.330   1.00 1.42 ? 11  PRO A HA   1 
ATOM 143  H HB2  . PRO A 1 11  ? 2.802   -8.470  1.422   1.00 1.88 ? 11  PRO A HB2  1 
ATOM 144  H HB3  . PRO A 1 11  ? 2.007   -9.019  -0.063  1.00 2.16 ? 11  PRO A HB3  1 
ATOM 145  H HG2  . PRO A 1 11  ? 0.857   -8.684  2.667   1.00 2.69 ? 11  PRO A HG2  1 
ATOM 146  H HG3  . PRO A 1 11  ? 0.048   -8.611  1.093   1.00 2.94 ? 11  PRO A HG3  1 
ATOM 147  H HD2  . PRO A 1 11  ? -0.001  -10.805 2.884   1.00 2.69 ? 11  PRO A HD2  1 
ATOM 148  H HD3  . PRO A 1 11  ? -0.520  -10.827 1.184   1.00 2.77 ? 11  PRO A HD3  1 
ATOM 149  N N    . ALA A 1 12  ? 4.913   -10.697 2.167   1.00 0.89 ? 12  ALA A N    1 
ATOM 150  C CA   . ALA A 1 12  ? 5.893   -10.712 3.285   1.00 0.95 ? 12  ALA A CA   1 
ATOM 151  C C    . ALA A 1 12  ? 7.190   -10.031 2.840   1.00 0.68 ? 12  ALA A C    1 
ATOM 152  O O    . ALA A 1 12  ? 7.361   -9.685  1.687   1.00 0.88 ? 12  ALA A O    1 
ATOM 153  C CB   . ALA A 1 12  ? 6.187   -12.160 3.683   1.00 1.35 ? 12  ALA A CB   1 
ATOM 154  H H    . ALA A 1 12  ? 5.228   -10.735 1.241   1.00 0.84 ? 12  ALA A H    1 
ATOM 155  H HA   . ALA A 1 12  ? 5.481   -10.183 4.130   1.00 1.32 ? 12  ALA A HA   1 
ATOM 156  H HB1  . ALA A 1 12  ? 5.425   -12.807 3.274   1.00 1.64 ? 12  ALA A HB1  1 
ATOM 157  H HB2  . ALA A 1 12  ? 7.152   -12.451 3.296   1.00 1.86 ? 12  ALA A HB2  1 
ATOM 158  H HB3  . ALA A 1 12  ? 6.189   -12.244 4.759   1.00 1.85 ? 12  ALA A HB3  1 
ATOM 159  N N    . LYS A 1 13  ? 8.106   -9.840  3.745   1.00 0.74 ? 13  LYS A N    1 
ATOM 160  C CA   . LYS A 1 13  ? 9.398   -9.190  3.382   1.00 0.84 ? 13  LYS A CA   1 
ATOM 161  C C    . LYS A 1 13  ? 9.149   -7.983  2.469   1.00 0.69 ? 13  LYS A C    1 
ATOM 162  O O    . LYS A 1 13  ? 9.111   -8.103  1.261   1.00 1.00 ? 13  LYS A O    1 
ATOM 163  C CB   . LYS A 1 13  ? 10.284  -10.201 2.654   1.00 1.31 ? 13  LYS A CB   1 
ATOM 164  C CG   . LYS A 1 13  ? 10.870  -11.188 3.666   1.00 2.04 ? 13  LYS A CG   1 
ATOM 165  C CD   . LYS A 1 13  ? 9.961   -12.415 3.768   1.00 2.75 ? 13  LYS A CD   1 
ATOM 166  C CE   . LYS A 1 13  ? 9.175   -12.360 5.078   1.00 2.93 ? 13  LYS A CE   1 
ATOM 167  N NZ   . LYS A 1 13  ? 9.072   -13.730 5.655   1.00 3.78 ? 13  LYS A NZ   1 
ATOM 168  H H    . LYS A 1 13  ? 7.947   -10.130 4.667   1.00 1.01 ? 13  LYS A H    1 
ATOM 169  H HA   . LYS A 1 13  ? 9.896   -8.861  4.281   1.00 1.00 ? 13  LYS A HA   1 
ATOM 170  H HB2  . LYS A 1 13  ? 9.694   -10.739 1.926   1.00 1.49 ? 13  LYS A HB2  1 
ATOM 171  H HB3  . LYS A 1 13  ? 11.089  -9.682  2.155   1.00 1.73 ? 13  LYS A HB3  1 
ATOM 172  H HG2  . LYS A 1 13  ? 11.855  -11.494 3.343   1.00 2.42 ? 13  LYS A HG2  1 
ATOM 173  H HG3  . LYS A 1 13  ? 10.940  -10.713 4.633   1.00 2.46 ? 13  LYS A HG3  1 
ATOM 174  H HD2  . LYS A 1 13  ? 9.275   -12.425 2.934   1.00 3.08 ? 13  LYS A HD2  1 
ATOM 175  H HD3  . LYS A 1 13  ? 10.563  -13.312 3.749   1.00 3.30 ? 13  LYS A HD3  1 
ATOM 176  H HE2  . LYS A 1 13  ? 9.685   -11.713 5.777   1.00 2.83 ? 13  LYS A HE2  1 
ATOM 177  H HE3  . LYS A 1 13  ? 8.185   -11.974 4.888   1.00 2.82 ? 13  LYS A HE3  1 
ATOM 178  H HZ1  . LYS A 1 13  ? 8.762   -14.395 4.917   1.00 4.21 ? 13  LYS A HZ1  1 
ATOM 179  H HZ2  . LYS A 1 13  ? 10.000  -14.026 6.016   1.00 4.11 ? 13  LYS A HZ2  1 
ATOM 180  H HZ3  . LYS A 1 13  ? 8.380   -13.728 6.433   1.00 3.99 ? 13  LYS A HZ3  1 
ATOM 181  N N    . GLY A 1 14  ? 9.003   -6.819  3.041   1.00 0.54 ? 14  GLY A N    1 
ATOM 182  C CA   . GLY A 1 14  ? 8.781   -5.593  2.218   1.00 0.51 ? 14  GLY A CA   1 
ATOM 183  C C    . GLY A 1 14  ? 7.707   -5.837  1.154   1.00 0.38 ? 14  GLY A C    1 
ATOM 184  O O    . GLY A 1 14  ? 7.770   -5.294  0.069   1.00 0.53 ? 14  GLY A O    1 
ATOM 185  H H    . GLY A 1 14  ? 9.055   -6.746  4.015   1.00 0.74 ? 14  GLY A H    1 
ATOM 186  H HA2  . GLY A 1 14  ? 8.468   -4.784  2.862   1.00 0.60 ? 14  GLY A HA2  1 
ATOM 187  H HA3  . GLY A 1 14  ? 9.706   -5.321  1.730   1.00 0.64 ? 14  GLY A HA3  1 
ATOM 188  N N    . GLU A 1 15  ? 6.718   -6.635  1.446   1.00 0.31 ? 15  GLU A N    1 
ATOM 189  C CA   . GLU A 1 15  ? 5.650   -6.880  0.434   1.00 0.30 ? 15  GLU A CA   1 
ATOM 190  C C    . GLU A 1 15  ? 4.312   -6.357  0.961   1.00 0.28 ? 15  GLU A C    1 
ATOM 191  O O    . GLU A 1 15  ? 3.972   -6.537  2.115   1.00 0.34 ? 15  GLU A O    1 
ATOM 192  C CB   . GLU A 1 15  ? 5.536   -8.377  0.156   1.00 0.44 ? 15  GLU A CB   1 
ATOM 193  C CG   . GLU A 1 15  ? 6.731   -8.835  -0.681  1.00 1.00 ? 15  GLU A CG   1 
ATOM 194  C CD   . GLU A 1 15  ? 6.600   -10.328 -0.985  1.00 1.40 ? 15  GLU A CD   1 
ATOM 195  O OE1  . GLU A 1 15  ? 6.818   -11.118 -0.080  1.00 1.27 ? 15  GLU A OE1  1 
ATOM 196  O OE2  . GLU A 1 15  ? 6.283   -10.657 -2.116  1.00 2.06 ? 15  GLU A OE2  1 
ATOM 197  H H    . GLU A 1 15  ? 6.672   -7.065  2.326   1.00 0.45 ? 15  GLU A H    1 
ATOM 198  H HA   . GLU A 1 15  ? 5.898   -6.362  -0.481  1.00 0.39 ? 15  GLU A HA   1 
ATOM 199  H HB2  . GLU A 1 15  ? 5.522   -8.911  1.092   1.00 0.78 ? 15  GLU A HB2  1 
ATOM 200  H HB3  . GLU A 1 15  ? 4.623   -8.574  -0.384  1.00 0.97 ? 15  GLU A HB3  1 
ATOM 201  H HG2  . GLU A 1 15  ? 6.755   -8.279  -1.607  1.00 1.39 ? 15  GLU A HG2  1 
ATOM 202  H HG3  . GLU A 1 15  ? 7.644   -8.660  -0.132  1.00 1.33 ? 15  GLU A HG3  1 
ATOM 203  N N    . VAL A 1 16  ? 3.552   -5.711  0.121   1.00 0.26 ? 16  VAL A N    1 
ATOM 204  C CA   . VAL A 1 16  ? 2.238   -5.171  0.564   1.00 0.25 ? 16  VAL A CA   1 
ATOM 205  C C    . VAL A 1 16  ? 1.169   -5.511  -0.478  1.00 0.26 ? 16  VAL A C    1 
ATOM 206  O O    . VAL A 1 16  ? 1.363   -5.328  -1.663  1.00 0.29 ? 16  VAL A O    1 
ATOM 207  C CB   . VAL A 1 16  ? 2.344   -3.655  0.709   1.00 0.28 ? 16  VAL A CB   1 
ATOM 208  C CG1  . VAL A 1 16  ? 0.945   -3.052  0.857   1.00 0.31 ? 16  VAL A CG1  1 
ATOM 209  C CG2  . VAL A 1 16  ? 3.177   -3.320  1.948   1.00 0.28 ? 16  VAL A CG2  1 
ATOM 210  H H    . VAL A 1 16  ? 3.848   -5.577  -0.803  1.00 0.30 ? 16  VAL A H    1 
ATOM 211  H HA   . VAL A 1 16  ? 1.969   -5.607  1.515   1.00 0.24 ? 16  VAL A HA   1 
ATOM 212  H HB   . VAL A 1 16  ? 2.822   -3.247  -0.169  1.00 0.32 ? 16  VAL A HB   1 
ATOM 213  H HG11 . VAL A 1 16  ? 0.231   -3.841  1.041   1.00 1.06 ? 16  VAL A HG11 1 
ATOM 214  H HG12 . VAL A 1 16  ? 0.937   -2.359  1.685   1.00 1.05 ? 16  VAL A HG12 1 
ATOM 215  H HG13 . VAL A 1 16  ? 0.680   -2.531  -0.051  1.00 1.09 ? 16  VAL A HG13 1 
ATOM 216  H HG21 . VAL A 1 16  ? 3.941   -4.072  2.082   1.00 1.06 ? 16  VAL A HG21 1 
ATOM 217  H HG22 . VAL A 1 16  ? 3.640   -2.354  1.820   1.00 1.06 ? 16  VAL A HG22 1 
ATOM 218  H HG23 . VAL A 1 16  ? 2.537   -3.300  2.818   1.00 1.05 ? 16  VAL A HG23 1 
ATOM 219  N N    . PHE A 1 17  ? 0.043   -6.002  -0.043  1.00 0.26 ? 17  PHE A N    1 
ATOM 220  C CA   . PHE A 1 17  ? -1.041  -6.353  -1.003  1.00 0.27 ? 17  PHE A CA   1 
ATOM 221  C C    . PHE A 1 17  ? -2.171  -5.326  -0.897  1.00 0.29 ? 17  PHE A C    1 
ATOM 222  O O    . PHE A 1 17  ? -2.869  -5.260  0.096   1.00 0.28 ? 17  PHE A O    1 
ATOM 223  C CB   . PHE A 1 17  ? -1.594  -7.742  -0.668  1.00 0.28 ? 17  PHE A CB   1 
ATOM 224  C CG   . PHE A 1 17  ? -0.661  -8.823  -1.175  1.00 0.29 ? 17  PHE A CG   1 
ATOM 225  C CD1  . PHE A 1 17  ? 0.546   -8.489  -1.805  1.00 1.23 ? 17  PHE A CD1  1 
ATOM 226  C CD2  . PHE A 1 17  ? -1.014  -10.168 -1.011  1.00 1.08 ? 17  PHE A CD2  1 
ATOM 227  C CE1  . PHE A 1 17  ? 1.396   -9.502  -2.269  1.00 1.26 ? 17  PHE A CE1  1 
ATOM 228  C CE2  . PHE A 1 17  ? -0.164  -11.179 -1.476  1.00 1.07 ? 17  PHE A CE2  1 
ATOM 229  C CZ   . PHE A 1 17  ? 1.041   -10.845 -2.105  1.00 0.38 ? 17  PHE A CZ   1 
ATOM 230  H H    . PHE A 1 17  ? -0.090  -6.139  0.915   1.00 0.25 ? 17  PHE A H    1 
ATOM 231  H HA   . PHE A 1 17  ? -0.650  -6.353  -2.010  1.00 0.28 ? 17  PHE A HA   1 
ATOM 232  H HB2  . PHE A 1 17  ? -1.699  -7.834  0.401   1.00 0.30 ? 17  PHE A HB2  1 
ATOM 233  H HB3  . PHE A 1 17  ? -2.563  -7.860  -1.133  1.00 0.30 ? 17  PHE A HB3  1 
ATOM 234  H HD1  . PHE A 1 17  ? 0.823   -7.455  -1.932  1.00 2.06 ? 17  PHE A HD1  1 
ATOM 235  H HD2  . PHE A 1 17  ? -1.943  -10.427 -0.526  1.00 1.93 ? 17  PHE A HD2  1 
ATOM 236  H HE1  . PHE A 1 17  ? 2.327   -9.244  -2.755  1.00 2.11 ? 17  PHE A HE1  1 
ATOM 237  H HE2  . PHE A 1 17  ? -0.437  -12.216 -1.348  1.00 1.90 ? 17  PHE A HE2  1 
ATOM 238  H HZ   . PHE A 1 17  ? 1.696   -11.624 -2.464  1.00 0.43 ? 17  PHE A HZ   1 
ATOM 239  N N    . LEU A 1 18  ? -2.362  -4.531  -1.912  1.00 0.29 ? 18  LEU A N    1 
ATOM 240  C CA   . LEU A 1 18  ? -3.453  -3.515  -1.869  1.00 0.30 ? 18  LEU A CA   1 
ATOM 241  C C    . LEU A 1 18  ? -4.774  -4.180  -2.265  1.00 0.30 ? 18  LEU A C    1 
ATOM 242  O O    . LEU A 1 18  ? -4.792  -5.260  -2.821  1.00 0.31 ? 18  LEU A O    1 
ATOM 243  C CB   . LEU A 1 18  ? -3.139  -2.376  -2.841  1.00 0.32 ? 18  LEU A CB   1 
ATOM 244  C CG   . LEU A 1 18  ? -2.188  -1.382  -2.171  1.00 0.41 ? 18  LEU A CG   1 
ATOM 245  C CD1  . LEU A 1 18  ? -0.742  -1.835  -2.384  1.00 0.67 ? 18  LEU A CD1  1 
ATOM 246  C CD2  . LEU A 1 18  ? -2.382  0.004   -2.789  1.00 0.53 ? 18  LEU A CD2  1 
ATOM 247  H H    . LEU A 1 18  ? -1.792  -4.606  -2.704  1.00 0.30 ? 18  LEU A H    1 
ATOM 248  H HA   . LEU A 1 18  ? -3.538  -3.120  -0.867  1.00 0.30 ? 18  LEU A HA   1 
ATOM 249  H HB2  . LEU A 1 18  ? -2.675  -2.776  -3.731  1.00 0.40 ? 18  LEU A HB2  1 
ATOM 250  H HB3  . LEU A 1 18  ? -4.053  -1.868  -3.109  1.00 0.31 ? 18  LEU A HB3  1 
ATOM 251  H HG   . LEU A 1 18  ? -2.399  -1.340  -1.111  1.00 0.52 ? 18  LEU A HG   1 
ATOM 252  H HD11 . LEU A 1 18  ? -0.723  -2.897  -2.580  1.00 1.18 ? 18  LEU A HD11 1 
ATOM 253  H HD12 . LEU A 1 18  ? -0.319  -1.307  -3.225  1.00 1.31 ? 18  LEU A HD12 1 
ATOM 254  H HD13 . LEU A 1 18  ? -0.164  -1.622  -1.496  1.00 1.15 ? 18  LEU A HD13 1 
ATOM 255  H HD21 . LEU A 1 18  ? -2.999  -0.079  -3.672  1.00 1.24 ? 18  LEU A HD21 1 
ATOM 256  H HD22 . LEU A 1 18  ? -2.863  0.653   -2.072  1.00 1.13 ? 18  LEU A HD22 1 
ATOM 257  H HD23 . LEU A 1 18  ? -1.421  0.415   -3.059  1.00 1.15 ? 18  LEU A HD23 1 
ATOM 258  N N    . TYR A 1 19  ? -5.879  -3.548  -1.980  1.00 0.31 ? 19  TYR A N    1 
ATOM 259  C CA   . TYR A 1 19  ? -7.193  -4.153  -2.337  1.00 0.32 ? 19  TYR A CA   1 
ATOM 260  C C    . TYR A 1 19  ? -8.200  -3.051  -2.677  1.00 0.33 ? 19  TYR A C    1 
ATOM 261  O O    . TYR A 1 19  ? -8.609  -2.288  -1.823  1.00 0.35 ? 19  TYR A O    1 
ATOM 262  C CB   . TYR A 1 19  ? -7.722  -4.962  -1.151  1.00 0.35 ? 19  TYR A CB   1 
ATOM 263  C CG   . TYR A 1 19  ? -7.202  -6.378  -1.225  1.00 0.41 ? 19  TYR A CG   1 
ATOM 264  C CD1  . TYR A 1 19  ? -5.882  -6.659  -0.857  1.00 1.24 ? 19  TYR A CD1  1 
ATOM 265  C CD2  . TYR A 1 19  ? -8.043  -7.410  -1.658  1.00 1.28 ? 19  TYR A CD2  1 
ATOM 266  C CE1  . TYR A 1 19  ? -5.401  -7.973  -0.921  1.00 1.28 ? 19  TYR A CE1  1 
ATOM 267  C CE2  . TYR A 1 19  ? -7.563  -8.723  -1.723  1.00 1.40 ? 19  TYR A CE2  1 
ATOM 268  C CZ   . TYR A 1 19  ? -6.243  -9.005  -1.355  1.00 0.78 ? 19  TYR A CZ   1 
ATOM 269  O OH   . TYR A 1 19  ? -5.769  -10.299 -1.419  1.00 1.00 ? 19  TYR A OH   1 
ATOM 270  H H    . TYR A 1 19  ? -5.845  -2.678  -1.528  1.00 0.31 ? 19  TYR A H    1 
ATOM 271  H HA   . TYR A 1 19  ? -7.072  -4.806  -3.189  1.00 0.33 ? 19  TYR A HA   1 
ATOM 272  H HB2  . TYR A 1 19  ? -7.393  -4.505  -0.229  1.00 0.42 ? 19  TYR A HB2  1 
ATOM 273  H HB3  . TYR A 1 19  ? -8.800  -4.974  -1.182  1.00 0.44 ? 19  TYR A HB3  1 
ATOM 274  H HD1  . TYR A 1 19  ? -5.233  -5.864  -0.522  1.00 2.09 ? 19  TYR A HD1  1 
ATOM 275  H HD2  . TYR A 1 19  ? -9.062  -7.193  -1.943  1.00 2.10 ? 19  TYR A HD2  1 
ATOM 276  H HE1  . TYR A 1 19  ? -4.383  -8.190  -0.637  1.00 2.11 ? 19  TYR A HE1  1 
ATOM 277  H HE2  . TYR A 1 19  ? -8.213  -9.520  -2.056  1.00 2.27 ? 19  TYR A HE2  1 
ATOM 278  H HH   . TYR A 1 19  ? -4.963  -10.347 -0.900  1.00 1.13 ? 19  TYR A HH   1 
ATOM 279  N N    . LYS A 1 20  ? -8.613  -2.970  -3.914  1.00 0.37 ? 20  LYS A N    1 
ATOM 280  C CA   . LYS A 1 20  ? -9.604  -1.926  -4.299  1.00 0.40 ? 20  LYS A CA   1 
ATOM 281  C C    . LYS A 1 20  ? -10.730 -1.912  -3.265  1.00 0.38 ? 20  LYS A C    1 
ATOM 282  O O    . LYS A 1 20  ? -11.143 -2.941  -2.772  1.00 0.39 ? 20  LYS A O    1 
ATOM 283  C CB   . LYS A 1 20  ? -10.179 -2.250  -5.681  1.00 0.47 ? 20  LYS A CB   1 
ATOM 284  C CG   . LYS A 1 20  ? -11.329 -1.293  -6.000  1.00 1.06 ? 20  LYS A CG   1 
ATOM 285  C CD   . LYS A 1 20  ? -12.207 -1.900  -7.097  1.00 1.60 ? 20  LYS A CD   1 
ATOM 286  C CE   . LYS A 1 20  ? -12.625 -0.806  -8.082  1.00 1.88 ? 20  LYS A CE   1 
ATOM 287  N NZ   . LYS A 1 20  ? -13.782 -1.281  -8.892  1.00 2.43 ? 20  LYS A NZ   1 
ATOM 288  H H    . LYS A 1 20  ? -8.279  -3.600  -4.585  1.00 0.39 ? 20  LYS A H    1 
ATOM 289  H HA   . LYS A 1 20  ? -9.121  -0.960  -4.324  1.00 0.43 ? 20  LYS A HA   1 
ATOM 290  H HB2  . LYS A 1 20  ? -9.405  -2.143  -6.427  1.00 0.98 ? 20  LYS A HB2  1 
ATOM 291  H HB3  . LYS A 1 20  ? -10.548 -3.265  -5.689  1.00 0.87 ? 20  LYS A HB3  1 
ATOM 292  H HG2  . LYS A 1 20  ? -11.923 -1.130  -5.112  1.00 1.48 ? 20  LYS A HG2  1 
ATOM 293  H HG3  . LYS A 1 20  ? -10.930 -0.350  -6.343  1.00 1.57 ? 20  LYS A HG3  1 
ATOM 294  H HD2  . LYS A 1 20  ? -11.651 -2.663  -7.620  1.00 2.24 ? 20  LYS A HD2  1 
ATOM 295  H HD3  . LYS A 1 20  ? -13.088 -2.336  -6.653  1.00 2.09 ? 20  LYS A HD3  1 
ATOM 296  H HE2  . LYS A 1 20  ? -12.908 0.081   -7.535  1.00 2.26 ? 20  LYS A HE2  1 
ATOM 297  H HE3  . LYS A 1 20  ? -11.798 -0.577  -8.737  1.00 2.34 ? 20  LYS A HE3  1 
ATOM 298  H HZ1  . LYS A 1 20  ? -14.491 -1.713  -8.265  1.00 2.71 ? 20  LYS A HZ1  1 
ATOM 299  H HZ2  . LYS A 1 20  ? -14.208 -0.475  -9.394  1.00 2.65 ? 20  LYS A HZ2  1 
ATOM 300  H HZ3  . LYS A 1 20  ? -13.456 -1.988  -9.580  1.00 2.98 ? 20  LYS A HZ3  1 
ATOM 301  N N    . HIS A 1 21  ? -11.228 -0.755  -2.925  1.00 0.39 ? 21  HIS A N    1 
ATOM 302  C CA   . HIS A 1 21  ? -12.321 -0.690  -1.916  1.00 0.41 ? 21  HIS A CA   1 
ATOM 303  C C    . HIS A 1 21  ? -11.791 -1.197  -0.573  1.00 0.42 ? 21  HIS A C    1 
ATOM 304  O O    . HIS A 1 21  ? -10.731 -1.786  -0.498  1.00 0.38 ? 21  HIS A O    1 
ATOM 305  C CB   . HIS A 1 21  ? -13.490 -1.565  -2.372  1.00 0.45 ? 21  HIS A CB   1 
ATOM 306  C CG   . HIS A 1 21  ? -13.916 -1.154  -3.755  1.00 0.50 ? 21  HIS A CG   1 
ATOM 307  N ND1  . HIS A 1 21  ? -13.816 0.155   -4.201  1.00 0.60 ? 21  HIS A ND1  1 
ATOM 308  C CD2  . HIS A 1 21  ? -14.447 -1.868  -4.800  1.00 0.61 ? 21  HIS A CD2  1 
ATOM 309  C CE1  . HIS A 1 21  ? -14.276 0.187   -5.465  1.00 0.74 ? 21  HIS A CE1  1 
ATOM 310  N NE2  . HIS A 1 21  ? -14.674 -1.019  -5.880  1.00 0.76 ? 21  HIS A NE2  1 
ATOM 311  H H    . HIS A 1 21  ? -10.880 0.068   -3.327  1.00 0.43 ? 21  HIS A H    1 
ATOM 312  H HA   . HIS A 1 21  ? -12.652 0.332   -1.808  1.00 0.44 ? 21  HIS A HA   1 
ATOM 313  H HB2  . HIS A 1 21  ? -13.180 -2.597  -2.384  1.00 0.46 ? 21  HIS A HB2  1 
ATOM 314  H HB3  . HIS A 1 21  ? -14.321 -1.448  -1.692  1.00 0.57 ? 21  HIS A HB3  1 
ATOM 315  H HD1  . HIS A 1 21  ? -13.472 0.916   -3.690  1.00 0.63 ? 21  HIS A HD1  1 
ATOM 316  H HD2  . HIS A 1 21  ? -14.658 -2.927  -4.787  1.00 0.66 ? 21  HIS A HD2  1 
ATOM 317  H HE1  . HIS A 1 21  ? -14.319 1.080   -6.072  1.00 0.87 ? 21  HIS A HE1  1 
ATOM 318  N N    . VAL A 1 22  ? -12.511 -0.965  0.489   1.00 0.55 ? 22  VAL A N    1 
ATOM 319  C CA   . VAL A 1 22  ? -12.035 -1.425  1.825   1.00 0.58 ? 22  VAL A CA   1 
ATOM 320  C C    . VAL A 1 22  ? -12.390 -2.898  2.039   1.00 0.59 ? 22  VAL A C    1 
ATOM 321  O O    . VAL A 1 22  ? -12.947 -3.554  1.181   1.00 0.59 ? 22  VAL A O    1 
ATOM 322  C CB   . VAL A 1 22  ? -12.700 -0.588  2.918   1.00 0.66 ? 22  VAL A CB   1 
ATOM 323  C CG1  . VAL A 1 22  ? -12.321 0.882   2.738   1.00 0.70 ? 22  VAL A CG1  1 
ATOM 324  C CG2  . VAL A 1 22  ? -14.221 -0.737  2.820   1.00 0.77 ? 22  VAL A CG2  1 
ATOM 325  H H    . VAL A 1 22  ? -13.357 -0.480  0.410   1.00 0.66 ? 22  VAL A H    1 
ATOM 326  H HA   . VAL A 1 22  ? -10.963 -1.304  1.886   1.00 0.54 ? 22  VAL A HA   1 
ATOM 327  H HB   . VAL A 1 22  ? -12.366 -0.930  3.887   1.00 0.67 ? 22  VAL A HB   1 
ATOM 328  H HG11 . VAL A 1 22  ? -12.644 1.221   1.765   1.00 1.10 ? 22  VAL A HG11 1 
ATOM 329  H HG12 . VAL A 1 22  ? -12.803 1.474   3.503   1.00 1.32 ? 22  VAL A HG12 1 
ATOM 330  H HG13 . VAL A 1 22  ? -11.250 0.990   2.820   1.00 1.29 ? 22  VAL A HG13 1 
ATOM 331  H HG21 . VAL A 1 22  ? -14.462 -1.483  2.078   1.00 1.23 ? 22  VAL A HG21 1 
ATOM 332  H HG22 . VAL A 1 22  ? -14.615 -1.041  3.779   1.00 1.42 ? 22  VAL A HG22 1 
ATOM 333  H HG23 . VAL A 1 22  ? -14.657 0.209   2.535   1.00 1.10 ? 22  VAL A HG23 1 
ATOM 334  N N    . ASN A 1 23  ? -12.065 -3.411  3.193   1.00 0.62 ? 23  ASN A N    1 
ATOM 335  C CA   . ASN A 1 23  ? -12.369 -4.834  3.518   1.00 0.66 ? 23  ASN A CA   1 
ATOM 336  C C    . ASN A 1 23  ? -12.096 -5.732  2.307   1.00 0.64 ? 23  ASN A C    1 
ATOM 337  O O    . ASN A 1 23  ? -12.931 -6.522  1.913   1.00 0.68 ? 23  ASN A O    1 
ATOM 338  C CB   . ASN A 1 23  ? -13.836 -4.960  3.932   1.00 0.73 ? 23  ASN A CB   1 
ATOM 339  C CG   . ASN A 1 23  ? -14.725 -4.270  2.896   1.00 1.25 ? 23  ASN A CG   1 
ATOM 340  O OD1  . ASN A 1 23  ? -14.862 -4.743  1.786   1.00 2.15 ? 23  ASN A OD1  1 
ATOM 341  N ND2  . ASN A 1 23  ? -15.339 -3.163  3.214   1.00 1.70 ? 23  ASN A ND2  1 
ATOM 342  H H    . ASN A 1 23  ? -11.620 -2.848  3.859   1.00 0.63 ? 23  ASN A H    1 
ATOM 343  H HA   . ASN A 1 23  ? -11.741 -5.149  4.337   1.00 0.67 ? 23  ASN A HA   1 
ATOM 344  H HB2  . ASN A 1 23  ? -14.103 -6.004  3.998   1.00 1.24 ? 23  ASN A HB2  1 
ATOM 345  H HB3  . ASN A 1 23  ? -13.979 -4.490  4.893   1.00 1.08 ? 23  ASN A HB3  1 
ATOM 346  H HD21 . ASN A 1 23  ? -15.229 -2.782  4.110   1.00 1.95 ? 23  ASN A HD21 1 
ATOM 347  H HD22 . ASN A 1 23  ? -15.911 -2.714  2.557   1.00 2.31 ? 23  ASN A HD22 1 
ATOM 348  N N    . PHE A 1 24  ? -10.926 -5.629  1.735   1.00 0.60 ? 24  PHE A N    1 
ATOM 349  C CA   . PHE A 1 24  ? -10.568 -6.482  0.559   1.00 0.60 ? 24  PHE A CA   1 
ATOM 350  C C    . PHE A 1 24  ? -11.793 -6.713  -0.332  1.00 0.59 ? 24  PHE A C    1 
ATOM 351  O O    . PHE A 1 24  ? -12.095 -7.830  -0.703  1.00 0.69 ? 24  PHE A O    1 
ATOM 352  C CB   . PHE A 1 24  ? -10.050 -7.832  1.055   1.00 0.67 ? 24  PHE A CB   1 
ATOM 353  C CG   . PHE A 1 24  ? -9.255  -7.629  2.322   1.00 1.26 ? 24  PHE A CG   1 
ATOM 354  C CD1  . PHE A 1 24  ? -8.208  -6.701  2.349   1.00 2.16 ? 24  PHE A CD1  1 
ATOM 355  C CD2  . PHE A 1 24  ? -9.563  -8.370  3.468   1.00 1.92 ? 24  PHE A CD2  1 
ATOM 356  C CE1  . PHE A 1 24  ? -7.468  -6.513  3.522   1.00 2.90 ? 24  PHE A CE1  1 
ATOM 357  C CE2  . PHE A 1 24  ? -8.824  -8.183  4.642   1.00 2.63 ? 24  PHE A CE2  1 
ATOM 358  C CZ   . PHE A 1 24  ? -7.777  -7.254  4.669   1.00 2.93 ? 24  PHE A CZ   1 
ATOM 359  H H    . PHE A 1 24  ? -10.269 -4.994  2.088   1.00 0.60 ? 24  PHE A H    1 
ATOM 360  H HA   . PHE A 1 24  ? -9.795  -5.996  -0.014  1.00 0.57 ? 24  PHE A HA   1 
ATOM 361  H HB2  . PHE A 1 24  ? -10.886 -8.487  1.256   1.00 0.80 ? 24  PHE A HB2  1 
ATOM 362  H HB3  . PHE A 1 24  ? -9.418  -8.274  0.301   1.00 1.07 ? 24  PHE A HB3  1 
ATOM 363  H HD1  . PHE A 1 24  ? -7.970  -6.129  1.463   1.00 2.64 ? 24  PHE A HD1  1 
ATOM 364  H HD2  . PHE A 1 24  ? -10.371 -9.086  3.448   1.00 2.37 ? 24  PHE A HD2  1 
ATOM 365  H HE1  . PHE A 1 24  ? -6.660  -5.797  3.543   1.00 3.75 ? 24  PHE A HE1  1 
ATOM 366  H HE2  . PHE A 1 24  ? -9.062  -8.753  5.527   1.00 3.31 ? 24  PHE A HE2  1 
ATOM 367  H HZ   . PHE A 1 24  ? -7.206  -7.110  5.572   1.00 3.60 ? 24  PHE A HZ   1 
ATOM 368  N N    . GLN A 1 25  ? -12.502 -5.676  -0.682  1.00 0.50 ? 25  GLN A N    1 
ATOM 369  C CA   . GLN A 1 25  ? -13.700 -5.862  -1.550  1.00 0.52 ? 25  GLN A CA   1 
ATOM 370  C C    . GLN A 1 25  ? -13.403 -5.326  -2.952  1.00 0.49 ? 25  GLN A C    1 
ATOM 371  O O    . GLN A 1 25  ? -13.912 -4.300  -3.357  1.00 0.52 ? 25  GLN A O    1 
ATOM 372  C CB   . GLN A 1 25  ? -14.891 -5.111  -0.949  1.00 0.55 ? 25  GLN A CB   1 
ATOM 373  C CG   . GLN A 1 25  ? -16.020 -5.031  -1.978  1.00 0.63 ? 25  GLN A CG   1 
ATOM 374  C CD   . GLN A 1 25  ? -17.369 -5.139  -1.266  1.00 1.06 ? 25  GLN A CD   1 
ATOM 375  O OE1  . GLN A 1 25  ? -17.545 -5.969  -0.396  1.00 1.73 ? 25  GLN A OE1  1 
ATOM 376  N NE2  . GLN A 1 25  ? -18.336 -4.332  -1.602  1.00 1.61 ? 25  GLN A NE2  1 
ATOM 377  H H    . GLN A 1 25  ? -12.247 -4.779  -0.378  1.00 0.46 ? 25  GLN A H    1 
ATOM 378  H HA   . GLN A 1 25  ? -13.934 -6.913  -1.612  1.00 0.57 ? 25  GLN A HA   1 
ATOM 379  H HB2  . GLN A 1 25  ? -15.240 -5.637  -0.072  1.00 0.58 ? 25  GLN A HB2  1 
ATOM 380  H HB3  . GLN A 1 25  ? -14.587 -4.113  -0.672  1.00 0.53 ? 25  GLN A HB3  1 
ATOM 381  H HG2  . GLN A 1 25  ? -15.963 -4.088  -2.502  1.00 0.86 ? 25  GLN A HG2  1 
ATOM 382  H HG3  . GLN A 1 25  ? -15.921 -5.842  -2.684  1.00 1.03 ? 25  GLN A HG3  1 
ATOM 383  H HE21 . GLN A 1 25  ? -18.195 -3.663  -2.304  1.00 1.94 ? 25  GLN A HE21 1 
ATOM 384  H HE22 . GLN A 1 25  ? -19.205 -4.393  -1.152  1.00 2.07 ? 25  GLN A HE22 1 
ATOM 385  N N    . GLY A 1 26  ? -12.584 -6.017  -3.696  1.00 0.50 ? 26  GLY A N    1 
ATOM 386  C CA   . GLY A 1 26  ? -12.254 -5.551  -5.074  1.00 0.49 ? 26  GLY A CA   1 
ATOM 387  C C    . GLY A 1 26  ? -10.969 -6.233  -5.547  1.00 0.47 ? 26  GLY A C    1 
ATOM 388  O O    . GLY A 1 26  ? -10.382 -7.030  -4.844  1.00 0.47 ? 26  GLY A O    1 
ATOM 389  H H    . GLY A 1 26  ? -12.187 -6.843  -3.350  1.00 0.55 ? 26  GLY A H    1 
ATOM 390  H HA2  . GLY A 1 26  ? -13.066 -5.803  -5.742  1.00 0.55 ? 26  GLY A HA2  1 
ATOM 391  H HA3  . GLY A 1 26  ? -12.109 -4.482  -5.067  1.00 0.48 ? 26  GLY A HA3  1 
ATOM 392  N N    . ASP A 1 27  ? -10.528 -5.924  -6.737  1.00 0.52 ? 27  ASP A N    1 
ATOM 393  C CA   . ASP A 1 27  ? -9.280  -6.553  -7.255  1.00 0.54 ? 27  ASP A CA   1 
ATOM 394  C C    . ASP A 1 27  ? -8.155  -6.373  -6.234  1.00 0.46 ? 27  ASP A C    1 
ATOM 395  O O    . ASP A 1 27  ? -8.240  -5.554  -5.340  1.00 0.50 ? 27  ASP A O    1 
ATOM 396  C CB   . ASP A 1 27  ? -8.884  -5.886  -8.574  1.00 0.62 ? 27  ASP A CB   1 
ATOM 397  C CG   . ASP A 1 27  ? -9.512  -6.649  -9.742  1.00 1.04 ? 27  ASP A CG   1 
ATOM 398  O OD1  . ASP A 1 27  ? -10.511 -7.314  -9.522  1.00 1.66 ? 27  ASP A OD1  1 
ATOM 399  O OD2  . ASP A 1 27  ? -8.982  -6.556  -10.837 1.00 1.65 ? 27  ASP A OD2  1 
ATOM 400  H H    . ASP A 1 27  ? -11.016 -5.277  -7.288  1.00 0.57 ? 27  ASP A H    1 
ATOM 401  H HA   . ASP A 1 27  ? -9.449  -7.606  -7.421  1.00 0.59 ? 27  ASP A HA   1 
ATOM 402  H HB2  . ASP A 1 27  ? -9.235  -4.865  -8.581  1.00 0.76 ? 27  ASP A HB2  1 
ATOM 403  H HB3  . ASP A 1 27  ? -7.808  -5.899  -8.675  1.00 0.90 ? 27  ASP A HB3  1 
ATOM 404  N N    . SER A 1 28  ? -7.103  -7.136  -6.355  1.00 0.45 ? 28  SER A N    1 
ATOM 405  C CA   . SER A 1 28  ? -5.976  -7.012  -5.388  1.00 0.40 ? 28  SER A CA   1 
ATOM 406  C C    . SER A 1 28  ? -4.674  -6.734  -6.145  1.00 0.37 ? 28  SER A C    1 
ATOM 407  O O    . SER A 1 28  ? -4.417  -7.303  -7.187  1.00 0.37 ? 28  SER A O    1 
ATOM 408  C CB   . SER A 1 28  ? -5.843  -8.316  -4.600  1.00 0.45 ? 28  SER A CB   1 
ATOM 409  O OG   . SER A 1 28  ? -5.057  -9.240  -5.342  1.00 0.46 ? 28  SER A OG   1 
ATOM 410  H H    . SER A 1 28  ? -7.056  -7.793  -7.079  1.00 0.53 ? 28  SER A H    1 
ATOM 411  H HA   . SER A 1 28  ? -6.175  -6.200  -4.706  1.00 0.41 ? 28  SER A HA   1 
ATOM 412  H HB2  . SER A 1 28  ? -5.363  -8.121  -3.654  1.00 0.46 ? 28  SER A HB2  1 
ATOM 413  H HB3  . SER A 1 28  ? -6.829  -8.726  -4.424  1.00 0.49 ? 28  SER A HB3  1 
ATOM 414  H HG   . SER A 1 28  ? -5.628  -9.962  -5.614  1.00 0.71 ? 28  SER A HG   1 
ATOM 415  N N    . TRP A 1 29  ? -3.849  -5.865  -5.625  1.00 0.37 ? 29  TRP A N    1 
ATOM 416  C CA   . TRP A 1 29  ? -2.564  -5.553  -6.311  1.00 0.36 ? 29  TRP A CA   1 
ATOM 417  C C    . TRP A 1 29  ? -1.394  -6.000  -5.433  1.00 0.35 ? 29  TRP A C    1 
ATOM 418  O O    . TRP A 1 29  ? -1.483  -6.012  -4.221  1.00 0.34 ? 29  TRP A O    1 
ATOM 419  C CB   . TRP A 1 29  ? -2.469  -4.049  -6.568  1.00 0.39 ? 29  TRP A CB   1 
ATOM 420  C CG   . TRP A 1 29  ? -3.023  -3.743  -7.923  1.00 0.43 ? 29  TRP A CG   1 
ATOM 421  C CD1  . TRP A 1 29  ? -2.284  -3.451  -9.017  1.00 0.92 ? 29  TRP A CD1  1 
ATOM 422  C CD2  . TRP A 1 29  ? -4.417  -3.695  -8.344  1.00 1.45 ? 29  TRP A CD2  1 
ATOM 423  N NE1  . TRP A 1 29  ? -3.136  -3.232  -10.085 1.00 0.56 ? 29  TRP A NE1  1 
ATOM 424  C CE2  . TRP A 1 29  ? -4.460  -3.369  -9.720  1.00 1.06 ? 29  TRP A CE2  1 
ATOM 425  C CE3  . TRP A 1 29  ? -5.635  -3.903  -7.672  1.00 2.80 ? 29  TRP A CE3  1 
ATOM 426  C CZ2  . TRP A 1 29  ? -5.669  -3.253  -10.405 1.00 1.94 ? 29  TRP A CZ2  1 
ATOM 427  C CZ3  . TRP A 1 29  ? -6.854  -3.786  -8.359  1.00 3.71 ? 29  TRP A CZ3  1 
ATOM 428  C CH2  . TRP A 1 29  ? -6.872  -3.462  -9.722  1.00 3.27 ? 29  TRP A CH2  1 
ATOM 429  H H    . TRP A 1 29  ? -4.075  -5.419  -4.783  1.00 0.40 ? 29  TRP A H    1 
ATOM 430  H HA   . TRP A 1 29  ? -2.524  -6.077  -7.252  1.00 0.35 ? 29  TRP A HA   1 
ATOM 431  H HB2  . TRP A 1 29  ? -3.035  -3.520  -5.818  1.00 0.41 ? 29  TRP A HB2  1 
ATOM 432  H HB3  . TRP A 1 29  ? -1.434  -3.741  -6.525  1.00 0.40 ? 29  TRP A HB3  1 
ATOM 433  H HD1  . TRP A 1 29  ? -1.206  -3.398  -9.053  1.00 1.90 ? 29  TRP A HD1  1 
ATOM 434  H HE1  . TRP A 1 29  ? -2.854  -3.005  -10.995 1.00 1.05 ? 29  TRP A HE1  1 
ATOM 435  H HE3  . TRP A 1 29  ? -5.632  -4.154  -6.621  1.00 3.14 ? 29  TRP A HE3  1 
ATOM 436  H HZ2  . TRP A 1 29  ? -5.677  -3.003  -11.456 1.00 1.61 ? 29  TRP A HZ2  1 
ATOM 437  H HZ3  . TRP A 1 29  ? -7.784  -3.948  -7.833  1.00 4.75 ? 29  TRP A HZ3  1 
ATOM 438  H HH2  . TRP A 1 29  ? -7.812  -3.374  -10.245 1.00 3.98 ? 29  TRP A HH2  1 
ATOM 439  N N    . LYS A 1 30  ? -0.299  -6.375  -6.035  1.00 0.36 ? 30  LYS A N    1 
ATOM 440  C CA   . LYS A 1 30  ? 0.875   -6.827  -5.235  1.00 0.35 ? 30  LYS A CA   1 
ATOM 441  C C    . LYS A 1 30  ? 2.066   -5.904  -5.498  1.00 0.37 ? 30  LYS A C    1 
ATOM 442  O O    . LYS A 1 30  ? 2.546   -5.795  -6.609  1.00 0.42 ? 30  LYS A O    1 
ATOM 443  C CB   . LYS A 1 30  ? 1.241   -8.257  -5.637  1.00 0.35 ? 30  LYS A CB   1 
ATOM 444  C CG   . LYS A 1 30  ? 2.616   -8.616  -5.071  1.00 0.36 ? 30  LYS A CG   1 
ATOM 445  C CD   . LYS A 1 30  ? 3.699   -8.228  -6.078  1.00 1.01 ? 30  LYS A CD   1 
ATOM 446  C CE   . LYS A 1 30  ? 4.757   -9.331  -6.140  1.00 1.04 ? 30  LYS A CE   1 
ATOM 447  N NZ   . LYS A 1 30  ? 4.306   -10.399 -7.075  1.00 1.67 ? 30  LYS A NZ   1 
ATOM 448  H H    . LYS A 1 30  ? -0.250  -6.362  -7.014  1.00 0.37 ? 30  LYS A H    1 
ATOM 449  H HA   . LYS A 1 30  ? 0.625   -6.802  -4.183  1.00 0.34 ? 30  LYS A HA   1 
ATOM 450  H HB2  . LYS A 1 30  ? 0.501   -8.940  -5.247  1.00 0.36 ? 30  LYS A HB2  1 
ATOM 451  H HB3  . LYS A 1 30  ? 1.267   -8.332  -6.714  1.00 0.38 ? 30  LYS A HB3  1 
ATOM 452  H HG2  . LYS A 1 30  ? 2.775   -8.082  -4.146  1.00 0.89 ? 30  LYS A HG2  1 
ATOM 453  H HG3  . LYS A 1 30  ? 2.664   -9.679  -4.886  1.00 0.81 ? 30  LYS A HG3  1 
ATOM 454  H HD2  . LYS A 1 30  ? 3.255   -8.099  -7.054  1.00 1.76 ? 30  LYS A HD2  1 
ATOM 455  H HD3  . LYS A 1 30  ? 4.165   -7.303  -5.769  1.00 1.82 ? 30  LYS A HD3  1 
ATOM 456  H HE2  . LYS A 1 30  ? 5.691   -8.916  -6.490  1.00 1.65 ? 30  LYS A HE2  1 
ATOM 457  H HE3  . LYS A 1 30  ? 4.898   -9.750  -5.155  1.00 1.50 ? 30  LYS A HE3  1 
ATOM 458  H HZ1  . LYS A 1 30  ? 3.284   -10.553 -6.960  1.00 2.12 ? 30  LYS A HZ1  1 
ATOM 459  H HZ2  . LYS A 1 30  ? 4.506   -10.109 -8.055  1.00 2.14 ? 30  LYS A HZ2  1 
ATOM 460  H HZ3  . LYS A 1 30  ? 4.813   -11.282 -6.864  1.00 2.08 ? 30  LYS A HZ3  1 
ATOM 461  N N    . VAL A 1 31  ? 2.551   -5.243  -4.483  1.00 0.36 ? 31  VAL A N    1 
ATOM 462  C CA   . VAL A 1 31  ? 3.714   -4.335  -4.671  1.00 0.39 ? 31  VAL A CA   1 
ATOM 463  C C    . VAL A 1 31  ? 4.811   -4.706  -3.674  1.00 0.32 ? 31  VAL A C    1 
ATOM 464  O O    . VAL A 1 31  ? 4.640   -4.594  -2.477  1.00 0.37 ? 31  VAL A O    1 
ATOM 465  C CB   . VAL A 1 31  ? 3.280   -2.891  -4.428  1.00 0.55 ? 31  VAL A CB   1 
ATOM 466  C CG1  . VAL A 1 31  ? 4.201   -1.946  -5.197  1.00 0.49 ? 31  VAL A CG1  1 
ATOM 467  C CG2  . VAL A 1 31  ? 1.838   -2.701  -4.907  1.00 0.69 ? 31  VAL A CG2  1 
ATOM 468  H H    . VAL A 1 31  ? 2.152   -5.347  -3.595  1.00 0.35 ? 31  VAL A H    1 
ATOM 469  H HA   . VAL A 1 31  ? 4.092   -4.433  -5.679  1.00 0.41 ? 31  VAL A HA   1 
ATOM 470  H HB   . VAL A 1 31  ? 3.343   -2.675  -3.371  1.00 0.76 ? 31  VAL A HB   1 
ATOM 471  H HG11 . VAL A 1 31  ? 5.186   -2.382  -5.270  1.00 1.03 ? 31  VAL A HG11 1 
ATOM 472  H HG12 . VAL A 1 31  ? 3.804   -1.785  -6.189  1.00 1.00 ? 31  VAL A HG12 1 
ATOM 473  H HG13 . VAL A 1 31  ? 4.262   -1.001  -4.677  1.00 1.02 ? 31  VAL A HG13 1 
ATOM 474  H HG21 . VAL A 1 31  ? 1.591   -3.473  -5.620  1.00 1.21 ? 31  VAL A HG21 1 
ATOM 475  H HG22 . VAL A 1 31  ? 1.167   -2.761  -4.064  1.00 1.16 ? 31  VAL A HG22 1 
ATOM 476  H HG23 . VAL A 1 31  ? 1.741   -1.733  -5.377  1.00 1.33 ? 31  VAL A HG23 1 
ATOM 477  N N    . THR A 1 32  ? 5.940   -5.146  -4.157  1.00 0.48 ? 32  THR A N    1 
ATOM 478  C CA   . THR A 1 32  ? 7.048   -5.518  -3.234  1.00 0.66 ? 32  THR A CA   1 
ATOM 479  C C    . THR A 1 32  ? 8.215   -4.555  -3.438  1.00 1.16 ? 32  THR A C    1 
ATOM 480  O O    . THR A 1 32  ? 9.366   -4.943  -3.429  1.00 1.59 ? 32  THR A O    1 
ATOM 481  C CB   . THR A 1 32  ? 7.506   -6.950  -3.528  1.00 1.19 ? 32  THR A CB   1 
ATOM 482  O OG1  . THR A 1 32  ? 8.410   -6.943  -4.624  1.00 1.62 ? 32  THR A OG1  1 
ATOM 483  C CG2  . THR A 1 32  ? 6.294   -7.818  -3.870  1.00 1.22 ? 32  THR A CG2  1 
ATOM 484  H H    . THR A 1 32  ? 6.059   -5.225  -5.126  1.00 0.61 ? 32  THR A H    1 
ATOM 485  H HA   . THR A 1 32  ? 6.703   -5.450  -2.214  1.00 0.37 ? 32  THR A HA   1 
ATOM 486  H HB   . THR A 1 32  ? 8.000   -7.355  -2.658  1.00 1.43 ? 32  THR A HB   1 
ATOM 487  H HG1  . THR A 1 32  ? 8.237   -6.156  -5.147  1.00 2.02 ? 32  THR A HG1  1 
ATOM 488  H HG21 . THR A 1 32  ? 5.402   -7.366  -3.462  1.00 1.57 ? 32  THR A HG21 1 
ATOM 489  H HG22 . THR A 1 32  ? 6.200   -7.899  -4.943  1.00 1.77 ? 32  THR A HG22 1 
ATOM 490  H HG23 . THR A 1 32  ? 6.425   -8.802  -3.445  1.00 1.47 ? 32  THR A HG23 1 
ATOM 491  N N    . GLY A 1 33  ? 7.923   -3.298  -3.621  1.00 1.34 ? 33  GLY A N    1 
ATOM 492  C CA   . GLY A 1 33  ? 9.008   -2.299  -3.824  1.00 2.05 ? 33  GLY A CA   1 
ATOM 493  C C    . GLY A 1 33  ? 8.516   -0.917  -3.394  1.00 1.33 ? 33  GLY A C    1 
ATOM 494  O O    . GLY A 1 33  ? 8.280   -0.665  -2.229  1.00 1.26 ? 33  GLY A O    1 
ATOM 495  H H    . GLY A 1 33  ? 6.985   -3.012  -3.621  1.00 1.18 ? 33  GLY A H    1 
ATOM 496  H HA2  . GLY A 1 33  ? 9.870   -2.577  -3.233  1.00 2.69 ? 33  GLY A HA2  1 
ATOM 497  H HA3  . GLY A 1 33  ? 9.281   -2.271  -4.868  1.00 2.67 ? 33  GLY A HA3  1 
ATOM 498  N N    . ASN A 1 34  ? 8.358   -0.020  -4.327  1.00 0.86 ? 34  ASN A N    1 
ATOM 499  C CA   . ASN A 1 34  ? 7.882   1.346   -3.981  1.00 0.29 ? 34  ASN A CA   1 
ATOM 500  C C    . ASN A 1 34  ? 6.869   1.802   -5.035  1.00 0.32 ? 34  ASN A C    1 
ATOM 501  O O    . ASN A 1 34  ? 7.032   1.549   -6.212  1.00 0.47 ? 34  ASN A O    1 
ATOM 502  C CB   . ASN A 1 34  ? 9.072   2.308   -3.972  1.00 0.76 ? 34  ASN A CB   1 
ATOM 503  C CG   . ASN A 1 34  ? 10.208  1.714   -3.135  1.00 1.06 ? 34  ASN A CG   1 
ATOM 504  O OD1  . ASN A 1 34  ? 11.350  1.716   -3.550  1.00 1.85 ? 34  ASN A OD1  1 
ATOM 505  N ND2  . ASN A 1 34  ? 9.942   1.202   -1.963  1.00 0.96 ? 34  ASN A ND2  1 
ATOM 506  H H    . ASN A 1 34  ? 8.554   -0.246  -5.260  1.00 0.98 ? 34  ASN A H    1 
ATOM 507  H HA   . ASN A 1 34  ? 7.416   1.333   -3.006  1.00 0.30 ? 34  ASN A HA   1 
ATOM 508  H HB2  . ASN A 1 34  ? 9.415   2.460   -4.985  1.00 1.03 ? 34  ASN A HB2  1 
ATOM 509  H HB3  . ASN A 1 34  ? 8.772   3.256   -3.549  1.00 0.96 ? 34  ASN A HB3  1 
ATOM 510  H HD21 . ASN A 1 34  ? 9.023   1.201   -1.627  1.00 1.29 ? 34  ASN A HD21 1 
ATOM 511  H HD22 . ASN A 1 34  ? 10.663  0.821   -1.421  1.00 1.10 ? 34  ASN A HD22 1 
ATOM 512  N N    . VAL A 1 35  ? 5.823   2.468   -4.629  1.00 0.33 ? 35  VAL A N    1 
ATOM 513  C CA   . VAL A 1 35  ? 4.811   2.926   -5.622  1.00 0.57 ? 35  VAL A CA   1 
ATOM 514  C C    . VAL A 1 35  ? 4.206   4.257   -5.170  1.00 0.50 ? 35  VAL A C    1 
ATOM 515  O O    . VAL A 1 35  ? 3.329   4.298   -4.332  1.00 0.48 ? 35  VAL A O    1 
ATOM 516  C CB   . VAL A 1 35  ? 3.707   1.876   -5.741  1.00 0.76 ? 35  VAL A CB   1 
ATOM 517  C CG1  . VAL A 1 35  ? 2.511   2.465   -6.492  1.00 1.11 ? 35  VAL A CG1  1 
ATOM 518  C CG2  . VAL A 1 35  ? 4.240   0.664   -6.507  1.00 0.88 ? 35  VAL A CG2  1 
ATOM 519  H H    . VAL A 1 35  ? 5.702   2.663   -3.677  1.00 0.24 ? 35  VAL A H    1 
ATOM 520  H HA   . VAL A 1 35  ? 5.284   3.056   -6.583  1.00 0.75 ? 35  VAL A HA   1 
ATOM 521  H HB   . VAL A 1 35  ? 3.398   1.572   -4.753  1.00 0.73 ? 35  VAL A HB   1 
ATOM 522  H HG11 . VAL A 1 35  ? 2.155   3.342   -5.972  1.00 1.63 ? 35  VAL A HG11 1 
ATOM 523  H HG12 . VAL A 1 35  ? 2.812   2.737   -7.492  1.00 1.53 ? 35  VAL A HG12 1 
ATOM 524  H HG13 . VAL A 1 35  ? 1.720   1.731   -6.542  1.00 1.54 ? 35  VAL A HG13 1 
ATOM 525  H HG21 . VAL A 1 35  ? 4.663   0.988   -7.446  1.00 1.49 ? 35  VAL A HG21 1 
ATOM 526  H HG22 . VAL A 1 35  ? 5.002   0.173   -5.920  1.00 1.24 ? 35  VAL A HG22 1 
ATOM 527  H HG23 . VAL A 1 35  ? 3.431   -0.026  -6.696  1.00 1.33 ? 35  VAL A HG23 1 
ATOM 528  N N    . TYR A 1 36  ? 4.661   5.346   -5.726  1.00 0.58 ? 36  TYR A N    1 
ATOM 529  C CA   . TYR A 1 36  ? 4.104   6.671   -5.332  1.00 0.51 ? 36  TYR A CA   1 
ATOM 530  C C    . TYR A 1 36  ? 3.195   7.184   -6.450  1.00 0.50 ? 36  TYR A C    1 
ATOM 531  O O    . TYR A 1 36  ? 3.391   6.873   -7.608  1.00 0.60 ? 36  TYR A O    1 
ATOM 532  C CB   . TYR A 1 36  ? 5.250   7.659   -5.105  1.00 0.55 ? 36  TYR A CB   1 
ATOM 533  C CG   . TYR A 1 36  ? 6.332   7.416   -6.128  1.00 1.27 ? 36  TYR A CG   1 
ATOM 534  C CD1  . TYR A 1 36  ? 6.215   7.959   -7.413  1.00 2.17 ? 36  TYR A CD1  1 
ATOM 535  C CD2  . TYR A 1 36  ? 7.454   6.649   -5.792  1.00 2.13 ? 36  TYR A CD2  1 
ATOM 536  C CE1  . TYR A 1 36  ? 7.218   7.734   -8.362  1.00 3.11 ? 36  TYR A CE1  1 
ATOM 537  C CE2  . TYR A 1 36  ? 8.457   6.423   -6.740  1.00 3.07 ? 36  TYR A CE2  1 
ATOM 538  C CZ   . TYR A 1 36  ? 8.340   6.967   -8.026  1.00 3.38 ? 36  TYR A CZ   1 
ATOM 539  O OH   . TYR A 1 36  ? 9.330   6.744   -8.961  1.00 4.46 ? 36  TYR A OH   1 
ATOM 540  H H    . TYR A 1 36  ? 5.365   5.294   -6.406  1.00 0.72 ? 36  TYR A H    1 
ATOM 541  H HA   . TYR A 1 36  ? 3.533   6.564   -4.421  1.00 0.45 ? 36  TYR A HA   1 
ATOM 542  H HB2  . TYR A 1 36  ? 4.880   8.669   -5.206  1.00 1.06 ? 36  TYR A HB2  1 
ATOM 543  H HB3  . TYR A 1 36  ? 5.655   7.521   -4.114  1.00 1.04 ? 36  TYR A HB3  1 
ATOM 544  H HD1  . TYR A 1 36  ? 5.350   8.552   -7.672  1.00 2.58 ? 36  TYR A HD1  1 
ATOM 545  H HD2  . TYR A 1 36  ? 7.544   6.230   -4.800  1.00 2.52 ? 36  TYR A HD2  1 
ATOM 546  H HE1  . TYR A 1 36  ? 7.128   8.152   -9.354  1.00 3.92 ? 36  TYR A HE1  1 
ATOM 547  H HE2  . TYR A 1 36  ? 9.322   5.832   -6.482  1.00 3.88 ? 36  TYR A HE2  1 
ATOM 548  H HH   . TYR A 1 36  ? 9.813   5.957   -8.701  1.00 4.94 ? 36  TYR A HH   1 
ATOM 549  N N    . ASP A 1 37  ? 2.200   7.965   -6.119  1.00 0.41 ? 37  ASP A N    1 
ATOM 550  C CA   . ASP A 1 37  ? 1.284   8.487   -7.173  1.00 0.43 ? 37  ASP A CA   1 
ATOM 551  C C    . ASP A 1 37  ? 0.837   7.331   -8.073  1.00 0.48 ? 37  ASP A C    1 
ATOM 552  O O    . ASP A 1 37  ? 1.530   6.941   -8.991  1.00 0.59 ? 37  ASP A O    1 
ATOM 553  C CB   . ASP A 1 37  ? 2.018   9.532   -8.009  1.00 0.45 ? 37  ASP A CB   1 
ATOM 554  C CG   . ASP A 1 37  ? 1.588   10.933  -7.568  1.00 0.45 ? 37  ASP A CG   1 
ATOM 555  O OD1  . ASP A 1 37  ? 0.439   11.087  -7.191  1.00 1.20 ? 37  ASP A OD1  1 
ATOM 556  O OD2  . ASP A 1 37  ? 2.417   11.827  -7.615  1.00 1.08 ? 37  ASP A OD2  1 
ATOM 557  H H    . ASP A 1 37  ? 2.056   8.206   -5.182  1.00 0.36 ? 37  ASP A H    1 
ATOM 558  H HA   . ASP A 1 37  ? 0.421   8.938   -6.708  1.00 0.42 ? 37  ASP A HA   1 
ATOM 559  H HB2  . ASP A 1 37  ? 3.083   9.419   -7.865  1.00 0.47 ? 37  ASP A HB2  1 
ATOM 560  H HB3  . ASP A 1 37  ? 1.775   9.392   -9.050  1.00 0.49 ? 37  ASP A HB3  1 
ATOM 561  N N    . PHE A 1 38  ? -0.315  6.777   -7.814  1.00 0.52 ? 38  PHE A N    1 
ATOM 562  C CA   . PHE A 1 38  ? -0.802  5.640   -8.650  1.00 0.59 ? 38  PHE A CA   1 
ATOM 563  C C    . PHE A 1 38  ? -1.934  6.113   -9.564  1.00 0.64 ? 38  PHE A C    1 
ATOM 564  O O    . PHE A 1 38  ? -2.959  5.471   -9.679  1.00 0.79 ? 38  PHE A O    1 
ATOM 565  C CB   . PHE A 1 38  ? -1.312  4.523   -7.738  1.00 0.72 ? 38  PHE A CB   1 
ATOM 566  C CG   . PHE A 1 38  ? -1.955  5.129   -6.516  1.00 1.95 ? 38  PHE A CG   1 
ATOM 567  C CD1  . PHE A 1 38  ? -3.196  5.763   -6.624  1.00 2.83 ? 38  PHE A CD1  1 
ATOM 568  C CD2  . PHE A 1 38  ? -1.307  5.064   -5.278  1.00 2.89 ? 38  PHE A CD2  1 
ATOM 569  C CE1  . PHE A 1 38  ? -3.794  6.331   -5.495  1.00 4.10 ? 38  PHE A CE1  1 
ATOM 570  C CE2  . PHE A 1 38  ? -1.903  5.633   -4.146  1.00 4.14 ? 38  PHE A CE2  1 
ATOM 571  C CZ   . PHE A 1 38  ? -3.147  6.267   -4.256  1.00 4.62 ? 38  PHE A CZ   1 
ATOM 572  H H    . PHE A 1 38  ? -0.859  7.104   -7.066  1.00 0.58 ? 38  PHE A H    1 
ATOM 573  H HA   . PHE A 1 38  ? 0.011   5.264   -9.252  1.00 0.66 ? 38  PHE A HA   1 
ATOM 574  H HB2  . PHE A 1 38  ? -2.039  3.926   -8.269  1.00 0.95 ? 38  PHE A HB2  1 
ATOM 575  H HB3  . PHE A 1 38  ? -0.485  3.898   -7.435  1.00 1.19 ? 38  PHE A HB3  1 
ATOM 576  H HD1  . PHE A 1 38  ? -3.694  5.813   -7.579  1.00 2.91 ? 38  PHE A HD1  1 
ATOM 577  H HD2  . PHE A 1 38  ? -0.348  4.575   -5.194  1.00 3.02 ? 38  PHE A HD2  1 
ATOM 578  H HE1  . PHE A 1 38  ? -4.752  6.820   -5.579  1.00 4.91 ? 38  PHE A HE1  1 
ATOM 579  H HE2  . PHE A 1 38  ? -1.403  5.583   -3.191  1.00 4.95 ? 38  PHE A HE2  1 
ATOM 580  H HZ   . PHE A 1 38  ? -3.608  6.707   -3.384  1.00 5.66 ? 38  PHE A HZ   1 
ATOM 581  N N    . ARG A 1 39  ? -1.760  7.230   -10.220 1.00 0.69 ? 39  ARG A N    1 
ATOM 582  C CA   . ARG A 1 39  ? -2.832  7.732   -11.126 1.00 0.84 ? 39  ARG A CA   1 
ATOM 583  C C    . ARG A 1 39  ? -2.729  7.030   -12.485 1.00 0.97 ? 39  ARG A C    1 
ATOM 584  O O    . ARG A 1 39  ? -3.723  6.657   -13.075 1.00 1.14 ? 39  ARG A O    1 
ATOM 585  C CB   . ARG A 1 39  ? -2.677  9.243   -11.314 1.00 0.89 ? 39  ARG A CB   1 
ATOM 586  C CG   . ARG A 1 39  ? -1.323  9.543   -11.959 1.00 1.42 ? 39  ARG A CG   1 
ATOM 587  C CD   . ARG A 1 39  ? -1.156  11.056  -12.111 1.00 1.86 ? 39  ARG A CD   1 
ATOM 588  N NE   . ARG A 1 39  ? 0.289   11.382  -12.270 1.00 2.49 ? 39  ARG A NE   1 
ATOM 589  C CZ   . ARG A 1 39  ? 0.645   12.516  -12.810 1.00 3.18 ? 39  ARG A CZ   1 
ATOM 590  N NH1  . ARG A 1 39  ? 0.475   12.712  -14.089 1.00 3.74 ? 39  ARG A NH1  1 
ATOM 591  N NH2  . ARG A 1 39  ? 1.170   13.454  -12.071 1.00 3.77 ? 39  ARG A NH2  1 
ATOM 592  H H    . ARG A 1 39  ? -0.927  7.736   -10.116 1.00 0.73 ? 39  ARG A H    1 
ATOM 593  H HA   . ARG A 1 39  ? -3.796  7.522   -10.688 1.00 0.91 ? 39  ARG A HA   1 
ATOM 594  H HB2  . ARG A 1 39  ? -3.469  9.608   -11.951 1.00 1.37 ? 39  ARG A HB2  1 
ATOM 595  H HB3  . ARG A 1 39  ? -2.732  9.732   -10.354 1.00 1.14 ? 39  ARG A HB3  1 
ATOM 596  H HG2  . ARG A 1 39  ? -0.533  9.152   -11.335 1.00 1.93 ? 39  ARG A HG2  1 
ATOM 597  H HG3  . ARG A 1 39  ? -1.276  9.078   -12.932 1.00 1.85 ? 39  ARG A HG3  1 
ATOM 598  H HD2  . ARG A 1 39  ? -1.699  11.392  -12.981 1.00 2.23 ? 39  ARG A HD2  1 
ATOM 599  H HD3  . ARG A 1 39  ? -1.542  11.550  -11.232 1.00 2.23 ? 39  ARG A HD3  1 
ATOM 600  H HE   . ARG A 1 39  ? 0.972   10.746  -11.971 1.00 2.78 ? 39  ARG A HE   1 
ATOM 601  H HH11 . ARG A 1 39  ? 0.073   11.993  -14.655 1.00 3.81 ? 39  ARG A HH11 1 
ATOM 602  H HH12 . ARG A 1 39  ? 0.748   13.580  -14.502 1.00 4.36 ? 39  ARG A HH12 1 
ATOM 603  H HH21 . ARG A 1 39  ? 1.300   13.305  -11.091 1.00 3.84 ? 39  ARG A HH21 1 
ATOM 604  H HH22 . ARG A 1 39  ? 1.442   14.323  -12.485 1.00 4.40 ? 39  ARG A HH22 1 
ATOM 605  N N    . SER A 1 40  ? -1.538  6.847   -12.988 1.00 0.98 ? 40  SER A N    1 
ATOM 606  C CA   . SER A 1 40  ? -1.385  6.168   -14.308 1.00 1.19 ? 40  SER A CA   1 
ATOM 607  C C    . SER A 1 40  ? -0.717  4.805   -14.111 1.00 1.11 ? 40  SER A C    1 
ATOM 608  O O    . SER A 1 40  ? 0.336   4.538   -14.653 1.00 1.24 ? 40  SER A O    1 
ATOM 609  C CB   . SER A 1 40  ? -0.518  7.028   -15.228 1.00 1.38 ? 40  SER A CB   1 
ATOM 610  O OG   . SER A 1 40  ? -0.528  8.371   -14.765 1.00 1.97 ? 40  SER A OG   1 
ATOM 611  H H    . SER A 1 40  ? -0.744  7.155   -12.501 1.00 0.91 ? 40  SER A H    1 
ATOM 612  H HA   . SER A 1 40  ? -2.358  6.031   -14.756 1.00 1.35 ? 40  SER A HA   1 
ATOM 613  H HB2  . SER A 1 40  ? 0.494   6.659   -15.221 1.00 1.66 ? 40  SER A HB2  1 
ATOM 614  H HB3  . SER A 1 40  ? -0.908  6.980   -16.236 1.00 1.73 ? 40  SER A HB3  1 
ATOM 615  H HG   . SER A 1 40  ? 0.373   8.702   -14.795 1.00 2.29 ? 40  SER A HG   1 
ATOM 616  N N    . VAL A 1 41  ? -1.317  3.940   -13.338 1.00 1.00 ? 41  VAL A N    1 
ATOM 617  C CA   . VAL A 1 41  ? -0.707  2.598   -13.111 1.00 1.00 ? 41  VAL A CA   1 
ATOM 618  C C    . VAL A 1 41  ? -1.482  1.539   -13.899 1.00 1.10 ? 41  VAL A C    1 
ATOM 619  O O    . VAL A 1 41  ? -1.257  0.354   -13.749 1.00 1.21 ? 41  VAL A O    1 
ATOM 620  C CB   . VAL A 1 41  ? -0.763  2.261   -11.622 1.00 0.87 ? 41  VAL A CB   1 
ATOM 621  C CG1  . VAL A 1 41  ? -0.300  0.819   -11.406 1.00 1.03 ? 41  VAL A CG1  1 
ATOM 622  C CG2  . VAL A 1 41  ? 0.155   3.211   -10.849 1.00 1.01 ? 41  VAL A CG2  1 
ATOM 623  H H    . VAL A 1 41  ? -2.166  4.172   -12.905 1.00 0.99 ? 41  VAL A H    1 
ATOM 624  H HA   . VAL A 1 41  ? 0.322   2.610   -13.438 1.00 1.12 ? 41  VAL A HA   1 
ATOM 625  H HB   . VAL A 1 41  ? -1.777  2.369   -11.268 1.00 0.76 ? 41  VAL A HB   1 
ATOM 626  H HG11 . VAL A 1 41  ? 0.539   0.611   -12.053 1.00 1.53 ? 41  VAL A HG11 1 
ATOM 627  H HG12 . VAL A 1 41  ? -0.002  0.687   -10.377 1.00 1.47 ? 41  VAL A HG12 1 
ATOM 628  H HG13 . VAL A 1 41  ? -1.111  0.144   -11.637 1.00 1.41 ? 41  VAL A HG13 1 
ATOM 629  H HG21 . VAL A 1 41  ? 0.169   4.175   -11.336 1.00 1.42 ? 41  VAL A HG21 1 
ATOM 630  H HG22 . VAL A 1 41  ? -0.212  3.323   -9.839  1.00 1.53 ? 41  VAL A HG22 1 
ATOM 631  H HG23 . VAL A 1 41  ? 1.155   2.804   -10.825 1.00 1.37 ? 41  VAL A HG23 1 
ATOM 632  N N    . SER A 1 42  ? -2.392  1.951   -14.738 1.00 1.26 ? 42  SER A N    1 
ATOM 633  C CA   . SER A 1 42  ? -3.174  0.961   -15.531 1.00 1.43 ? 42  SER A CA   1 
ATOM 634  C C    . SER A 1 42  ? -4.043  0.122   -14.589 1.00 1.30 ? 42  SER A C    1 
ATOM 635  O O    . SER A 1 42  ? -3.711  -1.000  -14.260 1.00 1.50 ? 42  SER A O    1 
ATOM 636  C CB   . SER A 1 42  ? -2.215  0.042   -16.286 1.00 1.68 ? 42  SER A CB   1 
ATOM 637  O OG   . SER A 1 42  ? -0.929  0.645   -16.338 1.00 2.08 ? 42  SER A OG   1 
ATOM 638  H H    . SER A 1 42  ? -2.559  2.910   -14.848 1.00 1.38 ? 42  SER A H    1 
ATOM 639  H HA   . SER A 1 42  ? -3.804  1.482   -16.237 1.00 1.61 ? 42  SER A HA   1 
ATOM 640  H HB2  . SER A 1 42  ? -2.143  -0.904  -15.776 1.00 1.90 ? 42  SER A HB2  1 
ATOM 641  H HB3  . SER A 1 42  ? -2.589  -0.120  -17.289 1.00 1.94 ? 42  SER A HB3  1 
ATOM 642  H HG   . SER A 1 42  ? -0.971  1.381   -16.953 1.00 2.10 ? 42  SER A HG   1 
ATOM 643  N N    . GLY A 1 43  ? -5.156  0.651   -14.155 1.00 1.47 ? 43  GLY A N    1 
ATOM 644  C CA   . GLY A 1 43  ? -6.041  -0.125  -13.239 1.00 1.51 ? 43  GLY A CA   1 
ATOM 645  C C    . GLY A 1 43  ? -5.532  -0.007  -11.799 1.00 1.36 ? 43  GLY A C    1 
ATOM 646  O O    . GLY A 1 43  ? -4.957  -0.931  -11.260 1.00 1.77 ? 43  GLY A O    1 
ATOM 647  H H    . GLY A 1 43  ? -5.410  1.555   -14.433 1.00 1.84 ? 43  GLY A H    1 
ATOM 648  H HA2  . GLY A 1 43  ? -7.049  0.261   -13.301 1.00 1.65 ? 43  GLY A HA2  1 
ATOM 649  H HA3  . GLY A 1 43  ? -6.036  -1.164  -13.533 1.00 1.66 ? 43  GLY A HA3  1 
ATOM 650  N N    . LEU A 1 44  ? -5.741  1.119   -11.169 1.00 0.95 ? 44  LEU A N    1 
ATOM 651  C CA   . LEU A 1 44  ? -5.270  1.282   -9.764  1.00 0.89 ? 44  LEU A CA   1 
ATOM 652  C C    . LEU A 1 44  ? -5.605  2.693   -9.269  1.00 0.77 ? 44  LEU A C    1 
ATOM 653  O O    . LEU A 1 44  ? -6.093  2.876   -8.171  1.00 0.83 ? 44  LEU A O    1 
ATOM 654  C CB   . LEU A 1 44  ? -3.757  1.064   -9.704  1.00 0.94 ? 44  LEU A CB   1 
ATOM 655  C CG   . LEU A 1 44  ? -3.293  1.094   -8.247  1.00 0.83 ? 44  LEU A CG   1 
ATOM 656  C CD1  . LEU A 1 44  ? -4.204  0.202   -7.403  1.00 1.69 ? 44  LEU A CD1  1 
ATOM 657  C CD2  . LEU A 1 44  ? -1.854  0.582   -8.161  1.00 1.30 ? 44  LEU A CD2  1 
ATOM 658  H H    . LEU A 1 44  ? -6.210  1.852   -11.616 1.00 0.93 ? 44  LEU A H    1 
ATOM 659  H HA   . LEU A 1 44  ? -5.762  0.556   -9.135  1.00 1.02 ? 44  LEU A HA   1 
ATOM 660  H HB2  . LEU A 1 44  ? -3.511  0.107   -10.141 1.00 1.39 ? 44  LEU A HB2  1 
ATOM 661  H HB3  . LEU A 1 44  ? -3.259  1.847   -10.252 1.00 1.40 ? 44  LEU A HB3  1 
ATOM 662  H HG   . LEU A 1 44  ? -3.339  2.109   -7.877  1.00 1.58 ? 44  LEU A HG   1 
ATOM 663  H HD11 . LEU A 1 44  ? -4.582  -0.605  -8.012  1.00 2.13 ? 44  LEU A HD11 1 
ATOM 664  H HD12 . LEU A 1 44  ? -3.643  -0.204  -6.574  1.00 2.30 ? 44  LEU A HD12 1 
ATOM 665  H HD13 . LEU A 1 44  ? -5.030  0.787   -7.025  1.00 2.16 ? 44  LEU A HD13 1 
ATOM 666  H HD21 . LEU A 1 44  ? -1.792  -0.395  -8.620  1.00 1.84 ? 44  LEU A HD21 1 
ATOM 667  H HD22 . LEU A 1 44  ? -1.196  1.265   -8.678  1.00 1.87 ? 44  LEU A HD22 1 
ATOM 668  H HD23 . LEU A 1 44  ? -1.559  0.512   -7.125  1.00 1.83 ? 44  LEU A HD23 1 
ATOM 669  N N    . ASN A 1 45  ? -5.343  3.695   -10.064 1.00 0.70 ? 45  ASN A N    1 
ATOM 670  C CA   . ASN A 1 45  ? -5.642  5.087   -9.632  1.00 0.71 ? 45  ASN A CA   1 
ATOM 671  C C    . ASN A 1 45  ? -7.050  5.150   -9.030  1.00 0.74 ? 45  ASN A C    1 
ATOM 672  O O    . ASN A 1 45  ? -8.001  4.667   -9.613  1.00 1.04 ? 45  ASN A O    1 
ATOM 673  C CB   . ASN A 1 45  ? -5.570  6.019   -10.845 1.00 0.75 ? 45  ASN A CB   1 
ATOM 674  C CG   . ASN A 1 45  ? -6.692  5.670   -11.825 1.00 1.32 ? 45  ASN A CG   1 
ATOM 675  O OD1  . ASN A 1 45  ? -6.850  4.526   -12.203 1.00 2.12 ? 45  ASN A OD1  1 
ATOM 676  N ND2  . ASN A 1 45  ? -7.485  6.613   -12.255 1.00 1.72 ? 45  ASN A ND2  1 
ATOM 677  H H    . ASN A 1 45  ? -4.947  3.534   -10.945 1.00 0.72 ? 45  ASN A H    1 
ATOM 678  H HA   . ASN A 1 45  ? -4.916  5.396   -8.896  1.00 0.77 ? 45  ASN A HA   1 
ATOM 679  H HB2  . ASN A 1 45  ? -5.680  7.043   -10.519 1.00 0.97 ? 45  ASN A HB2  1 
ATOM 680  H HB3  . ASN A 1 45  ? -4.616  5.897   -11.335 1.00 0.77 ? 45  ASN A HB3  1 
ATOM 681  H HD21 . ASN A 1 45  ? -7.360  7.536   -11.950 1.00 2.07 ? 45  ASN A HD21 1 
ATOM 682  H HD22 . ASN A 1 45  ? -8.206  6.398   -12.884 1.00 2.14 ? 45  ASN A HD22 1 
ATOM 683  N N    . ASP A 1 46  ? -7.188  5.754   -7.875  1.00 0.72 ? 46  ASP A N    1 
ATOM 684  C CA   . ASP A 1 46  ? -8.532  5.871   -7.231  1.00 0.77 ? 46  ASP A CA   1 
ATOM 685  C C    . ASP A 1 46  ? -8.878  4.587   -6.469  1.00 0.77 ? 46  ASP A C    1 
ATOM 686  O O    . ASP A 1 46  ? -9.352  4.633   -5.350  1.00 0.87 ? 46  ASP A O    1 
ATOM 687  C CB   . ASP A 1 46  ? -9.598  6.135   -8.298  1.00 0.82 ? 46  ASP A CB   1 
ATOM 688  C CG   . ASP A 1 46  ? -10.501 7.283   -7.843  1.00 1.56 ? 46  ASP A CG   1 
ATOM 689  O OD1  . ASP A 1 46  ? -10.069 8.050   -6.997  1.00 2.21 ? 46  ASP A OD1  1 
ATOM 690  O OD2  . ASP A 1 46  ? -11.607 7.375   -8.346  1.00 2.19 ? 46  ASP A OD2  1 
ATOM 691  H H    . ASP A 1 46  ? -6.405  6.144   -7.432  1.00 0.90 ? 46  ASP A H    1 
ATOM 692  H HA   . ASP A 1 46  ? -8.519  6.696   -6.539  1.00 0.80 ? 46  ASP A HA   1 
ATOM 693  H HB2  . ASP A 1 46  ? -9.118  6.402   -9.228  1.00 1.20 ? 46  ASP A HB2  1 
ATOM 694  H HB3  . ASP A 1 46  ? -10.194 5.247   -8.441  1.00 0.93 ? 46  ASP A HB3  1 
ATOM 695  N N    . VAL A 1 47  ? -8.659  3.445   -7.059  1.00 0.72 ? 47  VAL A N    1 
ATOM 696  C CA   . VAL A 1 47  ? -8.996  2.171   -6.360  1.00 0.75 ? 47  VAL A CA   1 
ATOM 697  C C    . VAL A 1 47  ? -7.914  1.832   -5.331  1.00 0.61 ? 47  VAL A C    1 
ATOM 698  O O    . VAL A 1 47  ? -6.961  1.136   -5.618  1.00 0.66 ? 47  VAL A O    1 
ATOM 699  C CB   . VAL A 1 47  ? -9.116  1.036   -7.381  1.00 0.92 ? 47  VAL A CB   1 
ATOM 700  C CG1  . VAL A 1 47  ? -10.376 1.241   -8.222  1.00 1.18 ? 47  VAL A CG1  1 
ATOM 701  C CG2  . VAL A 1 47  ? -7.891  1.029   -8.299  1.00 0.97 ? 47  VAL A CG2  1 
ATOM 702  H H    . VAL A 1 47  ? -8.283  3.426   -7.962  1.00 0.71 ? 47  VAL A H    1 
ATOM 703  H HA   . VAL A 1 47  ? -9.941  2.289   -5.851  1.00 0.82 ? 47  VAL A HA   1 
ATOM 704  H HB   . VAL A 1 47  ? -9.182  0.091   -6.860  1.00 0.93 ? 47  VAL A HB   1 
ATOM 705  H HG11 . VAL A 1 47  ? -10.415 2.264   -8.568  1.00 1.44 ? 47  VAL A HG11 1 
ATOM 706  H HG12 . VAL A 1 47  ? -10.355 0.575   -9.071  1.00 1.66 ? 47  VAL A HG12 1 
ATOM 707  H HG13 . VAL A 1 47  ? -11.248 1.032   -7.620  1.00 1.69 ? 47  VAL A HG13 1 
ATOM 708  H HG21 . VAL A 1 47  ? -6.992  1.045   -7.703  1.00 1.36 ? 47  VAL A HG21 1 
ATOM 709  H HG22 . VAL A 1 47  ? -7.903  0.135   -8.906  1.00 1.41 ? 47  VAL A HG22 1 
ATOM 710  H HG23 . VAL A 1 47  ? -7.915  1.897   -8.940  1.00 1.40 ? 47  VAL A HG23 1 
ATOM 711  N N    . VAL A 1 48  ? -8.066  2.313   -4.128  1.00 0.56 ? 48  VAL A N    1 
ATOM 712  C CA   . VAL A 1 48  ? -7.060  2.020   -3.065  1.00 0.48 ? 48  VAL A CA   1 
ATOM 713  C C    . VAL A 1 48  ? -7.700  2.267   -1.696  1.00 0.51 ? 48  VAL A C    1 
ATOM 714  O O    . VAL A 1 48  ? -7.862  3.394   -1.273  1.00 0.80 ? 48  VAL A O    1 
ATOM 715  C CB   . VAL A 1 48  ? -5.833  2.929   -3.225  1.00 0.51 ? 48  VAL A CB   1 
ATOM 716  C CG1  . VAL A 1 48  ? -4.560  2.100   -3.046  1.00 1.46 ? 48  VAL A CG1  1 
ATOM 717  C CG2  . VAL A 1 48  ? -5.822  3.567   -4.620  1.00 1.32 ? 48  VAL A CG2  1 
ATOM 718  H H    . VAL A 1 48  ? -8.848  2.867   -3.921  1.00 0.66 ? 48  VAL A H    1 
ATOM 719  H HA   . VAL A 1 48  ? -6.754  0.987   -3.136  1.00 0.48 ? 48  VAL A HA   1 
ATOM 720  H HB   . VAL A 1 48  ? -5.862  3.704   -2.473  1.00 1.25 ? 48  VAL A HB   1 
ATOM 721  H HG11 . VAL A 1 48  ? -4.685  1.141   -3.526  1.00 2.06 ? 48  VAL A HG11 1 
ATOM 722  H HG12 . VAL A 1 48  ? -3.725  2.620   -3.492  1.00 1.97 ? 48  VAL A HG12 1 
ATOM 723  H HG13 . VAL A 1 48  ? -4.372  1.953   -1.993  1.00 2.03 ? 48  VAL A HG13 1 
ATOM 724  H HG21 . VAL A 1 48  ? -6.776  4.035   -4.809  1.00 1.93 ? 48  VAL A HG21 1 
ATOM 725  H HG22 . VAL A 1 48  ? -5.040  4.310   -4.670  1.00 1.92 ? 48  VAL A HG22 1 
ATOM 726  H HG23 . VAL A 1 48  ? -5.643  2.804   -5.362  1.00 1.86 ? 48  VAL A HG23 1 
ATOM 727  N N    . SER A 1 49  ? -8.080  1.226   -1.002  1.00 0.42 ? 49  SER A N    1 
ATOM 728  C CA   . SER A 1 49  ? -8.721  1.424   0.329   1.00 0.45 ? 49  SER A CA   1 
ATOM 729  C C    . SER A 1 49  ? -8.213  0.386   1.336   1.00 0.44 ? 49  SER A C    1 
ATOM 730  O O    . SER A 1 49  ? -7.651  0.731   2.357   1.00 0.49 ? 49  SER A O    1 
ATOM 731  C CB   . SER A 1 49  ? -10.237 1.293   0.183   1.00 0.50 ? 49  SER A CB   1 
ATOM 732  O OG   . SER A 1 49  ? -10.811 2.588   0.072   1.00 0.70 ? 49  SER A OG   1 
ATOM 733  H H    . SER A 1 49  ? -7.952  0.323   -1.360  1.00 0.55 ? 49  SER A H    1 
ATOM 734  H HA   . SER A 1 49  ? -8.487  2.413   0.691   1.00 0.49 ? 49  SER A HA   1 
ATOM 735  H HB2  . SER A 1 49  ? -10.467 0.727   -0.703  1.00 0.81 ? 49  SER A HB2  1 
ATOM 736  H HB3  . SER A 1 49  ? -10.637 0.783   1.050   1.00 0.62 ? 49  SER A HB3  1 
ATOM 737  H HG   . SER A 1 49  ? -11.421 2.580   -0.668  1.00 1.33 ? 49  SER A HG   1 
ATOM 738  N N    . SER A 1 50  ? -8.414  -0.881  1.077   1.00 0.42 ? 50  SER A N    1 
ATOM 739  C CA   . SER A 1 50  ? -7.949  -1.915  2.045   1.00 0.43 ? 50  SER A CA   1 
ATOM 740  C C    . SER A 1 50  ? -6.566  -2.431  1.635   1.00 0.35 ? 50  SER A C    1 
ATOM 741  O O    . SER A 1 50  ? -6.343  -2.800  0.500   1.00 0.32 ? 50  SER A O    1 
ATOM 742  C CB   . SER A 1 50  ? -8.940  -3.079  2.065   1.00 0.46 ? 50  SER A CB   1 
ATOM 743  O OG   . SER A 1 50  ? -9.104  -3.582  0.746   1.00 0.55 ? 50  SER A OG   1 
ATOM 744  H H    . SER A 1 50  ? -8.878  -1.149  0.256   1.00 0.42 ? 50  SER A H    1 
ATOM 745  H HA   . SER A 1 50  ? -7.893  -1.479  3.032   1.00 0.50 ? 50  SER A HA   1 
ATOM 746  H HB2  . SER A 1 50  ? -8.564  -3.864  2.699   1.00 0.59 ? 50  SER A HB2  1 
ATOM 747  H HB3  . SER A 1 50  ? -9.890  -2.733  2.450   1.00 0.66 ? 50  SER A HB3  1 
ATOM 748  H HG   . SER A 1 50  ? -10.031 -3.796  0.623   1.00 1.10 ? 50  SER A HG   1 
ATOM 749  N N    . VAL A 1 51  ? -5.637  -2.464  2.554   1.00 0.34 ? 51  VAL A N    1 
ATOM 750  C CA   . VAL A 1 51  ? -4.271  -2.960  2.217   1.00 0.29 ? 51  VAL A CA   1 
ATOM 751  C C    . VAL A 1 51  ? -3.786  -3.899  3.324   1.00 0.27 ? 51  VAL A C    1 
ATOM 752  O O    . VAL A 1 51  ? -4.246  -3.840  4.446   1.00 0.33 ? 51  VAL A O    1 
ATOM 753  C CB   . VAL A 1 51  ? -3.316  -1.772  2.094   1.00 0.36 ? 51  VAL A CB   1 
ATOM 754  C CG1  . VAL A 1 51  ? -2.107  -2.166  1.243   1.00 0.62 ? 51  VAL A CG1  1 
ATOM 755  C CG2  . VAL A 1 51  ? -4.044  -0.601  1.431   1.00 0.73 ? 51  VAL A CG2  1 
ATOM 756  H H    . VAL A 1 51  ? -5.836  -2.165  3.465   1.00 0.38 ? 51  VAL A H    1 
ATOM 757  H HA   . VAL A 1 51  ? -4.302  -3.495  1.282   1.00 0.26 ? 51  VAL A HA   1 
ATOM 758  H HB   . VAL A 1 51  ? -2.982  -1.479  3.076   1.00 0.45 ? 51  VAL A HB   1 
ATOM 759  H HG11 . VAL A 1 51  ? -2.379  -2.979  0.586   1.00 1.16 ? 51  VAL A HG11 1 
ATOM 760  H HG12 . VAL A 1 51  ? -1.791  -1.318  0.654   1.00 1.09 ? 51  VAL A HG12 1 
ATOM 761  H HG13 . VAL A 1 51  ? -1.299  -2.478  1.887   1.00 1.42 ? 51  VAL A HG13 1 
ATOM 762  H HG21 . VAL A 1 51  ? -4.408  -0.907  0.461   1.00 1.28 ? 51  VAL A HG21 1 
ATOM 763  H HG22 . VAL A 1 51  ? -4.877  -0.299  2.049   1.00 1.16 ? 51  VAL A HG22 1 
ATOM 764  H HG23 . VAL A 1 51  ? -3.363  0.228   1.314   1.00 1.28 ? 51  VAL A HG23 1 
ATOM 765  N N    . LYS A 1 52  ? -2.863  -4.769  3.019   1.00 0.24 ? 52  LYS A N    1 
ATOM 766  C CA   . LYS A 1 52  ? -2.355  -5.711  4.057   1.00 0.24 ? 52  LYS A CA   1 
ATOM 767  C C    . LYS A 1 52  ? -0.827  -5.772  3.990   1.00 0.24 ? 52  LYS A C    1 
ATOM 768  O O    . LYS A 1 52  ? -0.255  -6.156  2.989   1.00 0.29 ? 52  LYS A O    1 
ATOM 769  C CB   . LYS A 1 52  ? -2.928  -7.106  3.803   1.00 0.27 ? 52  LYS A CB   1 
ATOM 770  C CG   . LYS A 1 52  ? -4.453  -7.026  3.725   1.00 0.40 ? 52  LYS A CG   1 
ATOM 771  C CD   . LYS A 1 52  ? -5.042  -8.436  3.799   1.00 0.84 ? 52  LYS A CD   1 
ATOM 772  C CE   . LYS A 1 52  ? -4.903  -8.973  5.223   1.00 1.20 ? 52  LYS A CE   1 
ATOM 773  N NZ   . LYS A 1 52  ? -4.398  -10.375 5.179   1.00 1.58 ? 52  LYS A NZ   1 
ATOM 774  H H    . LYS A 1 52  ? -2.508  -4.804  2.107   1.00 0.25 ? 52  LYS A H    1 
ATOM 775  H HA   . LYS A 1 52  ? -2.660  -5.369  5.035   1.00 0.27 ? 52  LYS A HA   1 
ATOM 776  H HB2  . LYS A 1 52  ? -2.538  -7.492  2.872   1.00 0.36 ? 52  LYS A HB2  1 
ATOM 777  H HB3  . LYS A 1 52  ? -2.645  -7.764  4.611   1.00 0.38 ? 52  LYS A HB3  1 
ATOM 778  H HG2  . LYS A 1 52  ? -4.824  -6.436  4.552   1.00 0.61 ? 52  LYS A HG2  1 
ATOM 779  H HG3  . LYS A 1 52  ? -4.742  -6.565  2.794   1.00 0.63 ? 52  LYS A HG3  1 
ATOM 780  H HD2  . LYS A 1 52  ? -6.086  -8.404  3.525   1.00 1.52 ? 52  LYS A HD2  1 
ATOM 781  H HD3  . LYS A 1 52  ? -4.509  -9.084  3.119   1.00 1.61 ? 52  LYS A HD3  1 
ATOM 782  H HE2  . LYS A 1 52  ? -4.207  -8.357  5.775   1.00 1.84 ? 52  LYS A HE2  1 
ATOM 783  H HE3  . LYS A 1 52  ? -5.867  -8.954  5.712   1.00 1.86 ? 52  LYS A HE3  1 
ATOM 784  H HZ1  . LYS A 1 52  ? -4.147  -10.621 4.201   1.00 2.08 ? 52  LYS A HZ1  1 
ATOM 785  H HZ2  . LYS A 1 52  ? -3.556  -10.460 5.782   1.00 1.92 ? 52  LYS A HZ2  1 
ATOM 786  H HZ3  . LYS A 1 52  ? -5.138  -11.020 5.521   1.00 1.98 ? 52  LYS A HZ3  1 
ATOM 787  N N    . VAL A 1 53  ? -0.160  -5.403  5.049   1.00 0.26 ? 53  VAL A N    1 
ATOM 788  C CA   . VAL A 1 53  ? 1.331   -5.445  5.043   1.00 0.28 ? 53  VAL A CA   1 
ATOM 789  C C    . VAL A 1 53  ? 1.801   -6.809  5.552   1.00 0.26 ? 53  VAL A C    1 
ATOM 790  O O    . VAL A 1 53  ? 1.185   -7.405  6.413   1.00 0.28 ? 53  VAL A O    1 
ATOM 791  C CB   . VAL A 1 53  ? 1.875   -4.344  5.954   1.00 0.35 ? 53  VAL A CB   1 
ATOM 792  C CG1  . VAL A 1 53  ? 3.405   -4.376  5.939   1.00 0.47 ? 53  VAL A CG1  1 
ATOM 793  C CG2  . VAL A 1 53  ? 1.390   -2.982  5.453   1.00 0.59 ? 53  VAL A CG2  1 
ATOM 794  H H    . VAL A 1 53  ? -0.638  -5.098  5.848   1.00 0.31 ? 53  VAL A H    1 
ATOM 795  H HA   . VAL A 1 53  ? 1.691   -5.292  4.035   1.00 0.32 ? 53  VAL A HA   1 
ATOM 796  H HB   . VAL A 1 53  ? 1.523   -4.505  6.963   1.00 0.37 ? 53  VAL A HB   1 
ATOM 797  H HG11 . VAL A 1 53  ? 3.748   -4.754  4.987   1.00 1.25 ? 53  VAL A HG11 1 
ATOM 798  H HG12 . VAL A 1 53  ? 3.788   -3.377  6.088   1.00 1.02 ? 53  VAL A HG12 1 
ATOM 799  H HG13 . VAL A 1 53  ? 3.760   -5.020  6.730   1.00 1.14 ? 53  VAL A HG13 1 
ATOM 800  H HG21 . VAL A 1 53  ? 0.310   -2.971  5.433   1.00 1.02 ? 53  VAL A HG21 1 
ATOM 801  H HG22 . VAL A 1 53  ? 1.746   -2.207  6.116   1.00 1.24 ? 53  VAL A HG22 1 
ATOM 802  H HG23 . VAL A 1 53  ? 1.770   -2.809  4.458   1.00 1.25 ? 53  VAL A HG23 1 
ATOM 803  N N    . GLY A 1 54  ? 2.888   -7.309  5.025   1.00 0.38 ? 54  GLY A N    1 
ATOM 804  C CA   . GLY A 1 54  ? 3.395   -8.637  5.477   1.00 0.39 ? 54  GLY A CA   1 
ATOM 805  C C    . GLY A 1 54  ? 4.131   -8.485  6.812   1.00 0.35 ? 54  GLY A C    1 
ATOM 806  O O    . GLY A 1 54  ? 4.431   -7.384  7.232   1.00 0.43 ? 54  GLY A O    1 
ATOM 807  H H    . GLY A 1 54  ? 3.369   -6.812  4.331   1.00 0.51 ? 54  GLY A H    1 
ATOM 808  H HA2  . GLY A 1 54  ? 2.563   -9.316  5.600   1.00 0.50 ? 54  GLY A HA2  1 
ATOM 809  H HA3  . GLY A 1 54  ? 4.076   -9.033  4.739   1.00 0.45 ? 54  GLY A HA3  1 
ATOM 810  N N    . PRO A 1 55  ? 4.403   -9.603  7.438   1.00 0.37 ? 55  PRO A N    1 
ATOM 811  C CA   . PRO A 1 55  ? 5.106   -9.640  8.733   1.00 0.47 ? 55  PRO A CA   1 
ATOM 812  C C    . PRO A 1 55  ? 6.606   -9.407  8.530   1.00 0.47 ? 55  PRO A C    1 
ATOM 813  O O    . PRO A 1 55  ? 7.084   -9.330  7.417   1.00 0.81 ? 55  PRO A O    1 
ATOM 814  C CB   . PRO A 1 55  ? 4.832   -11.055 9.250   1.00 0.52 ? 55  PRO A CB   1 
ATOM 815  C CG   . PRO A 1 55  ? 4.487   -11.913 8.010   1.00 0.48 ? 55  PRO A CG   1 
ATOM 816  C CD   . PRO A 1 55  ? 4.038   -10.933 6.909   1.00 0.43 ? 55  PRO A CD   1 
ATOM 817  H HA   . PRO A 1 55  ? 4.694   -8.912  9.413   1.00 0.61 ? 55  PRO A HA   1 
ATOM 818  H HB2  . PRO A 1 55  ? 5.713   -11.444 9.744   1.00 0.53 ? 55  PRO A HB2  1 
ATOM 819  H HB3  . PRO A 1 55  ? 3.996   -11.047 9.931   1.00 0.68 ? 55  PRO A HB3  1 
ATOM 820  H HG2  . PRO A 1 55  ? 5.362   -12.462 7.686   1.00 0.41 ? 55  PRO A HG2  1 
ATOM 821  H HG3  . PRO A 1 55  ? 3.685   -12.595 8.241   1.00 0.63 ? 55  PRO A HG3  1 
ATOM 822  H HD2  . PRO A 1 55  ? 4.565   -11.135 5.987   1.00 0.43 ? 55  PRO A HD2  1 
ATOM 823  H HD3  . PRO A 1 55  ? 2.971   -10.995 6.760   1.00 0.56 ? 55  PRO A HD3  1 
ATOM 824  N N    . ASN A 1 56  ? 7.350   -9.290  9.598   1.00 0.66 ? 56  ASN A N    1 
ATOM 825  C CA   . ASN A 1 56  ? 8.817   -9.057  9.460   1.00 0.74 ? 56  ASN A CA   1 
ATOM 826  C C    . ASN A 1 56  ? 9.062   -8.007  8.373   1.00 0.67 ? 56  ASN A C    1 
ATOM 827  O O    . ASN A 1 56  ? 10.097  -7.988  7.736   1.00 1.02 ? 56  ASN A O    1 
ATOM 828  C CB   . ASN A 1 56  ? 9.508   -10.365 9.069   1.00 0.76 ? 56  ASN A CB   1 
ATOM 829  C CG   . ASN A 1 56  ? 10.715  -10.597 9.979   1.00 1.29 ? 56  ASN A CG   1 
ATOM 830  O OD1  . ASN A 1 56  ? 11.802  -10.131 9.698   1.00 1.83 ? 56  ASN A OD1  1 
ATOM 831  N ND2  . ASN A 1 56  ? 10.571  -11.302 11.067  1.00 2.08 ? 56  ASN A ND2  1 
ATOM 832  H H    . ASN A 1 56  ? 6.944   -9.355  10.488  1.00 1.00 ? 56  ASN A H    1 
ATOM 833  H HA   . ASN A 1 56  ? 9.216   -8.705  10.400  1.00 0.88 ? 56  ASN A HA   1 
ATOM 834  H HB2  . ASN A 1 56  ? 8.813   -11.185 9.174   1.00 1.06 ? 56  ASN A HB2  1 
ATOM 835  H HB3  . ASN A 1 56  ? 9.840   -10.303 8.043   1.00 0.97 ? 56  ASN A HB3  1 
ATOM 836  H HD21 . ASN A 1 56  ? 9.694   -11.678 11.295  1.00 2.49 ? 56  ASN A HD21 1 
ATOM 837  H HD22 . ASN A 1 56  ? 11.337  -11.456 11.657  1.00 2.58 ? 56  ASN A HD22 1 
ATOM 838  N N    . THR A 1 57  ? 8.112   -7.139  8.152   1.00 0.45 ? 57  THR A N    1 
ATOM 839  C CA   . THR A 1 57  ? 8.279   -6.096  7.104   1.00 0.35 ? 57  THR A CA   1 
ATOM 840  C C    . THR A 1 57  ? 7.917   -4.725  7.687   1.00 0.23 ? 57  THR A C    1 
ATOM 841  O O    . THR A 1 57  ? 7.372   -4.627  8.770   1.00 0.28 ? 57  THR A O    1 
ATOM 842  C CB   . THR A 1 57  ? 7.345   -6.418  5.936   1.00 0.37 ? 57  THR A CB   1 
ATOM 843  O OG1  . THR A 1 57  ? 7.728   -7.656  5.353   1.00 1.07 ? 57  THR A OG1  1 
ATOM 844  C CG2  . THR A 1 57  ? 7.423   -5.311  4.885   1.00 1.07 ? 57  THR A CG2  1 
ATOM 845  H H    . THR A 1 57  ? 7.284   -7.177  8.672   1.00 0.62 ? 57  THR A H    1 
ATOM 846  H HA   . THR A 1 57  ? 9.301   -6.090  6.757   1.00 0.39 ? 57  THR A HA   1 
ATOM 847  H HB   . THR A 1 57  ? 6.333   -6.492  6.300   1.00 0.73 ? 57  THR A HB   1 
ATOM 848  H HG1  . THR A 1 57  ? 8.183   -8.172  6.023   1.00 1.66 ? 57  THR A HG1  1 
ATOM 849  H HG21 . THR A 1 57  ? 8.454   -5.029  4.735   1.00 1.57 ? 57  THR A HG21 1 
ATOM 850  H HG22 . THR A 1 57  ? 7.008   -5.669  3.954   1.00 1.65 ? 57  THR A HG22 1 
ATOM 851  H HG23 . THR A 1 57  ? 6.860   -4.454  5.224   1.00 1.60 ? 57  THR A HG23 1 
ATOM 852  N N    . LYS A 1 58  ? 8.207   -3.667  6.978   1.00 0.27 ? 58  LYS A N    1 
ATOM 853  C CA   . LYS A 1 58  ? 7.872   -2.307  7.488   1.00 0.18 ? 58  LYS A CA   1 
ATOM 854  C C    . LYS A 1 58  ? 7.319   -1.468  6.335   1.00 0.20 ? 58  LYS A C    1 
ATOM 855  O O    . LYS A 1 58  ? 8.058   -0.946  5.526   1.00 0.25 ? 58  LYS A O    1 
ATOM 856  C CB   . LYS A 1 58  ? 9.134   -1.644  8.046   1.00 0.23 ? 58  LYS A CB   1 
ATOM 857  C CG   . LYS A 1 58  ? 8.827   -1.032  9.414   1.00 0.72 ? 58  LYS A CG   1 
ATOM 858  C CD   . LYS A 1 58  ? 9.808   0.108   9.697   1.00 0.91 ? 58  LYS A CD   1 
ATOM 859  C CE   . LYS A 1 58  ? 9.957   0.290   11.208  1.00 1.28 ? 58  LYS A CE   1 
ATOM 860  N NZ   . LYS A 1 58  ? 11.138  1.156   11.490  1.00 1.49 ? 58  LYS A NZ   1 
ATOM 861  H H    . LYS A 1 58  ? 8.640   -3.765  6.107   1.00 0.41 ? 58  LYS A H    1 
ATOM 862  H HA   . LYS A 1 58  ? 7.129   -2.386  8.267   1.00 0.17 ? 58  LYS A HA   1 
ATOM 863  H HB2  . LYS A 1 58  ? 9.914   -2.385  8.150   1.00 0.66 ? 58  LYS A HB2  1 
ATOM 864  H HB3  . LYS A 1 58  ? 9.461   -0.868  7.372   1.00 0.64 ? 58  LYS A HB3  1 
ATOM 865  H HG2  . LYS A 1 58  ? 7.817   -0.648  9.417   1.00 1.23 ? 58  LYS A HG2  1 
ATOM 866  H HG3  . LYS A 1 58  ? 8.926   -1.787  10.178  1.00 1.17 ? 58  LYS A HG3  1 
ATOM 867  H HD2  . LYS A 1 58  ? 10.769  -0.128  9.264   1.00 1.40 ? 58  LYS A HD2  1 
ATOM 868  H HD3  . LYS A 1 58  ? 9.432   1.023   9.262   1.00 1.54 ? 58  LYS A HD3  1 
ATOM 869  H HE2  . LYS A 1 58  ? 9.067   0.754   11.606  1.00 1.96 ? 58  LYS A HE2  1 
ATOM 870  H HE3  . LYS A 1 58  ? 10.099  -0.675  11.674  1.00 1.82 ? 58  LYS A HE3  1 
ATOM 871  H HZ1  . LYS A 1 58  ? 11.819  1.076   10.707  1.00 1.75 ? 58  LYS A HZ1  1 
ATOM 872  H HZ2  . LYS A 1 58  ? 10.829  2.143   11.584  1.00 2.11 ? 58  LYS A HZ2  1 
ATOM 873  H HZ3  . LYS A 1 58  ? 11.588  0.850   12.375  1.00 1.77 ? 58  LYS A HZ3  1 
ATOM 874  N N    . ALA A 1 59  ? 6.024   -1.344  6.246   1.00 0.20 ? 59  ALA A N    1 
ATOM 875  C CA   . ALA A 1 59  ? 5.426   -0.549  5.134   1.00 0.24 ? 59  ALA A CA   1 
ATOM 876  C C    . ALA A 1 59  ? 5.233   0.904   5.572   1.00 0.23 ? 59  ALA A C    1 
ATOM 877  O O    . ALA A 1 59  ? 4.660   1.181   6.606   1.00 0.24 ? 59  ALA A O    1 
ATOM 878  C CB   . ALA A 1 59  ? 4.071   -1.148  4.755   1.00 0.29 ? 59  ALA A CB   1 
ATOM 879  H H    . ALA A 1 59  ? 5.443   -1.779  6.906   1.00 0.20 ? 59  ALA A H    1 
ATOM 880  H HA   . ALA A 1 59  ? 6.084   -0.582  4.277   1.00 0.28 ? 59  ALA A HA   1 
ATOM 881  H HB1  . ALA A 1 59  ? 3.602   -1.565  5.634   1.00 1.02 ? 59  ALA A HB1  1 
ATOM 882  H HB2  . ALA A 1 59  ? 3.439   -0.375  4.342   1.00 1.06 ? 59  ALA A HB2  1 
ATOM 883  H HB3  . ALA A 1 59  ? 4.214   -1.926  4.019   1.00 1.09 ? 59  ALA A HB3  1 
ATOM 884  N N    . PHE A 1 60  ? 5.705   1.834   4.787   1.00 0.26 ? 60  PHE A N    1 
ATOM 885  C CA   . PHE A 1 60  ? 5.547   3.271   5.150   1.00 0.29 ? 60  PHE A CA   1 
ATOM 886  C C    . PHE A 1 60  ? 4.669   3.965   4.108   1.00 0.31 ? 60  PHE A C    1 
ATOM 887  O O    . PHE A 1 60  ? 5.035   4.084   2.956   1.00 0.37 ? 60  PHE A O    1 
ATOM 888  C CB   . PHE A 1 60  ? 6.923   3.942   5.185   1.00 0.35 ? 60  PHE A CB   1 
ATOM 889  C CG   . PHE A 1 60  ? 7.920   3.031   5.910   1.00 0.28 ? 60  PHE A CG   1 
ATOM 890  C CD1  . PHE A 1 60  ? 8.315   1.673   5.883   1.00 1.20 ? 60  PHE A CD1  1 
ATOM 891  C CD2  . PHE A 1 60  ? 8.747   2.376   4.944   1.00 1.27 ? 60  PHE A CD2  1 
ATOM 892  C CE1  . PHE A 1 60  ? 9.388   2.401   5.296   1.00 1.20 ? 60  PHE A CE1  1 
ATOM 893  C CE2  . PHE A 1 60  ? 8.896   1.701   6.188   1.00 1.27 ? 60  PHE A CE2  1 
ATOM 894  C CZ   . PHE A 1 60  ? 8.976   3.076   6.488   1.00 0.27 ? 60  PHE A CZ   1 
ATOM 895  H H    . PHE A 1 60  ? 6.161   1.587   3.956   1.00 0.30 ? 60  PHE A H    1 
ATOM 896  H HA   . PHE A 1 60  ? 5.082   3.348   6.122   1.00 0.28 ? 60  PHE A HA   1 
ATOM 897  H HB2  . PHE A 1 60  ? 7.262   4.116   4.174   1.00 0.43 ? 60  PHE A HB2  1 
ATOM 898  H HB3  . PHE A 1 60  ? 6.853   4.885   5.708   1.00 0.40 ? 60  PHE A HB3  1 
ATOM 899  H HD1  . PHE A 1 60  ? 8.170   0.956   6.724   1.00 2.13 ? 60  PHE A HD1  1 
ATOM 900  H HD2  . PHE A 1 60  ? 8.459   1.843   3.984   1.00 2.20 ? 60  PHE A HD2  1 
ATOM 901  H HE1  . PHE A 1 60  ? 10.386  1.925   5.041   1.00 2.12 ? 60  PHE A HE1  1 
ATOM 902  H HE2  . PHE A 1 60  ? 8.331   0.950   6.788   1.00 2.20 ? 60  PHE A HE2  1 
ATOM 903  H HZ   . PHE A 1 60  ? 9.741   3.805   6.766   1.00 0.32 ? 60  PHE A HZ   1 
ATOM 904  N N    . ILE A 1 61  ? 3.516   4.428   4.503   1.00 0.29 ? 61  ILE A N    1 
ATOM 905  C CA   . ILE A 1 61  ? 2.621   5.118   3.531   1.00 0.33 ? 61  ILE A CA   1 
ATOM 906  C C    . ILE A 1 61  ? 2.775   6.629   3.693   1.00 0.30 ? 61  ILE A C    1 
ATOM 907  O O    . ILE A 1 61  ? 2.971   7.129   4.783   1.00 0.27 ? 61  ILE A O    1 
ATOM 908  C CB   . ILE A 1 61  ? 1.168   4.720   3.791   1.00 0.38 ? 61  ILE A CB   1 
ATOM 909  C CG1  . ILE A 1 61  ? 0.761   5.168   5.198   1.00 0.44 ? 61  ILE A CG1  1 
ATOM 910  C CG2  . ILE A 1 61  ? 1.025   3.201   3.679   1.00 0.40 ? 61  ILE A CG2  1 
ATOM 911  C CD1  . ILE A 1 61  ? -0.718  4.852   5.426   1.00 0.91 ? 61  ILE A CD1  1 
ATOM 912  H H    . ILE A 1 61  ? 3.240   4.327   5.439   1.00 0.27 ? 61  ILE A H    1 
ATOM 913  H HA   . ILE A 1 61  ? 2.897   4.836   2.526   1.00 0.38 ? 61  ILE A HA   1 
ATOM 914  H HB   . ILE A 1 61  ? 0.529   5.196   3.061   1.00 0.47 ? 61  ILE A HB   1 
ATOM 915  H HG12 . ILE A 1 61  ? 1.360   4.644   5.928   1.00 0.79 ? 61  ILE A HG12 1 
ATOM 916  H HG13 . ILE A 1 61  ? 0.920   6.231   5.295   1.00 0.62 ? 61  ILE A HG13 1 
ATOM 917  H HG21 . ILE A 1 61  ? 1.621   2.844   2.853   1.00 1.05 ? 61  ILE A HG21 1 
ATOM 918  H HG22 . ILE A 1 61  ? 1.364   2.738   4.594   1.00 1.07 ? 61  ILE A HG22 1 
ATOM 919  H HG23 . ILE A 1 61  ? -0.012  2.948   3.511   1.00 1.04 ? 61  ILE A HG23 1 
ATOM 920  H HD11 . ILE A 1 61  ? -1.249  4.920   4.488   1.00 1.52 ? 61  ILE A HD11 1 
ATOM 921  H HD12 . ILE A 1 61  ? -0.816  3.853   5.824   1.00 1.40 ? 61  ILE A HD12 1 
ATOM 922  H HD13 . ILE A 1 61  ? -1.133  5.562   6.126   1.00 1.46 ? 61  ILE A HD13 1 
ATOM 923  N N    . PHE A 1 62  ? 2.696   7.360   2.617   1.00 0.34 ? 62  PHE A N    1 
ATOM 924  C CA   . PHE A 1 62  ? 2.847   8.837   2.713   1.00 0.33 ? 62  PHE A CA   1 
ATOM 925  C C    . PHE A 1 62  ? 1.549   9.520   2.282   1.00 0.33 ? 62  PHE A C    1 
ATOM 926  O O    . PHE A 1 62  ? 1.258   9.636   1.107   1.00 0.36 ? 62  PHE A O    1 
ATOM 927  C CB   . PHE A 1 62  ? 3.988   9.291   1.802   1.00 0.41 ? 62  PHE A CB   1 
ATOM 928  C CG   . PHE A 1 62  ? 5.283   8.677   2.276   1.00 0.38 ? 62  PHE A CG   1 
ATOM 929  C CD1  . PHE A 1 62  ? 5.472   7.292   2.194   1.00 1.25 ? 62  PHE A CD1  1 
ATOM 930  C CD2  . PHE A 1 62  ? 6.293   9.492   2.799   1.00 1.30 ? 62  PHE A CD2  1 
ATOM 931  C CE1  . PHE A 1 62  ? 6.672   6.722   2.635   1.00 1.28 ? 62  PHE A CE1  1 
ATOM 932  C CE2  . PHE A 1 62  ? 7.494   8.922   3.239   1.00 1.35 ? 62  PHE A CE2  1 
ATOM 933  C CZ   . PHE A 1 62  ? 7.683   7.538   3.158   1.00 0.59 ? 62  PHE A CZ   1 
ATOM 934  H H    . PHE A 1 62  ? 2.543   6.937   1.749   1.00 0.39 ? 62  PHE A H    1 
ATOM 935  H HA   . PHE A 1 62  ? 3.072   9.109   3.733   1.00 0.30 ? 62  PHE A HA   1 
ATOM 936  H HB2  . PHE A 1 62  ? 3.787   8.972   0.789   1.00 0.50 ? 62  PHE A HB2  1 
ATOM 937  H HB3  . PHE A 1 62  ? 4.068   10.368  1.831   1.00 0.51 ? 62  PHE A HB3  1 
ATOM 938  H HD1  . PHE A 1 62  ? 4.691   6.664   1.791   1.00 2.15 ? 62  PHE A HD1  1 
ATOM 939  H HD2  . PHE A 1 62  ? 6.147   10.560  2.861   1.00 2.20 ? 62  PHE A HD2  1 
ATOM 940  H HE1  . PHE A 1 62  ? 6.818   5.654   2.573   1.00 2.18 ? 62  PHE A HE1  1 
ATOM 941  H HE2  . PHE A 1 62  ? 8.274   9.551   3.643   1.00 2.25 ? 62  PHE A HE2  1 
ATOM 942  H HZ   . PHE A 1 62  ? 8.609   7.097   3.498   1.00 0.71 ? 62  PHE A HZ   1 
ATOM 943  N N    . LYS A 1 63  ? 0.767   9.980   3.221   1.00 0.31 ? 63  LYS A N    1 
ATOM 944  C CA   . LYS A 1 63  ? -0.505  10.660  2.853   1.00 0.34 ? 63  LYS A CA   1 
ATOM 945  C C    . LYS A 1 63  ? -0.209  11.706  1.775   1.00 0.31 ? 63  LYS A C    1 
ATOM 946  O O    . LYS A 1 63  ? 0.805   12.375  1.810   1.00 0.42 ? 63  LYS A O    1 
ATOM 947  C CB   . LYS A 1 63  ? -1.104  11.337  4.091   1.00 0.38 ? 63  LYS A CB   1 
ATOM 948  C CG   . LYS A 1 63  ? -2.144  12.376  3.662   1.00 0.88 ? 63  LYS A CG   1 
ATOM 949  C CD   . LYS A 1 63  ? -2.943  12.836  4.882   1.00 1.47 ? 63  LYS A CD   1 
ATOM 950  C CE   . LYS A 1 63  ? -3.137  14.353  4.822   1.00 2.11 ? 63  LYS A CE   1 
ATOM 951  N NZ   . LYS A 1 63  ? -3.734  14.828  6.101   1.00 2.92 ? 63  LYS A NZ   1 
ATOM 952  H H    . LYS A 1 63  ? 1.018   9.882   4.162   1.00 0.30 ? 63  LYS A H    1 
ATOM 953  H HA   . LYS A 1 63  ? -1.201  9.932   2.467   1.00 0.38 ? 63  LYS A HA   1 
ATOM 954  H HB2  . LYS A 1 63  ? -1.577  10.591  4.713   1.00 0.56 ? 63  LYS A HB2  1 
ATOM 955  H HB3  . LYS A 1 63  ? -0.322  11.825  4.649   1.00 0.79 ? 63  LYS A HB3  1 
ATOM 956  H HG2  . LYS A 1 63  ? -1.641  13.224  3.219   1.00 1.40 ? 63  LYS A HG2  1 
ATOM 957  H HG3  . LYS A 1 63  ? -2.814  11.937  2.939   1.00 1.20 ? 63  LYS A HG3  1 
ATOM 958  H HD2  . LYS A 1 63  ? -3.907  12.348  4.885   1.00 1.87 ? 63  LYS A HD2  1 
ATOM 959  H HD3  . LYS A 1 63  ? -2.405  12.579  5.783   1.00 1.92 ? 63  LYS A HD3  1 
ATOM 960  H HE2  . LYS A 1 63  ? -2.182  14.832  4.670   1.00 2.60 ? 63  LYS A HE2  1 
ATOM 961  H HE3  . LYS A 1 63  ? -3.798  14.598  4.003   1.00 2.34 ? 63  LYS A HE3  1 
ATOM 962  H HZ1  . LYS A 1 63  ? -4.524  14.204  6.369   1.00 3.14 ? 63  LYS A HZ1  1 
ATOM 963  H HZ2  . LYS A 1 63  ? -3.012  14.814  6.848   1.00 3.30 ? 63  LYS A HZ2  1 
ATOM 964  H HZ3  . LYS A 1 63  ? -4.085  15.799  5.980   1.00 3.50 ? 63  LYS A HZ3  1 
ATOM 965  N N    . ASP A 1 64  ? -1.081  11.844  0.816   1.00 0.41 ? 64  ASP A N    1 
ATOM 966  C CA   . ASP A 1 64  ? -0.846  12.838  -0.268  1.00 0.40 ? 64  ASP A CA   1 
ATOM 967  C C    . ASP A 1 64  ? 0.272   12.329  -1.180  1.00 0.37 ? 64  ASP A C    1 
ATOM 968  O O    . ASP A 1 64  ? 0.985   11.406  -0.844  1.00 0.38 ? 64  ASP A O    1 
ATOM 969  C CB   . ASP A 1 64  ? -0.439  14.176  0.347   1.00 0.48 ? 64  ASP A CB   1 
ATOM 970  C CG   . ASP A 1 64  ? -1.487  15.236  0.004   1.00 0.76 ? 64  ASP A CG   1 
ATOM 971  O OD1  . ASP A 1 64  ? -2.663  14.921  0.071   1.00 1.31 ? 64  ASP A OD1  1 
ATOM 972  O OD2  . ASP A 1 64  ? -1.096  16.345  -0.322  1.00 1.42 ? 64  ASP A OD2  1 
ATOM 973  H H    . ASP A 1 64  ? -1.888  11.291  0.804   1.00 0.56 ? 64  ASP A H    1 
ATOM 974  H HA   . ASP A 1 64  ? -1.749  12.965  -0.844  1.00 0.43 ? 64  ASP A HA   1 
ATOM 975  H HB2  . ASP A 1 64  ? -0.369  14.072  1.420   1.00 0.77 ? 64  ASP A HB2  1 
ATOM 976  H HB3  . ASP A 1 64  ? 0.518   14.478  -0.049  1.00 0.43 ? 64  ASP A HB3  1 
ATOM 977  N N    . ASP A 1 65  ? 0.427   12.922  -2.332  1.00 0.41 ? 65  ASP A N    1 
ATOM 978  C CA   . ASP A 1 65  ? 1.499   12.470  -3.265  1.00 0.42 ? 65  ASP A CA   1 
ATOM 979  C C    . ASP A 1 65  ? 2.786   12.215  -2.475  1.00 0.41 ? 65  ASP A C    1 
ATOM 980  O O    . ASP A 1 65  ? 3.106   12.931  -1.549  1.00 0.46 ? 65  ASP A O    1 
ATOM 981  C CB   . ASP A 1 65  ? 1.754   13.556  -4.313  1.00 0.49 ? 65  ASP A CB   1 
ATOM 982  C CG   . ASP A 1 65  ? 0.492   13.762  -5.152  1.00 1.29 ? 65  ASP A CG   1 
ATOM 983  O OD1  . ASP A 1 65  ? -0.479  14.265  -4.613  1.00 2.00 ? 65  ASP A OD1  1 
ATOM 984  O OD2  . ASP A 1 65  ? 0.518   13.412  -6.321  1.00 1.94 ? 65  ASP A OD2  1 
ATOM 985  H H    . ASP A 1 65  ? -0.161  13.664  -2.583  1.00 0.49 ? 65  ASP A H    1 
ATOM 986  H HA   . ASP A 1 65  ? 1.188   11.560  -3.758  1.00 0.42 ? 65  ASP A HA   1 
ATOM 987  H HB2  . ASP A 1 65  ? 2.012   14.481  -3.816  1.00 0.86 ? 65  ASP A HB2  1 
ATOM 988  H HB3  . ASP A 1 65  ? 2.566   13.254  -4.955  1.00 0.79 ? 65  ASP A HB3  1 
ATOM 989  N N    . ARG A 1 66  ? 3.528   11.200  -2.827  1.00 0.44 ? 66  ARG A N    1 
ATOM 990  C CA   . ARG A 1 66  ? 4.788   10.912  -2.084  1.00 0.50 ? 66  ARG A CA   1 
ATOM 991  C C    . ARG A 1 66  ? 5.673   12.162  -2.074  1.00 0.53 ? 66  ARG A C    1 
ATOM 992  O O    . ARG A 1 66  ? 6.579   12.284  -1.273  1.00 0.62 ? 66  ARG A O    1 
ATOM 993  C CB   . ARG A 1 66  ? 5.538   9.763   -2.763  1.00 0.57 ? 66  ARG A CB   1 
ATOM 994  C CG   . ARG A 1 66  ? 6.745   9.368   -1.909  1.00 1.03 ? 66  ARG A CG   1 
ATOM 995  C CD   . ARG A 1 66  ? 8.031   9.590   -2.707  1.00 1.49 ? 66  ARG A CD   1 
ATOM 996  N NE   . ARG A 1 66  ? 9.101   10.082  -1.794  1.00 1.83 ? 66  ARG A NE   1 
ATOM 997  C CZ   . ARG A 1 66  ? 10.297  9.562   -1.850  1.00 2.20 ? 66  ARG A CZ   1 
ATOM 998  N NH1  . ARG A 1 66  ? 10.732  9.044   -2.966  1.00 2.61 ? 66  ARG A NH1  1 
ATOM 999  N NH2  . ARG A 1 66  ? 11.058  9.559   -0.790  1.00 2.80 ? 66  ARG A NH2  1 
ATOM 1000 H H    . ARG A 1 66  ? 3.256   10.628  -3.575  1.00 0.47 ? 66  ARG A H    1 
ATOM 1001 H HA   . ARG A 1 66  ? 4.549   10.634  -1.068  1.00 0.54 ? 66  ARG A HA   1 
ATOM 1002 H HB2  . ARG A 1 66  ? 4.877   8.914   -2.868  1.00 0.90 ? 66  ARG A HB2  1 
ATOM 1003 H HB3  . ARG A 1 66  ? 5.877   10.080  -3.738  1.00 0.82 ? 66  ARG A HB3  1 
ATOM 1004 H HG2  . ARG A 1 66  ? 6.766   9.973   -1.015  1.00 1.54 ? 66  ARG A HG2  1 
ATOM 1005 H HG3  . ARG A 1 66  ? 6.668   8.326   -1.639  1.00 1.74 ? 66  ARG A HG3  1 
ATOM 1006 H HD2  . ARG A 1 66  ? 8.341   8.660   -3.158  1.00 2.16 ? 66  ARG A HD2  1 
ATOM 1007 H HD3  . ARG A 1 66  ? 7.852   10.323  -3.481  1.00 1.97 ? 66  ARG A HD3  1 
ATOM 1008 H HE   . ARG A 1 66  ? 8.907   10.797  -1.152  1.00 2.30 ? 66  ARG A HE   1 
ATOM 1009 H HH11 . ARG A 1 66  ? 10.148  9.046   -3.779  1.00 2.85 ? 66  ARG A HH11 1 
ATOM 1010 H HH12 . ARG A 1 66  ? 11.647  8.645   -3.010  1.00 3.06 ? 66  ARG A HH12 1 
ATOM 1011 H HH21 . ARG A 1 66  ? 10.726  9.956   0.065   1.00 3.15 ? 66  ARG A HH21 1 
ATOM 1012 H HH22 . ARG A 1 66  ? 11.974  9.160   -0.833  1.00 3.23 ? 66  ARG A HH22 1 
ATOM 1013 N N    . PHE A 1 67  ? 5.423   13.089  -2.958  1.00 0.52 ? 67  PHE A N    1 
ATOM 1014 C CA   . PHE A 1 67  ? 6.257   14.323  -2.997  1.00 0.61 ? 67  PHE A CA   1 
ATOM 1015 C C    . PHE A 1 67  ? 5.897   15.234  -1.818  1.00 0.67 ? 67  PHE A C    1 
ATOM 1016 O O    . PHE A 1 67  ? 6.753   15.864  -1.229  1.00 0.75 ? 67  PHE A O    1 
ATOM 1017 C CB   . PHE A 1 67  ? 6.012   15.069  -4.313  1.00 0.63 ? 67  PHE A CB   1 
ATOM 1018 C CG   . PHE A 1 67  ? 7.337   15.380  -4.967  1.00 0.94 ? 67  PHE A CG   1 
ATOM 1019 C CD1  . PHE A 1 67  ? 8.327   14.392  -5.047  1.00 1.46 ? 67  PHE A CD1  1 
ATOM 1020 C CD2  . PHE A 1 67  ? 7.577   16.655  -5.494  1.00 1.91 ? 67  PHE A CD2  1 
ATOM 1021 C CE1  . PHE A 1 67  ? 9.555   14.679  -5.652  1.00 1.88 ? 67  PHE A CE1  1 
ATOM 1022 C CE2  . PHE A 1 67  ? 8.806   16.942  -6.100  1.00 2.41 ? 67  PHE A CE2  1 
ATOM 1023 C CZ   . PHE A 1 67  ? 9.795   15.954  -6.179  1.00 2.11 ? 67  PHE A CZ   1 
ATOM 1024 H H    . PHE A 1 67  ? 4.693   12.971  -3.599  1.00 0.51 ? 67  PHE A H    1 
ATOM 1025 H HA   . PHE A 1 67  ? 7.299   14.049  -2.932  1.00 0.66 ? 67  PHE A HA   1 
ATOM 1026 H HB2  . PHE A 1 67  ? 5.420   14.453  -4.973  1.00 0.79 ? 67  PHE A HB2  1 
ATOM 1027 H HB3  . PHE A 1 67  ? 5.487   15.991  -4.112  1.00 0.88 ? 67  PHE A HB3  1 
ATOM 1028 H HD1  . PHE A 1 67  ? 8.141   13.409  -4.640  1.00 2.11 ? 67  PHE A HD1  1 
ATOM 1029 H HD2  . PHE A 1 67  ? 6.814   17.417  -5.433  1.00 2.56 ? 67  PHE A HD2  1 
ATOM 1030 H HE1  . PHE A 1 67  ? 10.318  13.917  -5.713  1.00 2.53 ? 67  PHE A HE1  1 
ATOM 1031 H HE2  . PHE A 1 67  ? 8.991   17.925  -6.507  1.00 3.31 ? 67  PHE A HE2  1 
ATOM 1032 H HZ   . PHE A 1 67  ? 10.743  16.175  -6.646  1.00 2.60 ? 67  PHE A HZ   1 
ATOM 1033 N N    . ASN A 1 68  ? 4.640   15.315  -1.468  1.00 0.69 ? 68  ASN A N    1 
ATOM 1034 C CA   . ASN A 1 68  ? 4.244   16.193  -0.329  1.00 0.80 ? 68  ASN A CA   1 
ATOM 1035 C C    . ASN A 1 68  ? 3.169   15.496  0.510   1.00 0.79 ? 68  ASN A C    1 
ATOM 1036 O O    . ASN A 1 68  ? 2.650   14.463  0.138   1.00 1.38 ? 68  ASN A O    1 
ATOM 1037 C CB   . ASN A 1 68  ? 3.691   17.512  -0.872  1.00 0.87 ? 68  ASN A CB   1 
ATOM 1038 C CG   . ASN A 1 68  ? 4.761   18.599  -0.757  1.00 1.17 ? 68  ASN A CG   1 
ATOM 1039 O OD1  . ASN A 1 68  ? 5.497   18.644  0.208   1.00 1.84 ? 68  ASN A OD1  1 
ATOM 1040 N ND2  . ASN A 1 68  ? 4.878   19.485  -1.708  1.00 1.43 ? 68  ASN A ND2  1 
ATOM 1041 H H    . ASN A 1 68  ? 3.960   14.805  -1.953  1.00 0.66 ? 68  ASN A H    1 
ATOM 1042 H HA   . ASN A 1 68  ? 5.108   16.392  0.287   1.00 0.87 ? 68  ASN A HA   1 
ATOM 1043 H HB2  . ASN A 1 68  ? 3.414   17.386  -1.909  1.00 0.95 ? 68  ASN A HB2  1 
ATOM 1044 H HB3  . ASN A 1 68  ? 2.822   17.802  -0.300  1.00 0.87 ? 68  ASN A HB3  1 
ATOM 1045 H HD21 . ASN A 1 68  ? 4.284   19.449  -2.487  1.00 1.84 ? 68  ASN A HD21 1 
ATOM 1046 H HD22 . ASN A 1 68  ? 5.561   20.186  -1.644  1.00 1.64 ? 68  ASN A HD22 1 
ATOM 1047 N N    . GLY A 1 69  ? 2.828   16.055  1.640   1.00 0.42 ? 69  GLY A N    1 
ATOM 1048 C CA   . GLY A 1 69  ? 1.786   15.423  2.499   1.00 0.38 ? 69  GLY A CA   1 
ATOM 1049 C C    . GLY A 1 69  ? 2.414   14.982  3.822   1.00 0.36 ? 69  GLY A C    1 
ATOM 1050 O O    . GLY A 1 69  ? 2.987   15.774  4.543   1.00 0.44 ? 69  GLY A O    1 
ATOM 1051 H H    . GLY A 1 69  ? 3.256   16.889  1.923   1.00 0.72 ? 69  GLY A H    1 
ATOM 1052 H HA2  . GLY A 1 69  ? 0.998   16.138  2.693   1.00 0.39 ? 69  GLY A HA2  1 
ATOM 1053 H HA3  . GLY A 1 69  ? 1.376   14.561  1.995   1.00 0.39 ? 69  GLY A HA3  1 
ATOM 1054 N N    . ASN A 1 70  ? 2.312   13.722  4.147   1.00 0.33 ? 70  ASN A N    1 
ATOM 1055 C CA   . ASN A 1 70  ? 2.907   13.232  5.424   1.00 0.38 ? 70  ASN A CA   1 
ATOM 1056 C C    . ASN A 1 70  ? 3.399   11.795  5.240   1.00 0.34 ? 70  ASN A C    1 
ATOM 1057 O O    . ASN A 1 70  ? 3.050   11.128  4.287   1.00 0.30 ? 70  ASN A O    1 
ATOM 1058 C CB   . ASN A 1 70  ? 1.854   13.273  6.533   1.00 0.46 ? 70  ASN A CB   1 
ATOM 1059 C CG   . ASN A 1 70  ? 2.539   13.144  7.894   1.00 1.21 ? 70  ASN A CG   1 
ATOM 1060 O OD1  . ASN A 1 70  ? 2.576   12.074  8.469   1.00 1.78 ? 70  ASN A OD1  1 
ATOM 1061 N ND2  . ASN A 1 70  ? 3.087   14.195  8.438   1.00 2.00 ? 70  ASN A ND2  1 
ATOM 1062 H H    . ASN A 1 70  ? 1.848   13.099  3.550   1.00 0.34 ? 70  ASN A H    1 
ATOM 1063 H HA   . ASN A 1 70  ? 3.740   13.863  5.697   1.00 0.44 ? 70  ASN A HA   1 
ATOM 1064 H HB2  . ASN A 1 70  ? 1.318   14.211  6.486   1.00 0.97 ? 70  ASN A HB2  1 
ATOM 1065 H HB3  . ASN A 1 70  ? 1.161   12.457  6.403   1.00 0.70 ? 70  ASN A HB3  1 
ATOM 1066 H HD21 . ASN A 1 70  ? 3.058   15.059  7.975   1.00 2.29 ? 70  ASN A HD21 1 
ATOM 1067 H HD22 . ASN A 1 70  ? 3.529   14.122  9.310   1.00 2.58 ? 70  ASN A HD22 1 
ATOM 1068 N N    . PHE A 1 71  ? 4.211   11.315  6.144   1.00 0.39 ? 71  PHE A N    1 
ATOM 1069 C CA   . PHE A 1 71  ? 4.730   9.923   6.016   1.00 0.35 ? 71  PHE A CA   1 
ATOM 1070 C C    . PHE A 1 71  ? 4.509   9.164   7.326   1.00 0.32 ? 71  PHE A C    1 
ATOM 1071 O O    . PHE A 1 71  ? 4.525   9.737   8.398   1.00 0.38 ? 71  PHE A O    1 
ATOM 1072 C CB   . PHE A 1 71  ? 6.227   9.965   5.700   1.00 0.45 ? 71  PHE A CB   1 
ATOM 1073 C CG   . PHE A 1 71  ? 6.987   10.438  6.917   1.00 0.50 ? 71  PHE A CG   1 
ATOM 1074 C CD1  . PHE A 1 71  ? 7.209   9.564   7.988   1.00 1.33 ? 71  PHE A CD1  1 
ATOM 1075 C CD2  . PHE A 1 71  ? 7.469   11.751  6.974   1.00 1.31 ? 71  PHE A CD2  1 
ATOM 1076 C CE1  . PHE A 1 71  ? 7.913   10.002  9.116   1.00 1.37 ? 71  PHE A CE1  1 
ATOM 1077 C CE2  . PHE A 1 71  ? 8.172   12.190  8.102   1.00 1.40 ? 71  PHE A CE2  1 
ATOM 1078 C CZ   . PHE A 1 71  ? 8.395   11.316  9.173   1.00 0.77 ? 71  PHE A CZ   1 
ATOM 1079 H H    . PHE A 1 71  ? 4.481   11.872  6.904   1.00 0.45 ? 71  PHE A H    1 
ATOM 1080 H HA   . PHE A 1 71  ? 4.210   9.417   5.217   1.00 0.34 ? 71  PHE A HA   1 
ATOM 1081 H HB2  . PHE A 1 71  ? 6.565   8.976   5.427   1.00 0.49 ? 71  PHE A HB2  1 
ATOM 1082 H HB3  . PHE A 1 71  ? 6.404   10.644  4.879   1.00 0.56 ? 71  PHE A HB3  1 
ATOM 1083 H HD1  . PHE A 1 71  ? 6.837   8.550   7.945   1.00 2.21 ? 71  PHE A HD1  1 
ATOM 1084 H HD2  . PHE A 1 71  ? 7.298   12.426  6.148   1.00 2.17 ? 71  PHE A HD2  1 
ATOM 1085 H HE1  . PHE A 1 71  ? 8.084   9.329   9.942   1.00 2.23 ? 71  PHE A HE1  1 
ATOM 1086 H HE2  . PHE A 1 71  ? 8.545   13.203  8.146   1.00 2.29 ? 71  PHE A HE2  1 
ATOM 1087 H HZ   . PHE A 1 71  ? 8.938   11.655  10.043  1.00 0.90 ? 71  PHE A HZ   1 
ATOM 1088 N N    . ILE A 1 72  ? 4.315   7.876   7.247   1.00 0.28 ? 72  ILE A N    1 
ATOM 1089 C CA   . ILE A 1 72  ? 4.105   7.073   8.483   1.00 0.30 ? 72  ILE A CA   1 
ATOM 1090 C C    . ILE A 1 72  ? 4.746   5.697   8.301   1.00 0.26 ? 72  ILE A C    1 
ATOM 1091 O O    . ILE A 1 72  ? 4.770   5.151   7.213   1.00 0.26 ? 72  ILE A O    1 
ATOM 1092 C CB   . ILE A 1 72  ? 2.607   6.914   8.748   1.00 0.35 ? 72  ILE A CB   1 
ATOM 1093 C CG1  . ILE A 1 72  ? 1.948   6.225   7.552   1.00 0.74 ? 72  ILE A CG1  1 
ATOM 1094 C CG2  . ILE A 1 72  ? 1.976   8.292   8.953   1.00 0.81 ? 72  ILE A CG2  1 
ATOM 1095 C CD1  . ILE A 1 72  ? 0.511   5.844   7.914   1.00 1.46 ? 72  ILE A CD1  1 
ATOM 1096 H H    . ILE A 1 72  ? 4.314   7.435   6.372   1.00 0.28 ? 72  ILE A H    1 
ATOM 1097 H HA   . ILE A 1 72  ? 4.567   7.576   9.320   1.00 0.37 ? 72  ILE A HA   1 
ATOM 1098 H HB   . ILE A 1 72  ? 2.462   6.314   9.636   1.00 0.72 ? 72  ILE A HB   1 
ATOM 1099 H HG12 . ILE A 1 72  ? 1.940   6.900   6.708   1.00 1.05 ? 72  ILE A HG12 1 
ATOM 1100 H HG13 . ILE A 1 72  ? 2.502   5.335   7.297   1.00 1.11 ? 72  ILE A HG13 1 
ATOM 1101 H HG21 . ILE A 1 72  ? 2.219   8.927   8.114   1.00 1.32 ? 72  ILE A HG21 1 
ATOM 1102 H HG22 . ILE A 1 72  ? 0.904   8.188   9.027   1.00 1.30 ? 72  ILE A HG22 1 
ATOM 1103 H HG23 . ILE A 1 72  ? 2.360   8.732   9.861   1.00 1.55 ? 72  ILE A HG23 1 
ATOM 1104 H HD11 . ILE A 1 72  ? 0.395   5.856   8.988   1.00 1.96 ? 72  ILE A HD11 1 
ATOM 1105 H HD12 . ILE A 1 72  ? -0.173  6.552   7.470   1.00 1.87 ? 72  ILE A HD12 1 
ATOM 1106 H HD13 . ILE A 1 72  ? 0.297   4.853   7.540   1.00 2.03 ? 72  ILE A HD13 1 
ATOM 1107 N N    . ARG A 1 73  ? 5.274   5.133   9.353   1.00 0.29 ? 73  ARG A N    1 
ATOM 1108 C CA   . ARG A 1 73  ? 5.925   3.798   9.236   1.00 0.27 ? 73  ARG A CA   1 
ATOM 1109 C C    . ARG A 1 73  ? 5.037   2.725   9.871   1.00 0.27 ? 73  ARG A C    1 
ATOM 1110 O O    . ARG A 1 73  ? 4.394   2.949   10.878  1.00 0.40 ? 73  ARG A O    1 
ATOM 1111 C CB   . ARG A 1 73  ? 7.278   3.829   9.953   1.00 0.35 ? 73  ARG A CB   1 
ATOM 1112 C CG   . ARG A 1 73  ? 7.177   4.715   11.197  1.00 1.26 ? 73  ARG A CG   1 
ATOM 1113 C CD   . ARG A 1 73  ? 8.426   4.527   12.060  1.00 1.42 ? 73  ARG A CD   1 
ATOM 1114 N NE   . ARG A 1 73  ? 8.479   5.596   13.096  1.00 1.87 ? 73  ARG A NE   1 
ATOM 1115 C CZ   . ARG A 1 73  ? 9.612   6.185   13.370  1.00 2.15 ? 73  ARG A CZ   1 
ATOM 1116 N NH1  . ARG A 1 73  ? 10.713  5.486   13.423  1.00 2.46 ? 73  ARG A NH1  1 
ATOM 1117 N NH2  . ARG A 1 73  ? 9.643   7.470   13.591  1.00 2.74 ? 73  ARG A NH2  1 
ATOM 1118 H H    . ARG A 1 73  ? 5.249   5.593   10.218  1.00 0.36 ? 73  ARG A H    1 
ATOM 1119 H HA   . ARG A 1 73  ? 6.079   3.565   8.194   1.00 0.28 ? 73  ARG A HA   1 
ATOM 1120 H HB2  . ARG A 1 73  ? 7.555   2.827   10.246  1.00 1.07 ? 73  ARG A HB2  1 
ATOM 1121 H HB3  . ARG A 1 73  ? 8.029   4.231   9.289   1.00 1.14 ? 73  ARG A HB3  1 
ATOM 1122 H HG2  . ARG A 1 73  ? 7.099   5.750   10.896  1.00 2.01 ? 73  ARG A HG2  1 
ATOM 1123 H HG3  . ARG A 1 73  ? 6.304   4.437   11.767  1.00 1.93 ? 73  ARG A HG3  1 
ATOM 1124 H HD2  . ARG A 1 73  ? 8.390   3.562   12.542  1.00 2.12 ? 73  ARG A HD2  1 
ATOM 1125 H HD3  . ARG A 1 73  ? 9.307   4.585   11.438  1.00 1.67 ? 73  ARG A HD3  1 
ATOM 1126 H HE   . ARG A 1 73  ? 7.663   5.860   13.571  1.00 2.46 ? 73  ARG A HE   1 
ATOM 1127 H HH11 . ARG A 1 73  ? 10.689  4.500   13.253  1.00 2.73 ? 73  ARG A HH11 1 
ATOM 1128 H HH12 . ARG A 1 73  ? 11.580  5.936   13.632  1.00 2.78 ? 73  ARG A HH12 1 
ATOM 1129 H HH21 . ARG A 1 73  ? 8.799   8.006   13.550  1.00 3.05 ? 73  ARG A HH21 1 
ATOM 1130 H HH22 . ARG A 1 73  ? 10.511  7.921   13.800  1.00 3.16 ? 73  ARG A HH22 1 
ATOM 1131 N N    . LEU A 1 74  ? 5.007   1.555   9.291   1.00 0.25 ? 74  LEU A N    1 
ATOM 1132 C CA   . LEU A 1 74  ? 4.175   0.456   9.853   1.00 0.29 ? 74  LEU A CA   1 
ATOM 1133 C C    . LEU A 1 74  ? 5.027   -0.811  9.938   1.00 0.24 ? 74  LEU A C    1 
ATOM 1134 O O    . LEU A 1 74  ? 5.185   -1.532  8.973   1.00 0.20 ? 74  LEU A O    1 
ATOM 1135 C CB   . LEU A 1 74  ? 2.974   0.202   8.941   1.00 0.38 ? 74  LEU A CB   1 
ATOM 1136 C CG   . LEU A 1 74  ? 1.887   1.239   9.224   1.00 0.68 ? 74  LEU A CG   1 
ATOM 1137 C CD1  . LEU A 1 74  ? 1.178   1.604   7.919   1.00 1.71 ? 74  LEU A CD1  1 
ATOM 1138 C CD2  . LEU A 1 74  ? 0.872   0.655   10.210  1.00 1.15 ? 74  LEU A CD2  1 
ATOM 1139 H H    . LEU A 1 74  ? 5.542   1.397   8.485   1.00 0.29 ? 74  LEU A H    1 
ATOM 1140 H HA   . LEU A 1 74  ? 3.832   0.730   10.840  1.00 0.35 ? 74  LEU A HA   1 
ATOM 1141 H HB2  . LEU A 1 74  ? 3.283   0.277   7.908   1.00 0.53 ? 74  LEU A HB2  1 
ATOM 1142 H HB3  . LEU A 1 74  ? 2.582   -0.787  9.128   1.00 0.54 ? 74  LEU A HB3  1 
ATOM 1143 H HG   . LEU A 1 74  ? 2.336   2.125   9.650   1.00 1.33 ? 74  LEU A HG   1 
ATOM 1144 H HD11 . LEU A 1 74  ? 0.945   0.702   7.372   1.00 2.21 ? 74  LEU A HD11 1 
ATOM 1145 H HD12 . LEU A 1 74  ? 0.263   2.136   8.142   1.00 2.18 ? 74  LEU A HD12 1 
ATOM 1146 H HD13 . LEU A 1 74  ? 1.822   2.232   7.322   1.00 2.26 ? 74  LEU A HD13 1 
ATOM 1147 H HD21 . LEU A 1 74  ? 1.131   -0.370  10.427  1.00 1.83 ? 74  LEU A HD21 1 
ATOM 1148 H HD22 . LEU A 1 74  ? 0.883   1.232   11.122  1.00 1.55 ? 74  LEU A HD22 1 
ATOM 1149 H HD23 . LEU A 1 74  ? -0.116  0.691   9.772   1.00 1.74 ? 74  LEU A HD23 1 
ATOM 1150 N N    . GLU A 1 75  ? 5.588   -1.081  11.083  1.00 0.33 ? 75  GLU A N    1 
ATOM 1151 C CA   . GLU A 1 75  ? 6.441   -2.294  11.228  1.00 0.33 ? 75  GLU A CA   1 
ATOM 1152 C C    . GLU A 1 75  ? 5.571   -3.552  11.211  1.00 0.33 ? 75  GLU A C    1 
ATOM 1153 O O    . GLU A 1 75  ? 4.362   -3.483  11.308  1.00 0.33 ? 75  GLU A O    1 
ATOM 1154 C CB   . GLU A 1 75  ? 7.205   -2.217  12.553  1.00 0.43 ? 75  GLU A CB   1 
ATOM 1155 C CG   . GLU A 1 75  ? 6.229   -2.403  13.716  1.00 1.27 ? 75  GLU A CG   1 
ATOM 1156 C CD   . GLU A 1 75  ? 7.001   -2.419  15.035  1.00 1.55 ? 75  GLU A CD   1 
ATOM 1157 O OE1  . GLU A 1 75  ? 7.802   -1.522  15.241  1.00 2.06 ? 75  GLU A OE1  1 
ATOM 1158 O OE2  . GLU A 1 75  ? 6.780   -3.329  15.818  1.00 2.08 ? 75  GLU A OE2  1 
ATOM 1159 H H    . GLU A 1 75  ? 5.455   -0.482  11.846  1.00 0.41 ? 75  GLU A H    1 
ATOM 1160 H HA   . GLU A 1 75  ? 7.146   -2.336  10.410  1.00 0.35 ? 75  GLU A HA   1 
ATOM 1161 H HB2  . GLU A 1 75  ? 7.955   -2.994  12.583  1.00 1.20 ? 75  GLU A HB2  1 
ATOM 1162 H HB3  . GLU A 1 75  ? 7.684   -1.253  12.639  1.00 1.09 ? 75  GLU A HB3  1 
ATOM 1163 H HG2  . GLU A 1 75  ? 5.519   -1.588  13.723  1.00 1.95 ? 75  GLU A HG2  1 
ATOM 1164 H HG3  . GLU A 1 75  ? 5.703   -3.338  13.598  1.00 2.00 ? 75  GLU A HG3  1 
ATOM 1165 N N    . GLU A 1 76  ? 6.186   -4.698  11.084  1.00 0.39 ? 76  GLU A N    1 
ATOM 1166 C CA   . GLU A 1 76  ? 5.423   -5.980  11.059  1.00 0.45 ? 76  GLU A CA   1 
ATOM 1167 C C    . GLU A 1 76  ? 4.239   -5.874  10.096  1.00 0.43 ? 76  GLU A C    1 
ATOM 1168 O O    . GLU A 1 76  ? 4.021   -4.859  9.466   1.00 0.48 ? 76  GLU A O    1 
ATOM 1169 C CB   . GLU A 1 76  ? 4.926   -6.322  12.471  1.00 0.48 ? 76  GLU A CB   1 
ATOM 1170 C CG   . GLU A 1 76  ? 3.759   -5.410  12.861  1.00 1.37 ? 76  GLU A CG   1 
ATOM 1171 C CD   . GLU A 1 76  ? 2.997   -6.034  14.031  1.00 1.56 ? 76  GLU A CD   1 
ATOM 1172 O OE1  . GLU A 1 76  ? 2.493   -7.132  13.866  1.00 1.83 ? 76  GLU A OE1  1 
ATOM 1173 O OE2  . GLU A 1 76  ? 2.932   -5.403  15.074  1.00 2.16 ? 76  GLU A OE2  1 
ATOM 1174 H H    . GLU A 1 76  ? 7.162   -4.715  11.005  1.00 0.44 ? 76  GLU A H    1 
ATOM 1175 H HA   . GLU A 1 76  ? 6.077   -6.770  10.719  1.00 0.57 ? 76  GLU A HA   1 
ATOM 1176 H HB2  . GLU A 1 76  ? 4.599   -7.350  12.495  1.00 1.10 ? 76  GLU A HB2  1 
ATOM 1177 H HB3  . GLU A 1 76  ? 5.735   -6.187  13.175  1.00 1.10 ? 76  GLU A HB3  1 
ATOM 1178 H HG2  . GLU A 1 76  ? 4.141   -4.443  13.156  1.00 1.99 ? 76  GLU A HG2  1 
ATOM 1179 H HG3  . GLU A 1 76  ? 3.091   -5.294  12.022  1.00 2.02 ? 76  GLU A HG3  1 
ATOM 1180 N N    . SER A 1 77  ? 3.479   -6.928  9.972   1.00 0.44 ? 77  SER A N    1 
ATOM 1181 C CA   . SER A 1 77  ? 2.312   -6.908  9.047   1.00 0.52 ? 77  SER A CA   1 
ATOM 1182 C C    . SER A 1 77  ? 1.302   -5.858  9.509   1.00 0.42 ? 77  SER A C    1 
ATOM 1183 O O    . SER A 1 77  ? 1.553   -5.098  10.423  1.00 0.71 ? 77  SER A O    1 
ATOM 1184 C CB   . SER A 1 77  ? 1.644   -8.284  9.041   1.00 0.65 ? 77  SER A CB   1 
ATOM 1185 O OG   . SER A 1 77  ? 1.041   -8.518  10.307  1.00 1.42 ? 77  SER A OG   1 
ATOM 1186 H H    . SER A 1 77  ? 3.682   -7.737  10.484  1.00 0.43 ? 77  SER A H    1 
ATOM 1187 H HA   . SER A 1 77  ? 2.647   -6.668  8.049   1.00 0.67 ? 77  SER A HA   1 
ATOM 1188 H HB2  . SER A 1 77  ? 0.886   -8.316  8.276   1.00 1.19 ? 77  SER A HB2  1 
ATOM 1189 H HB3  . SER A 1 77  ? 2.388   -9.044  8.839   1.00 1.29 ? 77  SER A HB3  1 
ATOM 1190 H HG   . SER A 1 77  ? 0.976   -9.467  10.433  1.00 1.90 ? 77  SER A HG   1 
ATOM 1191 N N    . SER A 1 78  ? 0.161   -5.812  8.881   1.00 0.31 ? 78  SER A N    1 
ATOM 1192 C CA   . SER A 1 78  ? -0.871  -4.814  9.277   1.00 0.41 ? 78  SER A CA   1 
ATOM 1193 C C    . SER A 1 78  ? -2.102  -4.979  8.388   1.00 0.38 ? 78  SER A C    1 
ATOM 1194 O O    . SER A 1 78  ? -2.040  -5.575  7.330   1.00 0.36 ? 78  SER A O    1 
ATOM 1195 C CB   . SER A 1 78  ? -0.307  -3.403  9.111   1.00 0.49 ? 78  SER A CB   1 
ATOM 1196 O OG   . SER A 1 78  ? 0.064   -3.204  7.752   1.00 0.93 ? 78  SER A OG   1 
ATOM 1197 H H    . SER A 1 78  ? -0.019  -6.436  8.145   1.00 0.47 ? 78  SER A H    1 
ATOM 1198 H HA   . SER A 1 78  ? -1.149  -4.972  10.309  1.00 0.51 ? 78  SER A HA   1 
ATOM 1199 H HB2  . SER A 1 78  ? -1.056  -2.679  9.384   1.00 0.78 ? 78  SER A HB2  1 
ATOM 1200 H HB3  . SER A 1 78  ? 0.557   -3.283  9.752   1.00 0.59 ? 78  SER A HB3  1 
ATOM 1201 H HG   . SER A 1 78  ? -0.362  -2.400  7.444   1.00 1.38 ? 78  SER A HG   1 
ATOM 1202 N N    . GLN A 1 79  ? -3.223  -4.462  8.807   1.00 0.50 ? 79  GLN A N    1 
ATOM 1203 C CA   . GLN A 1 79  ? -4.455  -4.598  7.981   1.00 0.49 ? 79  GLN A CA   1 
ATOM 1204 C C    . GLN A 1 79  ? -5.190  -3.260  7.921   1.00 0.56 ? 79  GLN A C    1 
ATOM 1205 O O    . GLN A 1 79  ? -5.977  -2.931  8.786   1.00 0.69 ? 79  GLN A O    1 
ATOM 1206 C CB   . GLN A 1 79  ? -5.369  -5.654  8.604   1.00 0.60 ? 79  GLN A CB   1 
ATOM 1207 C CG   . GLN A 1 79  ? -6.060  -6.450  7.496   1.00 0.66 ? 79  GLN A CG   1 
ATOM 1208 C CD   . GLN A 1 79  ? -7.543  -6.614  7.834   1.00 1.14 ? 79  GLN A CD   1 
ATOM 1209 O OE1  . GLN A 1 79  ? -7.907  -7.444  8.642   1.00 1.93 ? 79  GLN A OE1  1 
ATOM 1210 N NE2  . GLN A 1 79  ? -8.421  -5.850  7.244   1.00 1.52 ? 79  GLN A NE2  1 
ATOM 1211 H H    . GLN A 1 79  ? -3.256  -3.988  9.664   1.00 0.63 ? 79  GLN A H    1 
ATOM 1212 H HA   . GLN A 1 79  ? -4.184  -4.902  6.979   1.00 0.42 ? 79  GLN A HA   1 
ATOM 1213 H HB2  . GLN A 1 79  ? -4.781  -6.322  9.216   1.00 0.70 ? 79  GLN A HB2  1 
ATOM 1214 H HB3  . GLN A 1 79  ? -6.116  -5.169  9.214   1.00 0.72 ? 79  GLN A HB3  1 
ATOM 1215 H HG2  . GLN A 1 79  ? -5.960  -5.922  6.558   1.00 1.30 ? 79  GLN A HG2  1 
ATOM 1216 H HG3  . GLN A 1 79  ? -5.602  -7.424  7.413   1.00 1.40 ? 79  GLN A HG3  1 
ATOM 1217 H HE21 . GLN A 1 79  ? -8.128  -5.180  6.591   1.00 1.40 ? 79  GLN A HE21 1 
ATOM 1218 H HE22 . GLN A 1 79  ? -9.373  -5.946  7.453   1.00 2.26 ? 79  GLN A HE22 1 
ATOM 1219 N N    . VAL A 1 80  ? -4.941  -2.489  6.901   1.00 0.50 ? 80  VAL A N    1 
ATOM 1220 C CA   . VAL A 1 80  ? -5.624  -1.174  6.771   1.00 0.59 ? 80  VAL A CA   1 
ATOM 1221 C C    . VAL A 1 80  ? -6.865  -1.336  5.890   1.00 0.57 ? 80  VAL A C    1 
ATOM 1222 O O    . VAL A 1 80  ? -6.903  -0.884  4.764   1.00 0.52 ? 80  VAL A O    1 
ATOM 1223 C CB   . VAL A 1 80  ? -4.665  -0.176  6.127   1.00 0.60 ? 80  VAL A CB   1 
ATOM 1224 C CG1  . VAL A 1 80  ? -5.418  1.106   5.773   1.00 0.71 ? 80  VAL A CG1  1 
ATOM 1225 C CG2  . VAL A 1 80  ? -3.535  0.148   7.107   1.00 0.66 ? 80  VAL A CG2  1 
ATOM 1226 H H    . VAL A 1 80  ? -4.305  -2.777  6.216   1.00 0.42 ? 80  VAL A H    1 
ATOM 1227 H HA   . VAL A 1 80  ? -5.916  -0.818  7.746   1.00 0.69 ? 80  VAL A HA   1 
ATOM 1228 H HB   . VAL A 1 80  ? -4.252  -0.612  5.230   1.00 0.53 ? 80  VAL A HB   1 
ATOM 1229 H HG11 . VAL A 1 80  ? -6.471  0.971   5.968   1.00 1.12 ? 80  VAL A HG11 1 
ATOM 1230 H HG12 . VAL A 1 80  ? -5.042  1.922   6.373   1.00 1.38 ? 80  VAL A HG12 1 
ATOM 1231 H HG13 . VAL A 1 80  ? -5.272  1.331   4.727   1.00 1.18 ? 80  VAL A HG13 1 
ATOM 1232 H HG21 . VAL A 1 80  ? -3.749  -0.302  8.066   1.00 1.29 ? 80  VAL A HG21 1 
ATOM 1233 H HG22 . VAL A 1 80  ? -2.604  -0.245  6.725   1.00 1.06 ? 80  VAL A HG22 1 
ATOM 1234 H HG23 . VAL A 1 80  ? -3.454  1.219   7.221   1.00 1.27 ? 80  VAL A HG23 1 
ATOM 1235 N N    . THR A 1 81  ? -7.876  -1.987  6.398   1.00 0.64 ? 81  THR A N    1 
ATOM 1236 C CA   . THR A 1 81  ? -9.120  -2.197  5.600   1.00 0.65 ? 81  THR A CA   1 
ATOM 1237 C C    . THR A 1 81  ? -9.717  -0.850  5.189   1.00 0.72 ? 81  THR A C    1 
ATOM 1238 O O    . THR A 1 81  ? -10.296 -0.717  4.130   1.00 0.84 ? 81  THR A O    1 
ATOM 1239 C CB   . THR A 1 81  ? -10.138 -2.968  6.446   1.00 0.70 ? 81  THR A CB   1 
ATOM 1240 O OG1  . THR A 1 81  ? -11.444 -2.747  5.933   1.00 0.80 ? 81  THR A OG1  1 
ATOM 1241 C CG2  . THR A 1 81  ? -10.074 -2.486  7.897   1.00 0.80 ? 81  THR A CG2  1 
ATOM 1242 H H    . THR A 1 81  ? -7.816  -2.346  7.307   1.00 0.70 ? 81  THR A H    1 
ATOM 1243 H HA   . THR A 1 81  ? -8.887  -2.768  4.715   1.00 0.62 ? 81  THR A HA   1 
ATOM 1244 H HB   . THR A 1 81  ? -9.910  -4.021  6.411   1.00 0.72 ? 81  THR A HB   1 
ATOM 1245 H HG1  . THR A 1 81  ? -12.045 -3.345  6.386   1.00 1.06 ? 81  THR A HG1  1 
ATOM 1246 H HG21 . THR A 1 81  ? -9.687  -1.479  7.925   1.00 1.24 ? 81  THR A HG21 1 
ATOM 1247 H HG22 . THR A 1 81  ? -11.066 -2.502  8.325   1.00 1.34 ? 81  THR A HG22 1 
ATOM 1248 H HG23 . THR A 1 81  ? -9.427  -3.137  8.464   1.00 1.26 ? 81  THR A HG23 1 
ATOM 1249 N N    . ASP A 1 82  ? -9.594  0.150   6.018   1.00 0.75 ? 82  ASP A N    1 
ATOM 1250 C CA   . ASP A 1 82  ? -10.171 1.478   5.665   1.00 0.85 ? 82  ASP A CA   1 
ATOM 1251 C C    . ASP A 1 82  ? -9.108  2.570   5.803   1.00 0.84 ? 82  ASP A C    1 
ATOM 1252 O O    . ASP A 1 82  ? -8.308  2.561   6.716   1.00 1.15 ? 82  ASP A O    1 
ATOM 1253 C CB   . ASP A 1 82  ? -11.340 1.788   6.602   1.00 1.07 ? 82  ASP A CB   1 
ATOM 1254 C CG   . ASP A 1 82  ? -12.658 1.643   5.839   1.00 1.46 ? 82  ASP A CG   1 
ATOM 1255 O OD1  . ASP A 1 82  ? -12.948 0.542   5.400   1.00 1.79 ? 82  ASP A OD1  1 
ATOM 1256 O OD2  . ASP A 1 82  ? -13.355 2.635   5.707   1.00 2.19 ? 82  ASP A OD2  1 
ATOM 1257 H H    . ASP A 1 82  ? -9.130  0.025   6.870   1.00 0.77 ? 82  ASP A H    1 
ATOM 1258 H HA   . ASP A 1 82  ? -10.528 1.453   4.647   1.00 0.84 ? 82  ASP A HA   1 
ATOM 1259 H HB2  . ASP A 1 82  ? -11.327 1.098   7.433   1.00 1.32 ? 82  ASP A HB2  1 
ATOM 1260 H HB3  . ASP A 1 82  ? -11.249 2.799   6.970   1.00 1.52 ? 82  ASP A HB3  1 
ATOM 1261 N N    . LEU A 1 83  ? -9.102  3.515   4.901   1.00 0.76 ? 83  LEU A N    1 
ATOM 1262 C CA   . LEU A 1 83  ? -8.100  4.616   4.978   1.00 0.76 ? 83  LEU A CA   1 
ATOM 1263 C C    . LEU A 1 83  ? -8.825  5.966   4.943   1.00 0.94 ? 83  LEU A C    1 
ATOM 1264 O O    . LEU A 1 83  ? -8.246  6.982   4.610   1.00 0.77 ? 83  LEU A O    1 
ATOM 1265 C CB   . LEU A 1 83  ? -7.140  4.526   3.789   1.00 0.60 ? 83  LEU A CB   1 
ATOM 1266 C CG   . LEU A 1 83  ? -6.189  3.348   3.989   1.00 0.53 ? 83  LEU A CG   1 
ATOM 1267 C CD1  . LEU A 1 83  ? -5.651  2.888   2.633   1.00 0.84 ? 83  LEU A CD1  1 
ATOM 1268 C CD2  . LEU A 1 83  ? -5.022  3.782   4.880   1.00 0.93 ? 83  LEU A CD2  1 
ATOM 1269 H H    . LEU A 1 83  ? -9.762  3.503   4.177   1.00 0.92 ? 83  LEU A H    1 
ATOM 1270 H HA   . LEU A 1 83  ? -7.541  4.530   5.898   1.00 0.85 ? 83  LEU A HA   1 
ATOM 1271 H HB2  . LEU A 1 83  ? -7.704  4.384   2.879   1.00 0.60 ? 83  LEU A HB2  1 
ATOM 1272 H HB3  . LEU A 1 83  ? -6.567  5.439   3.719   1.00 0.70 ? 83  LEU A HB3  1 
ATOM 1273 H HG   . LEU A 1 83  ? -6.721  2.534   4.460   1.00 0.66 ? 83  LEU A HG   1 
ATOM 1274 H HD11 . LEU A 1 83  ? -6.239  3.331   1.843   1.00 1.30 ? 83  LEU A HD11 1 
ATOM 1275 H HD12 . LEU A 1 83  ? -4.621  3.195   2.531   1.00 1.43 ? 83  LEU A HD12 1 
ATOM 1276 H HD13 . LEU A 1 83  ? -5.713  1.810   2.568   1.00 1.46 ? 83  LEU A HD13 1 
ATOM 1277 H HD21 . LEU A 1 83  ? -4.634  4.727   4.527   1.00 1.44 ? 83  LEU A HD21 1 
ATOM 1278 H HD22 . LEU A 1 83  ? -5.367  3.892   5.897   1.00 1.47 ? 83  LEU A HD22 1 
ATOM 1279 H HD23 . LEU A 1 83  ? -4.242  3.036   4.841   1.00 1.45 ? 83  LEU A HD23 1 
ATOM 1280 N N    . THR A 1 84  ? -10.087 5.985   5.282   1.00 1.68 ? 84  THR A N    1 
ATOM 1281 C CA   . THR A 1 84  ? -10.842 7.270   5.263   1.00 1.96 ? 84  THR A CA   1 
ATOM 1282 C C    . THR A 1 84  ? -10.186 8.263   6.222   1.00 2.41 ? 84  THR A C    1 
ATOM 1283 O O    . THR A 1 84  ? -10.007 9.422   5.904   1.00 2.37 ? 84  THR A O    1 
ATOM 1284 C CB   . THR A 1 84  ? -12.289 7.020   5.697   1.00 2.35 ? 84  THR A CB   1 
ATOM 1285 O OG1  . THR A 1 84  ? -12.314 6.007   6.694   1.00 2.73 ? 84  THR A OG1  1 
ATOM 1286 C CG2  . THR A 1 84  ? -13.114 6.574   4.491   1.00 2.80 ? 84  THR A CG2  1 
ATOM 1287 H H    . THR A 1 84  ? -10.539 5.157   5.546   1.00 2.12 ? 84  THR A H    1 
ATOM 1288 H HA   . THR A 1 84  ? -10.834 7.675   4.263   1.00 1.98 ? 84  THR A HA   1 
ATOM 1289 H HB   . THR A 1 84  ? -12.708 7.931   6.097   1.00 2.79 ? 84  THR A HB   1 
ATOM 1290 H HG1  . THR A 1 84  ? -13.138 5.522   6.601   1.00 2.78 ? 84  THR A HG1  1 
ATOM 1291 H HG21 . THR A 1 84  ? -12.509 5.950   3.851   1.00 3.23 ? 84  THR A HG21 1 
ATOM 1292 H HG22 . THR A 1 84  ? -13.975 6.016   4.830   1.00 3.16 ? 84  THR A HG22 1 
ATOM 1293 H HG23 . THR A 1 84  ? -13.444 7.443   3.940   1.00 3.06 ? 84  THR A HG23 1 
ATOM 1294 N N    . THR A 1 85  ? -9.825  7.818   7.397   1.00 3.06 ? 85  THR A N    1 
ATOM 1295 C CA   . THR A 1 85  ? -9.181  8.737   8.376   1.00 3.85 ? 85  THR A CA   1 
ATOM 1296 C C    . THR A 1 85  ? -7.863  9.257   7.800   1.00 3.12 ? 85  THR A C    1 
ATOM 1297 O O    . THR A 1 85  ? -7.452  10.367  8.071   1.00 3.50 ? 85  THR A O    1 
ATOM 1298 C CB   . THR A 1 85  ? -8.902  7.982   9.679   1.00 5.00 ? 85  THR A CB   1 
ATOM 1299 O OG1  . THR A 1 85  ? -7.784  7.125   9.495   1.00 5.30 ? 85  THR A OG1  1 
ATOM 1300 C CG2  . THR A 1 85  ? -10.127 7.152   10.063  1.00 5.62 ? 85  THR A CG2  1 
ATOM 1301 H H    . THR A 1 85  ? -9.979  6.880   7.633   1.00 3.09 ? 85  THR A H    1 
ATOM 1302 H HA   . THR A 1 85  ? -9.841  9.570   8.577   1.00 4.39 ? 85  THR A HA   1 
ATOM 1303 H HB   . THR A 1 85  ? -8.690  8.689   10.466  1.00 5.54 ? 85  THR A HB   1 
ATOM 1304 H HG1  . THR A 1 85  ? -7.849  6.411   10.135  1.00 5.79 ? 85  THR A HG1  1 
ATOM 1305 H HG21 . THR A 1 85  ? -10.977 7.472   9.480   1.00 5.77 ? 85  THR A HG21 1 
ATOM 1306 H HG22 . THR A 1 85  ? -9.929  6.107   9.869   1.00 5.97 ? 85  THR A HG22 1 
ATOM 1307 H HG23 . THR A 1 85  ? -10.339 7.288   11.114  1.00 5.90 ? 85  THR A HG23 1 
ATOM 1308 N N    . ARG A 1 86  ? -7.194  8.462   7.009   1.00 2.27 ? 86  ARG A N    1 
ATOM 1309 C CA   . ARG A 1 86  ? -5.902  8.914   6.424   1.00 2.20 ? 86  ARG A CA   1 
ATOM 1310 C C    . ARG A 1 86  ? -6.161  9.992   5.368   1.00 2.03 ? 86  ARG A C    1 
ATOM 1311 O O    . ARG A 1 86  ? -5.458  10.980  5.299   1.00 2.51 ? 86  ARG A O    1 
ATOM 1312 C CB   . ARG A 1 86  ? -5.182  7.726   5.780   1.00 2.66 ? 86  ARG A CB   1 
ATOM 1313 C CG   . ARG A 1 86  ? -3.830  8.189   5.232   1.00 3.21 ? 86  ARG A CG   1 
ATOM 1314 C CD   . ARG A 1 86  ? -2.763  8.066   6.322   1.00 3.76 ? 86  ARG A CD   1 
ATOM 1315 N NE   . ARG A 1 86  ? -3.384  8.287   7.658   1.00 4.32 ? 86  ARG A NE   1 
ATOM 1316 C CZ   . ARG A 1 86  ? -3.136  9.384   8.320   1.00 4.99 ? 86  ARG A CZ   1 
ATOM 1317 N NH1  . ARG A 1 86  ? -1.949  9.924   8.268   1.00 5.48 ? 86  ARG A NH1  1 
ATOM 1318 N NH2  . ARG A 1 86  ? -4.075  9.941   9.035   1.00 5.54 ? 86  ARG A NH2  1 
ATOM 1319 H H    . ARG A 1 86  ? -7.541  7.569   6.806   1.00 1.96 ? 86  ARG A H    1 
ATOM 1320 H HA   . ARG A 1 86  ? -5.281  9.325   7.206   1.00 2.57 ? 86  ARG A HA   1 
ATOM 1321 H HB2  . ARG A 1 86  ? -5.024  6.955   6.521   1.00 2.97 ? 86  ARG A HB2  1 
ATOM 1322 H HB3  . ARG A 1 86  ? -5.779  7.332   4.972   1.00 2.77 ? 86  ARG A HB3  1 
ATOM 1323 H HG2  . ARG A 1 86  ? -3.555  7.574   4.387   1.00 3.52 ? 86  ARG A HG2  1 
ATOM 1324 H HG3  . ARG A 1 86  ? -3.903  9.219   4.918   1.00 3.48 ? 86  ARG A HG3  1 
ATOM 1325 H HD2  . ARG A 1 86  ? -2.326  7.079   6.288   1.00 4.08 ? 86  ARG A HD2  1 
ATOM 1326 H HD3  . ARG A 1 86  ? -1.993  8.805   6.156   1.00 3.96 ? 86  ARG A HD3  1 
ATOM 1327 H HE   . ARG A 1 86  ? -3.978  7.608   8.041   1.00 4.50 ? 86  ARG A HE   1 
ATOM 1328 H HH11 . ARG A 1 86  ? -1.229  9.497   7.722   1.00 5.40 ? 86  ARG A HH11 1 
ATOM 1329 H HH12 . ARG A 1 86  ? -1.760  10.764  8.776   1.00 6.14 ? 86  ARG A HH12 1 
ATOM 1330 H HH21 . ARG A 1 86  ? -4.984  9.527   9.075   1.00 5.49 ? 86  ARG A HH21 1 
ATOM 1331 H HH22 . ARG A 1 86  ? -3.886  10.781  9.543   1.00 6.22 ? 86  ARG A HH22 1 
ATOM 1332 N N    . ASN A 1 87  ? -7.163  9.817   4.547   1.00 1.59 ? 87  ASN A N    1 
ATOM 1333 C CA   . ASN A 1 87  ? -7.453  10.844  3.504   1.00 1.85 ? 87  ASN A CA   1 
ATOM 1334 C C    . ASN A 1 87  ? -8.536  10.329  2.552   1.00 1.70 ? 87  ASN A C    1 
ATOM 1335 O O    . ASN A 1 87  ? -8.291  10.107  1.383   1.00 2.42 ? 87  ASN A O    1 
ATOM 1336 C CB   . ASN A 1 87  ? -6.179  11.137  2.709   1.00 2.45 ? 87  ASN A CB   1 
ATOM 1337 C CG   . ASN A 1 87  ? -6.526  11.976  1.478   1.00 2.89 ? 87  ASN A CG   1 
ATOM 1338 O OD1  . ASN A 1 87  ? -7.648  12.413  1.323   1.00 3.20 ? 87  ASN A OD1  1 
ATOM 1339 N ND2  . ASN A 1 87  ? -5.603  12.219  0.588   1.00 3.60 ? 87  ASN A ND2  1 
ATOM 1340 H H    . ASN A 1 87  ? -7.724  9.016   4.617   1.00 1.32 ? 87  ASN A H    1 
ATOM 1341 H HA   . ASN A 1 87  ? -7.796  11.750  3.979   1.00 2.03 ? 87  ASN A HA   1 
ATOM 1342 H HB2  . ASN A 1 87  ? -5.483  11.683  3.331   1.00 3.06 ? 87  ASN A HB2  1 
ATOM 1343 H HB3  . ASN A 1 87  ? -5.728  10.209  2.393   1.00 2.59 ? 87  ASN A HB3  1 
ATOM 1344 H HD21 . ASN A 1 87  ? -4.697  11.866  0.712   1.00 3.86 ? 87  ASN A HD21 1 
ATOM 1345 H HD22 . ASN A 1 87  ? -5.815  12.755  -0.204  1.00 4.16 ? 87  ASN A HD22 1 
ATOM 1346 N N    . LEU A 1 88  ? -9.733  10.145  3.039   1.00 1.30 ? 88  LEU A N    1 
ATOM 1347 C CA   . LEU A 1 88  ? -10.832 9.654   2.159   1.00 1.32 ? 88  LEU A CA   1 
ATOM 1348 C C    . LEU A 1 88  ? -10.439 8.312   1.533   1.00 1.25 ? 88  LEU A C    1 
ATOM 1349 O O    . LEU A 1 88  ? -9.501  8.222   0.767   1.00 1.26 ? 88  LEU A O    1 
ATOM 1350 C CB   . LEU A 1 88  ? -11.089 10.676  1.049   1.00 1.34 ? 88  LEU A CB   1 
ATOM 1351 C CG   . LEU A 1 88  ? -12.587 10.968  0.960   1.00 1.64 ? 88  LEU A CG   1 
ATOM 1352 C CD1  . LEU A 1 88  ? -12.885 12.318  1.614   1.00 2.19 ? 88  LEU A CD1  1 
ATOM 1353 C CD2  . LEU A 1 88  ? -13.010 11.011  -0.511  1.00 2.13 ? 88  LEU A CD2  1 
ATOM 1354 H H    . LEU A 1 88  ? -9.912  10.337  3.984   1.00 1.57 ? 88  LEU A H    1 
ATOM 1355 H HA   . LEU A 1 88  ? -11.731 9.528   2.744   1.00 1.48 ? 88  LEU A HA   1 
ATOM 1356 H HB2  . LEU A 1 88  ? -10.555 11.589  1.272   1.00 1.52 ? 88  LEU A HB2  1 
ATOM 1357 H HB3  . LEU A 1 88  ? -10.744 10.279  0.106   1.00 1.38 ? 88  LEU A HB3  1 
ATOM 1358 H HG   . LEU A 1 88  ? -13.135 10.191  1.472   1.00 2.00 ? 88  LEU A HG   1 
ATOM 1359 H HD11 . LEU A 1 88  ? -12.073 13.002  1.415   1.00 2.69 ? 88  LEU A HD11 1 
ATOM 1360 H HD12 . LEU A 1 88  ? -13.802 12.720  1.210   1.00 2.49 ? 88  LEU A HD12 1 
ATOM 1361 H HD13 . LEU A 1 88  ? -12.990 12.185  2.681   1.00 2.62 ? 88  LEU A HD13 1 
ATOM 1362 H HD21 . LEU A 1 88  ? -12.147 10.846  -1.139  1.00 2.59 ? 88  LEU A HD21 1 
ATOM 1363 H HD22 . LEU A 1 88  ? -13.743 10.239  -0.696  1.00 2.46 ? 88  LEU A HD22 1 
ATOM 1364 H HD23 . LEU A 1 88  ? -13.439 11.976  -0.733  1.00 2.58 ? 88  LEU A HD23 1 
ATOM 1365 N N    . ASN A 1 89  ? -11.155 7.268   1.851   1.00 1.21 ? 89  ASN A N    1 
ATOM 1366 C CA   . ASN A 1 89  ? -10.828 5.933   1.272   1.00 1.17 ? 89  ASN A CA   1 
ATOM 1367 C C    . ASN A 1 89  ? -10.584 6.072   -0.234  1.00 1.06 ? 89  ASN A C    1 
ATOM 1368 O O    . ASN A 1 89  ? -10.963 7.050   -0.845  1.00 1.20 ? 89  ASN A O    1 
ATOM 1369 C CB   . ASN A 1 89  ? -11.999 4.975   1.516   1.00 1.40 ? 89  ASN A CB   1 
ATOM 1370 C CG   . ASN A 1 89  ? -13.321 5.738   1.407   1.00 1.64 ? 89  ASN A CG   1 
ATOM 1371 O OD1  . ASN A 1 89  ? -14.136 5.695   2.306   1.00 2.09 ? 89  ASN A OD1  1 
ATOM 1372 N ND2  . ASN A 1 89  ? -13.573 6.438   0.334   1.00 2.11 ? 89  ASN A ND2  1 
ATOM 1373 H H    . ASN A 1 89  ? -11.910 7.362   2.467   1.00 1.25 ? 89  ASN A H    1 
ATOM 1374 H HA   . ASN A 1 89  ? -9.940  5.545   1.749   1.00 1.11 ? 89  ASN A HA   1 
ATOM 1375 H HB2  . ASN A 1 89  ? -11.978 4.184   0.780   1.00 1.57 ? 89  ASN A HB2  1 
ATOM 1376 H HB3  . ASN A 1 89  ? -11.914 4.548   2.504   1.00 1.60 ? 89  ASN A HB3  1 
ATOM 1377 H HD21 . ASN A 1 89  ? -12.920 6.471   -0.395  1.00 2.45 ? 89  ASN A HD21 1 
ATOM 1378 H HD22 . ASN A 1 89  ? -14.417 6.930   0.258   1.00 2.46 ? 89  ASN A HD22 1 
ATOM 1379 N N    . ASP A 1 90  ? -9.952  5.101   -0.840  1.00 0.91 ? 90  ASP A N    1 
ATOM 1380 C CA   . ASP A 1 90  ? -9.689  5.184   -2.305  1.00 0.85 ? 90  ASP A CA   1 
ATOM 1381 C C    . ASP A 1 90  ? -8.805  6.398   -2.600  1.00 0.77 ? 90  ASP A C    1 
ATOM 1382 O O    . ASP A 1 90  ? -9.035  7.482   -2.100  1.00 0.99 ? 90  ASP A O    1 
ATOM 1383 C CB   . ASP A 1 90  ? -11.019 5.328   -3.052  1.00 1.05 ? 90  ASP A CB   1 
ATOM 1384 C CG   . ASP A 1 90  ? -11.618 3.942   -3.298  1.00 0.90 ? 90  ASP A CG   1 
ATOM 1385 O OD1  . ASP A 1 90  ? -10.861 2.986   -3.326  1.00 0.84 ? 90  ASP A OD1  1 
ATOM 1386 O OD2  . ASP A 1 90  ? -12.825 3.861   -3.455  1.00 0.98 ? 90  ASP A OD2  1 
ATOM 1387 H H    . ASP A 1 90  ? -9.650  4.317   -0.333  1.00 0.93 ? 90  ASP A H    1 
ATOM 1388 H HA   . ASP A 1 90  ? -9.191  4.284   -2.633  1.00 0.78 ? 90  ASP A HA   1 
ATOM 1389 H HB2  . ASP A 1 90  ? -11.703 5.918   -2.458  1.00 1.22 ? 90  ASP A HB2  1 
ATOM 1390 H HB3  . ASP A 1 90  ? -10.848 5.818   -3.998  1.00 1.21 ? 90  ASP A HB3  1 
ATOM 1391 N N    . ALA A 1 91  ? -7.799  6.230   -3.415  1.00 0.62 ? 91  ALA A N    1 
ATOM 1392 C CA   . ALA A 1 91  ? -6.906  7.377   -3.749  1.00 0.58 ? 91  ALA A CA   1 
ATOM 1393 C C    . ALA A 1 91  ? -5.960  7.666   -2.579  1.00 0.68 ? 91  ALA A C    1 
ATOM 1394 O O    . ALA A 1 91  ? -5.630  8.803   -2.307  1.00 1.31 ? 91  ALA A O    1 
ATOM 1395 C CB   . ALA A 1 91  ? -7.756  8.619   -4.025  1.00 0.69 ? 91  ALA A CB   1 
ATOM 1396 H H    . ALA A 1 91  ? -7.633  5.351   -3.815  1.00 0.68 ? 91  ALA A H    1 
ATOM 1397 H HA   . ALA A 1 91  ? -6.325  7.139   -4.628  1.00 0.65 ? 91  ALA A HA   1 
ATOM 1398 H HB1  . ALA A 1 91  ? -8.802  8.344   -4.032  1.00 1.20 ? 91  ALA A HB1  1 
ATOM 1399 H HB2  . ALA A 1 91  ? -7.582  9.354   -3.254  1.00 1.28 ? 91  ALA A HB2  1 
ATOM 1400 H HB3  . ALA A 1 91  ? -7.487  9.033   -4.986  1.00 1.22 ? 91  ALA A HB3  1 
ATOM 1401 N N    . ILE A 1 92  ? -5.513  6.652   -1.885  1.00 0.56 ? 92  ILE A N    1 
ATOM 1402 C CA   . ILE A 1 92  ? -4.584  6.892   -0.744  1.00 0.57 ? 92  ILE A CA   1 
ATOM 1403 C C    . ILE A 1 92  ? -3.503  7.892   -1.185  1.00 0.49 ? 92  ILE A C    1 
ATOM 1404 O O    . ILE A 1 92  ? -3.677  9.089   -1.062  1.00 0.68 ? 92  ILE A O    1 
ATOM 1405 C CB   . ILE A 1 92  ? -3.952  5.559   -0.300  1.00 0.76 ? 92  ILE A CB   1 
ATOM 1406 C CG1  . ILE A 1 92  ? -2.634  5.821   0.437   1.00 0.83 ? 92  ILE A CG1  1 
ATOM 1407 C CG2  . ILE A 1 92  ? -3.687  4.667   -1.516  1.00 0.86 ? 92  ILE A CG2  1 
ATOM 1408 C CD1  . ILE A 1 92  ? -2.558  4.931   1.678   1.00 1.17 ? 92  ILE A CD1  1 
ATOM 1409 H H    . ILE A 1 92  ? -5.784  5.740   -2.116  1.00 0.96 ? 92  ILE A H    1 
ATOM 1410 H HA   . ILE A 1 92  ? -5.141  7.315   0.081   1.00 0.70 ? 92  ILE A HA   1 
ATOM 1411 H HB   . ILE A 1 92  ? -4.636  5.050   0.365   1.00 1.03 ? 92  ILE A HB   1 
ATOM 1412 H HG12 . ILE A 1 92  ? -1.804  5.598   -0.218  1.00 0.90 ? 92  ILE A HG12 1 
ATOM 1413 H HG13 . ILE A 1 92  ? -2.588  6.857   0.736   1.00 1.21 ? 92  ILE A HG13 1 
ATOM 1414 H HG21 . ILE A 1 92  ? -4.029  5.161   -2.411  1.00 1.40 ? 92  ILE A HG21 1 
ATOM 1415 H HG22 . ILE A 1 92  ? -2.628  4.472   -1.594  1.00 1.34 ? 92  ILE A HG22 1 
ATOM 1416 H HG23 . ILE A 1 92  ? -4.216  3.733   -1.398  1.00 1.35 ? 92  ILE A HG23 1 
ATOM 1417 H HD11 . ILE A 1 92  ? -3.516  4.925   2.177   1.00 1.61 ? 92  ILE A HD11 1 
ATOM 1418 H HD12 . ILE A 1 92  ? -2.300  3.923   1.383   1.00 1.69 ? 92  ILE A HD12 1 
ATOM 1419 H HD13 . ILE A 1 92  ? -1.804  5.313   2.351   1.00 1.60 ? 92  ILE A HD13 1 
ATOM 1420 N N    . SER A 1 93  ? -2.398  7.425   -1.702  1.00 0.39 ? 93  SER A N    1 
ATOM 1421 C CA   . SER A 1 93  ? -1.335  8.370   -2.149  1.00 0.34 ? 93  SER A CA   1 
ATOM 1422 C C    . SER A 1 93  ? -0.097  7.587   -2.591  1.00 0.39 ? 93  SER A C    1 
ATOM 1423 O O    . SER A 1 93  ? 0.103   7.333   -3.763  1.00 0.62 ? 93  SER A O    1 
ATOM 1424 C CB   . SER A 1 93  ? -0.962  9.300   -0.994  1.00 0.32 ? 93  SER A CB   1 
ATOM 1425 O OG   . SER A 1 93  ? -1.645  10.537  -1.152  1.00 1.23 ? 93  SER A OG   1 
ATOM 1426 H H    . SER A 1 93  ? -2.267  6.462   -1.801  1.00 0.51 ? 93  SER A H    1 
ATOM 1427 H HA   . SER A 1 93  ? -1.702  8.956   -2.977  1.00 0.40 ? 93  SER A HA   1 
ATOM 1428 H HB2  . SER A 1 93  ? -1.250  8.851   -0.059  1.00 0.90 ? 93  SER A HB2  1 
ATOM 1429 H HB3  . SER A 1 93  ? 0.108   9.465   -0.998  1.00 0.84 ? 93  SER A HB3  1 
ATOM 1430 H HG   . SER A 1 93  ? -1.618  10.775  -2.081  1.00 1.77 ? 93  SER A HG   1 
ATOM 1431 N N    . SER A 1 94  ? 0.737   7.208   -1.663  1.00 0.30 ? 94  SER A N    1 
ATOM 1432 C CA   . SER A 1 94  ? 1.966   6.448   -2.029  1.00 0.36 ? 94  SER A CA   1 
ATOM 1433 C C    . SER A 1 94  ? 2.257   5.399   -0.954  1.00 0.35 ? 94  SER A C    1 
ATOM 1434 O O    . SER A 1 94  ? 2.015   5.612   0.216   1.00 0.45 ? 94  SER A O    1 
ATOM 1435 C CB   . SER A 1 94  ? 3.147   7.414   -2.128  1.00 0.42 ? 94  SER A CB   1 
ATOM 1436 O OG   . SER A 1 94  ? 2.746   8.577   -2.843  1.00 0.49 ? 94  SER A OG   1 
ATOM 1437 H H    . SER A 1 94  ? 0.557   7.426   -0.728  1.00 0.36 ? 94  SER A H    1 
ATOM 1438 H HA   . SER A 1 94  ? 1.818   5.960   -2.981  1.00 0.42 ? 94  SER A HA   1 
ATOM 1439 H HB2  . SER A 1 94  ? 3.465   7.699   -1.140  1.00 0.52 ? 94  SER A HB2  1 
ATOM 1440 H HB3  . SER A 1 94  ? 3.966   6.928   -2.641  1.00 0.66 ? 94  SER A HB3  1 
ATOM 1441 H HG   . SER A 1 94  ? 2.102   9.046   -2.309  1.00 0.99 ? 94  SER A HG   1 
ATOM 1442 N N    . ILE A 1 95  ? 2.779   4.269   -1.345  1.00 0.37 ? 95  ILE A N    1 
ATOM 1443 C CA   . ILE A 1 95  ? 3.091   3.207   -0.347  1.00 0.37 ? 95  ILE A CA   1 
ATOM 1444 C C    . ILE A 1 95  ? 4.505   2.678   -0.595  1.00 0.35 ? 95  ILE A C    1 
ATOM 1445 O O    . ILE A 1 95  ? 4.890   2.402   -1.715  1.00 0.34 ? 95  ILE A O    1 
ATOM 1446 C CB   . ILE A 1 95  ? 2.085   2.062   -0.483  1.00 0.41 ? 95  ILE A CB   1 
ATOM 1447 C CG1  . ILE A 1 95  ? 1.661   1.921   -1.946  1.00 0.51 ? 95  ILE A CG1  1 
ATOM 1448 C CG2  . ILE A 1 95  ? 0.854   2.359   0.376   1.00 0.49 ? 95  ILE A CG2  1 
ATOM 1449 C CD1  . ILE A 1 95  ? 1.507   0.439   -2.293  1.00 0.65 ? 95  ILE A CD1  1 
ATOM 1450 H H    . ILE A 1 95  ? 2.968   4.120   -2.293  1.00 0.46 ? 95  ILE A H    1 
ATOM 1451 H HA   . ILE A 1 95  ? 3.033   3.620   0.648   1.00 0.38 ? 95  ILE A HA   1 
ATOM 1452 H HB   . ILE A 1 95  ? 2.542   1.141   -0.148  1.00 0.42 ? 95  ILE A HB   1 
ATOM 1453 H HG12 . ILE A 1 95  ? 0.718   2.427   -2.098  1.00 0.75 ? 95  ILE A HG12 1 
ATOM 1454 H HG13 . ILE A 1 95  ? 2.413   2.361   -2.582  1.00 0.60 ? 95  ILE A HG13 1 
ATOM 1455 H HG21 . ILE A 1 95  ? 0.896   3.381   0.724   1.00 1.12 ? 95  ILE A HG21 1 
ATOM 1456 H HG22 . ILE A 1 95  ? -0.039  2.215   -0.212  1.00 1.14 ? 95  ILE A HG22 1 
ATOM 1457 H HG23 . ILE A 1 95  ? 0.838   1.692   1.225   1.00 1.03 ? 95  ILE A HG23 1 
ATOM 1458 H HD11 . ILE A 1 95  ? 1.135   -0.096  -1.431  1.00 1.38 ? 95  ILE A HD11 1 
ATOM 1459 H HD12 . ILE A 1 95  ? 0.813   0.330   -3.112  1.00 1.15 ? 95  ILE A HD12 1 
ATOM 1460 H HD13 . ILE A 1 95  ? 2.467   0.035   -2.579  1.00 1.07 ? 95  ILE A HD13 1 
ATOM 1461 N N    . ILE A 1 96  ? 5.283   2.533   0.444   1.00 0.36 ? 96  ILE A N    1 
ATOM 1462 C CA   . ILE A 1 96  ? 6.671   2.023   0.274   1.00 0.36 ? 96  ILE A CA   1 
ATOM 1463 C C    . ILE A 1 96  ? 6.840   0.737   1.084   1.00 0.35 ? 96  ILE A C    1 
ATOM 1464 O O    . ILE A 1 96  ? 6.253   0.573   2.134   1.00 0.38 ? 96  ILE A O    1 
ATOM 1465 C CB   . ILE A 1 96  ? 7.664   3.071   0.777   1.00 0.36 ? 96  ILE A CB   1 
ATOM 1466 C CG1  . ILE A 1 96  ? 7.685   4.262   -0.184  1.00 0.41 ? 96  ILE A CG1  1 
ATOM 1467 C CG2  . ILE A 1 96  ? 9.063   2.455   0.856   1.00 0.36 ? 96  ILE A CG2  1 
ATOM 1468 C CD1  . ILE A 1 96  ? 8.786   5.235   0.237   1.00 0.42 ? 96  ILE A CD1  1 
ATOM 1469 H H    . ILE A 1 96  ? 4.953   2.761   1.337   1.00 0.39 ? 96  ILE A H    1 
ATOM 1470 H HA   . ILE A 1 96  ? 6.858   1.820   -0.770  1.00 0.37 ? 96  ILE A HA   1 
ATOM 1471 H HB   . ILE A 1 96  ? 7.365   3.406   1.759   1.00 0.37 ? 96  ILE A HB   1 
ATOM 1472 H HG12 . ILE A 1 96  ? 7.878   3.911   -1.187  1.00 0.43 ? 96  ILE A HG12 1 
ATOM 1473 H HG13 . ILE A 1 96  ? 6.731   4.765   -0.155  1.00 0.47 ? 96  ILE A HG13 1 
ATOM 1474 H HG21 . ILE A 1 96  ? 9.061   1.494   0.365   1.00 1.13 ? 96  ILE A HG21 1 
ATOM 1475 H HG22 . ILE A 1 96  ? 9.772   3.109   0.369   1.00 1.07 ? 96  ILE A HG22 1 
ATOM 1476 H HG23 . ILE A 1 96  ? 9.342   2.329   1.892   1.00 0.99 ? 96  ILE A HG23 1 
ATOM 1477 H HD11 . ILE A 1 96  ? 9.071   5.035   1.260   1.00 1.11 ? 96  ILE A HD11 1 
ATOM 1478 H HD12 . ILE A 1 96  ? 9.644   5.112   -0.407  1.00 1.11 ? 96  ILE A HD12 1 
ATOM 1479 H HD13 . ILE A 1 96  ? 8.420   6.249   0.159   1.00 1.02 ? 96  ILE A HD13 1 
ATOM 1480 N N    . VAL A 1 97  ? 7.639   -0.176  0.607   1.00 0.31 ? 97  VAL A N    1 
ATOM 1481 C CA   . VAL A 1 97  ? 7.845   -1.447  1.355   1.00 0.31 ? 97  VAL A CA   1 
ATOM 1482 C C    . VAL A 1 97  ? 9.314   -1.557  1.781   1.00 0.29 ? 97  VAL A C    1 
ATOM 1483 O O    . VAL A 1 97  ? 10.207  -1.584  0.958   1.00 0.26 ? 97  VAL A O    1 
ATOM 1484 C CB   . VAL A 1 97  ? 7.469   -2.633  0.459   1.00 0.30 ? 97  VAL A CB   1 
ATOM 1485 C CG1  . VAL A 1 97  ? 6.181   -2.310  -0.301  1.00 1.13 ? 97  VAL A CG1  1 
ATOM 1486 C CG2  . VAL A 1 97  ? 8.593   -2.905  -0.543  1.00 1.15 ? 97  VAL A CG2  1 
ATOM 1487 H H    . VAL A 1 97  ? 8.105   -0.026  -0.242  1.00 0.30 ? 97  VAL A H    1 
ATOM 1488 H HA   . VAL A 1 97  ? 7.216   -1.449  2.235   1.00 0.36 ? 97  VAL A HA   1 
ATOM 1489 H HB   . VAL A 1 97  ? 7.311   -3.507  1.070   1.00 0.95 ? 97  VAL A HB   1 
ATOM 1490 H HG11 . VAL A 1 97  ? 5.495   -1.796  0.356   1.00 1.75 ? 97  VAL A HG11 1 
ATOM 1491 H HG12 . VAL A 1 97  ? 6.411   -1.678  -1.147  1.00 1.80 ? 97  VAL A HG12 1 
ATOM 1492 H HG13 . VAL A 1 97  ? 5.729   -3.227  -0.649  1.00 1.52 ? 97  VAL A HG13 1 
ATOM 1493 H HG21 . VAL A 1 97  ? 9.085   -1.977  -0.794  1.00 1.67 ? 97  VAL A HG21 1 
ATOM 1494 H HG22 . VAL A 1 97  ? 9.308   -3.585  -0.105  1.00 1.82 ? 97  VAL A HG22 1 
ATOM 1495 H HG23 . VAL A 1 97  ? 8.177   -3.345  -1.436  1.00 1.72 ? 97  VAL A HG23 1 
ATOM 1496 N N    . ALA A 1 98  ? 9.569   -1.615  3.059   1.00 0.36 ? 98  ALA A N    1 
ATOM 1497 C CA   . ALA A 1 98  ? 10.979  -1.719  3.533   1.00 0.38 ? 98  ALA A CA   1 
ATOM 1498 C C    . ALA A 1 98  ? 11.051  -2.683  4.719   1.00 0.40 ? 98  ALA A C    1 
ATOM 1499 O O    . ALA A 1 98  ? 10.301  -2.571  5.669   1.00 0.50 ? 98  ALA A O    1 
ATOM 1500 C CB   . ALA A 1 98  ? 11.471  -0.337  3.970   1.00 0.43 ? 98  ALA A CB   1 
ATOM 1501 H H    . ALA A 1 98  ? 8.836   -1.589  3.706   1.00 0.43 ? 98  ALA A H    1 
ATOM 1502 H HA   . ALA A 1 98  ? 11.602  -2.086  2.732   1.00 0.37 ? 98  ALA A HA   1 
ATOM 1503 H HB1  . ALA A 1 98  ? 10.883  0.425   3.481   1.00 0.97 ? 98  ALA A HB1  1 
ATOM 1504 H HB2  . ALA A 1 98  ? 11.368  -0.241  5.040   1.00 1.07 ? 98  ALA A HB2  1 
ATOM 1505 H HB3  . ALA A 1 98  ? 12.509  -0.222  3.696   1.00 1.09 ? 98  ALA A HB3  1 
ATOM 1506 N N    . THR A 1 99  ? 11.949  -3.629  4.675   1.00 0.44 ? 99  THR A N    1 
ATOM 1507 C CA   . THR A 1 99  ? 12.068  -4.599  5.800   1.00 0.48 ? 99  THR A CA   1 
ATOM 1508 C C    . THR A 1 99  ? 12.762  -3.925  6.984   1.00 0.70 ? 99  THR A C    1 
ATOM 1509 O O    . THR A 1 99  ? 13.307  -2.845  6.865   1.00 0.86 ? 99  THR A O    1 
ATOM 1510 C CB   . THR A 1 99  ? 12.890  -5.807  5.345   1.00 0.47 ? 99  THR A CB   1 
ATOM 1511 O OG1  . THR A 1 99  ? 14.188  -5.379  4.958   1.00 0.67 ? 99  THR A OG1  1 
ATOM 1512 C CG2  . THR A 1 99  ? 12.196  -6.478  4.160   1.00 0.43 ? 99  THR A CG2  1 
ATOM 1513 H H    . THR A 1 99  ? 12.545  -3.702  3.901   1.00 0.53 ? 99  THR A H    1 
ATOM 1514 H HA   . THR A 1 99  ? 11.085  -4.926  6.098   1.00 0.46 ? 99  THR A HA   1 
ATOM 1515 H HB   . THR A 1 99  ? 12.969  -6.514  6.157   1.00 0.50 ? 99  THR A HB   1 
ATOM 1516 H HG1  . THR A 1 99  ? 14.376  -4.552  5.409   1.00 0.77 ? 99  THR A HG1  1 
ATOM 1517 H HG21 . THR A 1 99  ? 12.072  -5.761  3.362   1.00 1.19 ? 99  THR A HG21 1 
ATOM 1518 H HG22 . THR A 1 99  ? 12.797  -7.304  3.811   1.00 1.03 ? 99  THR A HG22 1 
ATOM 1519 H HG23 . THR A 1 99  ? 11.227  -6.842  4.469   1.00 1.09 ? 99  THR A HG23 1 
ATOM 1520 N N    . PHE A 1 100 ? 12.744  -4.553  8.127   1.00 0.77 ? 100 PHE A N    1 
ATOM 1521 C CA   . PHE A 1 100 ? 13.401  -3.949  9.319   1.00 1.01 ? 100 PHE A CA   1 
ATOM 1522 C C    . PHE A 1 100 ? 14.907  -4.205  9.257   1.00 1.27 ? 100 PHE A C    1 
ATOM 1523 O O    . PHE A 1 100 ? 15.351  -5.263  8.856   1.00 1.88 ? 100 PHE A O    1 
ATOM 1524 C CB   . PHE A 1 100 ? 12.828  -4.577  10.591  1.00 1.61 ? 100 PHE A CB   1 
ATOM 1525 C CG   . PHE A 1 100 ? 13.594  -4.069  11.790  1.00 2.26 ? 100 PHE A CG   1 
ATOM 1526 C CD1  . PHE A 1 100 ? 13.646  -2.695  12.056  1.00 2.80 ? 100 PHE A CD1  1 
ATOM 1527 C CD2  . PHE A 1 100 ? 14.254  -4.971  12.633  1.00 3.13 ? 100 PHE A CD2  1 
ATOM 1528 C CE1  . PHE A 1 100 ? 14.358  -2.224  13.165  1.00 3.81 ? 100 PHE A CE1  1 
ATOM 1529 C CE2  . PHE A 1 100 ? 14.965  -4.499  13.743  1.00 4.13 ? 100 PHE A CE2  1 
ATOM 1530 C CZ   . PHE A 1 100 ? 15.017  -3.126  14.009  1.00 4.37 ? 100 PHE A CZ   1 
ATOM 1531 H H    . PHE A 1 100 ? 12.298  -5.423  8.199   1.00 0.71 ? 100 PHE A H    1 
ATOM 1532 H HA   . PHE A 1 100 ? 13.217  -2.885  9.330   1.00 1.41 ? 100 PHE A HA   1 
ATOM 1533 H HB2  . PHE A 1 100 ? 11.787  -4.309  10.689  1.00 2.20 ? 100 PHE A HB2  1 
ATOM 1534 H HB3  . PHE A 1 100 ? 12.920  -5.652  10.536  1.00 1.94 ? 100 PHE A HB3  1 
ATOM 1535 H HD1  . PHE A 1 100 ? 13.137  -2.000  11.405  1.00 2.87 ? 100 PHE A HD1  1 
ATOM 1536 H HD2  . PHE A 1 100 ? 14.214  -6.031  12.427  1.00 3.36 ? 100 PHE A HD2  1 
ATOM 1537 H HE1  . PHE A 1 100 ? 14.397  -1.164  13.371  1.00 4.44 ? 100 PHE A HE1  1 
ATOM 1538 H HE2  . PHE A 1 100 ? 15.474  -5.195  14.394  1.00 4.96 ? 100 PHE A HE2  1 
ATOM 1539 H HZ   . PHE A 1 100 ? 15.566  -2.762  14.865  1.00 5.26 ? 100 PHE A HZ   1 
ATOM 1540 N N    . GLU A 1 101 ? 15.698  -3.245  9.652   1.00 1.59 ? 101 GLU A N    1 
ATOM 1541 C CA   . GLU A 1 101 ? 17.175  -3.434  9.617   1.00 2.27 ? 101 GLU A CA   1 
ATOM 1542 C C    . GLU A 1 101 ? 17.838  -2.444  10.576  1.00 2.70 ? 101 GLU A C    1 
ATOM 1543 O O    . GLU A 1 101 ? 17.288  -1.408  10.892  1.00 2.91 ? 101 GLU A O    1 
ATOM 1544 C CB   . GLU A 1 101 ? 17.687  -3.188  8.195   1.00 2.79 ? 101 GLU A CB   1 
ATOM 1545 C CG   . GLU A 1 101 ? 18.196  -4.502  7.599   1.00 3.52 ? 101 GLU A CG   1 
ATOM 1546 C CD   . GLU A 1 101 ? 17.064  -5.185  6.829   1.00 4.37 ? 101 GLU A CD   1 
ATOM 1547 O OE1  . GLU A 1 101 ? 16.400  -4.506  6.063   1.00 5.04 ? 101 GLU A OE1  1 
ATOM 1548 O OE2  . GLU A 1 101 ? 16.881  -6.377  7.017   1.00 4.71 ? 101 GLU A OE2  1 
ATOM 1549 H H    . GLU A 1 101 ? 15.319  -2.400  9.972   1.00 1.78 ? 101 GLU A H    1 
ATOM 1550 H HA   . GLU A 1 101 ? 17.417  -4.443  9.915   1.00 2.88 ? 101 GLU A HA   1 
ATOM 1551 H HB2  . GLU A 1 101 ? 16.883  -2.801  7.585   1.00 2.99 ? 101 GLU A HB2  1 
ATOM 1552 H HB3  . GLU A 1 101 ? 18.494  -2.471  8.223   1.00 3.23 ? 101 GLU A HB3  1 
ATOM 1553 H HG2  . GLU A 1 101 ? 19.017  -4.298  6.928   1.00 3.80 ? 101 GLU A HG2  1 
ATOM 1554 H HG3  . GLU A 1 101 ? 18.531  -5.152  8.393   1.00 3.77 ? 101 GLU A HG3  1 
ATOM 1555 N N    . SER A 1 102 ? 19.016  -2.756  11.044  1.00 3.53 ? 102 SER A N    1 
ATOM 1556 C CA   . SER A 1 102 ? 19.711  -1.832  11.981  1.00 4.44 ? 102 SER A CA   1 
ATOM 1557 C C    . SER A 1 102 ? 19.589  -0.397  11.467  1.00 4.51 ? 102 SER A C    1 
ATOM 1558 O O    . SER A 1 102 ? 19.594  -0.152  10.277  1.00 4.31 ? 102 SER A O    1 
ATOM 1559 C CB   . SER A 1 102 ? 21.188  -2.217  12.074  1.00 5.50 ? 102 SER A CB   1 
ATOM 1560 O OG   . SER A 1 102 ? 21.691  -2.462  10.768  1.00 5.90 ? 102 SER A OG   1 
ATOM 1561 H H    . SER A 1 102 ? 19.442  -3.596  10.777  1.00 3.85 ? 102 SER A H    1 
ATOM 1562 H HA   . SER A 1 102 ? 19.258  -1.904  12.959  1.00 4.65 ? 102 SER A HA   1 
ATOM 1563 H HB2  . SER A 1 102 ? 21.745  -1.412  12.523  1.00 5.81 ? 102 SER A HB2  1 
ATOM 1564 H HB3  . SER A 1 102 ? 21.289  -3.105  12.683  1.00 6.01 ? 102 SER A HB3  1 
ATOM 1565 H HG   . SER A 1 102 ? 22.357  -1.797  10.576  1.00 6.06 ? 102 SER A HG   1 
ATOM 1566 N N    . ALA A 1 103 ? 19.477  0.554   12.354  1.00 5.20 ? 103 ALA A N    1 
ATOM 1567 C CA   . ALA A 1 103 ? 19.354  1.971   11.914  1.00 5.68 ? 103 ALA A CA   1 
ATOM 1568 C C    . ALA A 1 103 ? 20.499  2.310   10.957  1.00 6.46 ? 103 ALA A C    1 
ATOM 1569 O O    . ALA A 1 103 ? 20.235  2.445   9.774   1.00 6.97 ? 103 ALA A O    1 
ATOM 1570 C CB   . ALA A 1 103 ? 19.421  2.892   13.134  1.00 6.13 ? 103 ALA A CB   1 
ATOM 1571 O OXT  . ALA A 1 103 ? 21.620  2.428   11.423  1.00 6.78 ? 103 ALA A OXT  1 
ATOM 1572 H H    . ALA A 1 103 ? 19.474  0.335   13.309  1.00 5.62 ? 103 ALA A H    1 
ATOM 1573 H HA   . ALA A 1 103 ? 18.410  2.110   11.409  1.00 5.50 ? 103 ALA A HA   1 
ATOM 1574 H HB1  . ALA A 1 103 ? 19.581  2.300   14.024  1.00 6.41 ? 103 ALA A HB1  1 
ATOM 1575 H HB2  . ALA A 1 103 ? 20.236  3.591   13.014  1.00 6.57 ? 103 ALA A HB2  1 
ATOM 1576 H HB3  . ALA A 1 103 ? 18.491  3.436   13.226  1.00 6.11 ? 103 ALA A HB3  1 
# 
